data_1TCM
#
_entry.id   1TCM
#
_cell.length_a   73.700
_cell.length_b   84.800
_cell.length_c   118.300
_cell.angle_alpha   90.00
_cell.angle_beta   107.00
_cell.angle_gamma   90.00
#
_symmetry.space_group_name_H-M   'P 1 21 1'
#
loop_
_entity.id
_entity.type
_entity.pdbx_description
1 polymer 'CYCLODEXTRIN GLYCOSYLTRANSFERASE'
2 non-polymer 'CALCIUM ION'
3 water water
#
_entity_poly.entity_id   1
_entity_poly.type   'polypeptide(L)'
_entity_poly.pdbx_seq_one_letter_code
;APDTSVSNKQNFSTDVIYQIFTDRFSDGNPANNPTGAAFDGTCTNLRLYCGGDWQGIINKINDGYLTGMGVTAIWISQPV
ENIYSIINYSGVNNTAYHGYWARDFKKTNPAYGTIADFQNLIAAAHAKNIKVIIDFAPNHTSPASSDQPSFAENGRLYDN
GTLLGGYTNDTQNLFHHNGGTDFSTTENGIYKNLYDLADLNHNNSTVDVYLKDAIKMWLDLGIDGIRMDAVKHMPFGWQK
SFMAAVNNYKPVFTFGEWFLGVNEVSPENHKFANESGMSLLDFRFAQKVRQVFRDNTDNMYGLKAMLEGSAADYAQVDDQ
VTFIDNHDMERFHASNANRRKLEQALAFTLTSRGVPAIYYGTEQYMSGGTDPDNRARIPSFSTSTTAYQVIQKLAPLRKC
NPAIAYGSTQERWINNDVLIYERKFGSNVAVVAVNRNLNAPASISGLVTSLPQGSYNDVLGGLLNGNTLSVGSGGAASNF
TLAAGGTAVWQYTAATATPTIGHVGPMMAKPGVTITIDGRGFGSSKGTVYFGTTAVSGADITSWEDTQIKVKIPAVAGGN
YNIKVANAAGTASNVYDNFEVLSGDQVSVRFVVNNATTALGQNVYLTGSVSELGNADPAKAIGPMYNQVVYQYPNWYYDV
SVPAGKTIEFKFLKKQGSTVTWEGGSNHTFTAPSSGTATINVNWQP
;
_entity_poly.pdbx_strand_id   A,B
#
# COMPACT_ATOMS: atom_id res chain seq x y z
N ALA A 1 -3.65 -25.24 -13.08
CA ALA A 1 -4.00 -26.23 -12.09
C ALA A 1 -4.13 -25.60 -10.73
N PRO A 2 -4.67 -26.36 -9.78
CA PRO A 2 -4.86 -25.88 -8.43
C PRO A 2 -3.53 -25.59 -7.76
N ASP A 3 -3.55 -24.68 -6.78
CA ASP A 3 -2.34 -24.32 -6.06
C ASP A 3 -1.73 -25.54 -5.37
N THR A 4 -2.55 -26.59 -5.22
CA THR A 4 -2.14 -27.84 -4.57
C THR A 4 -1.55 -28.83 -5.58
N SER A 5 -1.27 -28.36 -6.79
CA SER A 5 -0.74 -29.24 -7.82
C SER A 5 0.78 -29.37 -7.84
N VAL A 6 1.24 -30.54 -8.27
CA VAL A 6 2.67 -30.84 -8.38
C VAL A 6 3.34 -29.85 -9.33
N SER A 7 2.52 -29.30 -10.22
CA SER A 7 2.97 -28.37 -11.22
C SER A 7 3.48 -27.05 -10.65
N ASN A 8 3.01 -26.68 -9.47
CA ASN A 8 3.40 -25.43 -8.84
C ASN A 8 4.83 -25.38 -8.30
N LYS A 9 5.76 -24.92 -9.11
CA LYS A 9 7.15 -24.82 -8.69
C LYS A 9 7.39 -23.66 -7.72
N GLN A 10 6.52 -22.64 -7.76
CA GLN A 10 6.65 -21.44 -6.93
C GLN A 10 6.16 -21.54 -5.48
N ASN A 11 5.32 -22.52 -5.20
CA ASN A 11 4.78 -22.67 -3.86
C ASN A 11 5.08 -24.04 -3.24
N PHE A 12 5.53 -24.03 -1.99
CA PHE A 12 5.88 -25.26 -1.27
C PHE A 12 5.22 -25.37 0.10
N SER A 13 4.52 -24.32 0.50
CA SER A 13 3.86 -24.31 1.79
C SER A 13 2.93 -25.50 2.03
N THR A 14 2.25 -25.94 0.98
CA THR A 14 1.32 -27.06 1.10
C THR A 14 2.00 -28.42 1.05
N ASP A 15 3.32 -28.42 0.86
CA ASP A 15 4.06 -29.66 0.78
C ASP A 15 4.72 -30.02 2.09
N VAL A 16 5.35 -31.19 2.10
CA VAL A 16 6.10 -31.70 3.22
C VAL A 16 7.37 -32.24 2.59
N ILE A 17 8.47 -31.53 2.73
CA ILE A 17 9.71 -31.97 2.13
C ILE A 17 10.41 -33.05 2.93
N TYR A 18 11.08 -33.95 2.22
CA TYR A 18 11.81 -35.06 2.81
C TYR A 18 13.28 -34.97 2.38
N GLN A 19 14.13 -34.45 3.26
CA GLN A 19 15.55 -34.30 2.99
C GLN A 19 16.27 -35.64 2.95
N ILE A 20 16.81 -35.98 1.78
CA ILE A 20 17.51 -37.23 1.59
C ILE A 20 18.99 -37.08 1.25
N PHE A 21 19.86 -37.70 2.05
CA PHE A 21 21.27 -37.67 1.71
C PHE A 21 21.41 -38.87 0.79
N THR A 22 21.37 -38.59 -0.51
CA THR A 22 21.44 -39.59 -1.57
C THR A 22 22.24 -40.85 -1.31
N ASP A 23 23.49 -40.68 -0.90
CA ASP A 23 24.35 -41.82 -0.64
C ASP A 23 23.94 -42.68 0.57
N ARG A 24 23.13 -42.13 1.48
CA ARG A 24 22.71 -42.90 2.65
C ARG A 24 21.23 -43.25 2.67
N PHE A 25 20.64 -43.49 1.50
CA PHE A 25 19.24 -43.83 1.40
C PHE A 25 18.99 -45.23 0.84
N SER A 26 19.05 -45.38 -0.48
CA SER A 26 18.83 -46.66 -1.14
C SER A 26 19.74 -46.88 -2.35
N ASP A 27 20.38 -48.05 -2.39
CA ASP A 27 21.29 -48.44 -3.47
C ASP A 27 20.51 -49.30 -4.48
N GLY A 28 19.93 -48.67 -5.50
CA GLY A 28 19.13 -49.38 -6.49
C GLY A 28 19.89 -49.95 -7.67
N ASN A 29 21.13 -49.52 -7.84
CA ASN A 29 21.96 -49.98 -8.93
C ASN A 29 23.41 -50.10 -8.50
N PRO A 30 23.86 -51.32 -8.26
CA PRO A 30 25.22 -51.59 -7.83
C PRO A 30 26.28 -51.20 -8.84
N ALA A 31 25.86 -51.09 -10.09
CA ALA A 31 26.76 -50.72 -11.17
C ALA A 31 27.58 -49.47 -10.89
N ASN A 32 26.89 -48.39 -10.53
CA ASN A 32 27.54 -47.10 -10.27
C ASN A 32 28.29 -46.99 -8.94
N ASN A 33 28.44 -48.09 -8.22
CA ASN A 33 29.15 -48.09 -6.97
C ASN A 33 30.62 -47.76 -7.13
N PRO A 34 31.11 -46.81 -6.34
CA PRO A 34 32.50 -46.46 -6.38
C PRO A 34 33.28 -47.69 -5.92
N THR A 35 34.52 -47.82 -6.37
CA THR A 35 35.33 -48.97 -6.00
C THR A 35 36.46 -48.61 -5.05
N GLY A 36 37.28 -49.61 -4.76
CA GLY A 36 38.44 -49.46 -3.90
C GLY A 36 38.21 -48.79 -2.57
N ALA A 37 39.22 -48.02 -2.15
CA ALA A 37 39.21 -47.32 -0.88
C ALA A 37 38.23 -46.16 -0.74
N ALA A 38 37.28 -46.05 -1.65
CA ALA A 38 36.31 -44.98 -1.58
C ALA A 38 34.94 -45.53 -1.26
N PHE A 39 34.83 -46.86 -1.28
CA PHE A 39 33.56 -47.53 -1.04
C PHE A 39 33.55 -48.41 0.21
N ASP A 40 32.38 -48.48 0.84
CA ASP A 40 32.15 -49.28 2.03
C ASP A 40 30.75 -49.85 1.99
N GLY A 41 30.61 -51.01 1.37
CA GLY A 41 29.32 -51.70 1.21
C GLY A 41 28.42 -51.68 2.43
N THR A 42 28.98 -52.03 3.59
CA THR A 42 28.26 -52.06 4.85
C THR A 42 27.81 -50.70 5.33
N CYS A 43 28.48 -49.65 4.85
CA CYS A 43 28.14 -48.32 5.28
C CYS A 43 28.46 -48.20 6.76
N THR A 44 29.48 -48.97 7.19
CA THR A 44 29.93 -49.00 8.57
C THR A 44 30.83 -47.82 8.87
N ASN A 45 31.57 -47.40 7.84
CA ASN A 45 32.45 -46.26 7.94
C ASN A 45 31.66 -45.10 7.34
N LEU A 46 31.06 -44.29 8.19
CA LEU A 46 30.23 -43.17 7.76
C LEU A 46 30.98 -42.05 7.06
N ARG A 47 32.12 -42.34 6.45
CA ARG A 47 32.86 -41.29 5.77
C ARG A 47 33.32 -41.73 4.39
N LEU A 48 32.94 -42.95 4.02
CA LEU A 48 33.29 -43.50 2.72
C LEU A 48 32.09 -43.35 1.78
N TYR A 49 32.01 -44.18 0.73
CA TYR A 49 30.90 -44.15 -0.21
C TYR A 49 30.02 -45.37 0.05
N CYS A 50 28.76 -45.15 0.38
CA CYS A 50 27.85 -46.24 0.68
C CYS A 50 27.10 -46.86 -0.49
N GLY A 51 26.92 -46.12 -1.58
CA GLY A 51 26.23 -46.66 -2.74
C GLY A 51 24.88 -46.03 -3.05
N GLY A 52 24.38 -45.16 -2.19
CA GLY A 52 23.09 -44.52 -2.44
C GLY A 52 23.10 -43.83 -3.81
N ASP A 53 22.03 -44.03 -4.58
CA ASP A 53 21.94 -43.44 -5.91
C ASP A 53 20.49 -43.05 -6.24
N TRP A 54 20.32 -42.33 -7.35
CA TRP A 54 19.01 -41.88 -7.79
C TRP A 54 18.08 -43.06 -8.00
N GLN A 55 18.60 -44.13 -8.59
CA GLN A 55 17.82 -45.33 -8.86
C GLN A 55 17.08 -45.82 -7.62
N GLY A 56 17.83 -46.07 -6.55
CA GLY A 56 17.25 -46.53 -5.31
C GLY A 56 16.10 -45.64 -4.87
N ILE A 57 16.32 -44.32 -5.00
CA ILE A 57 15.32 -43.34 -4.65
C ILE A 57 14.02 -43.52 -5.42
N ILE A 58 14.14 -43.84 -6.70
CA ILE A 58 12.98 -44.07 -7.54
C ILE A 58 12.29 -45.31 -7.01
N ASN A 59 13.12 -46.30 -6.68
CA ASN A 59 12.66 -47.55 -6.15
C ASN A 59 11.77 -47.40 -4.91
N LYS A 60 12.11 -46.43 -4.06
CA LYS A 60 11.35 -46.16 -2.85
C LYS A 60 10.08 -45.37 -3.14
N ILE A 61 10.09 -44.67 -4.27
CA ILE A 61 8.95 -43.88 -4.70
C ILE A 61 7.80 -44.76 -5.16
N ASN A 62 8.06 -45.56 -6.19
CA ASN A 62 7.08 -46.47 -6.77
C ASN A 62 6.72 -47.63 -5.85
N ASP A 63 7.50 -47.83 -4.80
CA ASP A 63 7.24 -48.92 -3.87
C ASP A 63 6.27 -48.56 -2.75
N GLY A 64 5.96 -47.26 -2.63
CA GLY A 64 5.01 -46.79 -1.63
C GLY A 64 5.55 -46.22 -0.33
N TYR A 65 6.79 -46.53 0.04
CA TYR A 65 7.35 -46.02 1.27
C TYR A 65 7.22 -44.51 1.42
N LEU A 66 7.67 -43.78 0.39
CA LEU A 66 7.63 -42.32 0.37
C LEU A 66 6.24 -41.72 0.31
N THR A 67 5.48 -42.12 -0.71
CA THR A 67 4.12 -41.63 -0.91
C THR A 67 3.23 -41.98 0.27
N GLY A 68 3.37 -43.21 0.77
CA GLY A 68 2.60 -43.66 1.92
C GLY A 68 2.72 -42.68 3.07
N MET A 69 3.94 -42.26 3.34
CA MET A 69 4.24 -41.33 4.40
C MET A 69 3.51 -40.01 4.23
N GLY A 70 3.07 -39.75 3.00
CA GLY A 70 2.36 -38.53 2.71
C GLY A 70 3.33 -37.40 2.45
N VAL A 71 4.53 -37.76 1.97
CA VAL A 71 5.58 -36.82 1.64
C VAL A 71 5.31 -36.32 0.22
N THR A 72 5.42 -35.01 0.00
CA THR A 72 5.13 -34.44 -1.32
C THR A 72 6.31 -33.83 -2.10
N ALA A 73 7.49 -33.75 -1.47
CA ALA A 73 8.66 -33.20 -2.13
C ALA A 73 9.94 -33.78 -1.57
N ILE A 74 10.94 -33.93 -2.44
CA ILE A 74 12.22 -34.49 -2.05
C ILE A 74 13.37 -33.58 -2.41
N TRP A 75 14.17 -33.22 -1.41
CA TRP A 75 15.33 -32.39 -1.58
C TRP A 75 16.56 -33.29 -1.50
N ILE A 76 17.18 -33.57 -2.66
CA ILE A 76 18.34 -34.47 -2.72
C ILE A 76 19.71 -33.80 -2.70
N SER A 77 20.74 -34.65 -2.70
CA SER A 77 22.12 -34.22 -2.71
C SER A 77 22.43 -33.60 -4.05
N GLN A 78 23.38 -32.66 -4.06
CA GLN A 78 23.83 -31.98 -5.27
C GLN A 78 24.05 -32.96 -6.40
N PRO A 79 23.32 -32.76 -7.49
CA PRO A 79 23.37 -33.64 -8.64
C PRO A 79 24.70 -33.62 -9.37
N VAL A 80 25.33 -32.45 -9.38
CA VAL A 80 26.61 -32.24 -10.06
C VAL A 80 27.77 -33.16 -9.71
N GLU A 81 28.70 -33.28 -10.67
CA GLU A 81 29.89 -34.12 -10.57
C GLU A 81 30.91 -33.64 -9.54
N ASN A 82 31.19 -34.50 -8.56
CA ASN A 82 32.13 -34.20 -7.50
C ASN A 82 33.52 -34.74 -7.78
N ILE A 83 34.47 -34.35 -6.94
CA ILE A 83 35.84 -34.81 -7.08
C ILE A 83 35.94 -36.28 -6.73
N TYR A 84 36.87 -36.97 -7.38
CA TYR A 84 37.06 -38.39 -7.15
C TYR A 84 38.10 -38.72 -6.10
N SER A 85 39.01 -37.78 -5.87
CA SER A 85 40.08 -37.97 -4.91
C SER A 85 39.60 -38.43 -3.54
N ILE A 86 40.44 -39.25 -2.90
CA ILE A 86 40.16 -39.76 -1.58
C ILE A 86 41.03 -39.00 -0.60
N ILE A 87 40.57 -37.82 -0.21
CA ILE A 87 41.28 -36.97 0.73
C ILE A 87 41.49 -37.68 2.05
N ASN A 88 42.57 -37.34 2.75
CA ASN A 88 42.86 -37.92 4.05
C ASN A 88 43.08 -36.80 5.04
N TYR A 89 42.30 -36.80 6.12
CA TYR A 89 42.42 -35.76 7.12
C TYR A 89 43.00 -36.30 8.43
N SER A 90 44.26 -35.98 8.68
CA SER A 90 44.93 -36.41 9.89
C SER A 90 44.78 -37.90 10.15
N GLY A 91 44.63 -38.67 9.06
CA GLY A 91 44.48 -40.10 9.18
C GLY A 91 43.22 -40.67 8.53
N VAL A 92 42.06 -40.07 8.85
CA VAL A 92 40.80 -40.55 8.29
C VAL A 92 40.64 -40.22 6.82
N ASN A 93 40.15 -41.19 6.05
CA ASN A 93 39.92 -41.00 4.62
C ASN A 93 38.49 -40.51 4.40
N ASN A 94 38.33 -39.43 3.64
CA ASN A 94 37.01 -38.87 3.37
C ASN A 94 36.68 -38.87 1.88
N THR A 95 35.42 -38.56 1.55
CA THR A 95 34.96 -38.52 0.16
C THR A 95 33.90 -37.45 -0.09
N ALA A 96 33.56 -37.27 -1.37
CA ALA A 96 32.54 -36.31 -1.76
C ALA A 96 31.18 -36.96 -1.81
N TYR A 97 31.02 -38.01 -0.99
CA TYR A 97 29.79 -38.73 -0.89
C TYR A 97 28.68 -37.77 -0.50
N HIS A 98 29.08 -36.69 0.16
CA HIS A 98 28.16 -35.68 0.63
C HIS A 98 27.61 -34.84 -0.51
N GLY A 99 28.43 -34.64 -1.54
CA GLY A 99 28.04 -33.89 -2.73
C GLY A 99 28.35 -32.41 -2.76
N TYR A 100 29.25 -31.93 -1.88
CA TYR A 100 29.60 -30.51 -1.86
C TYR A 100 30.91 -30.17 -2.55
N TRP A 101 31.81 -31.14 -2.63
CA TRP A 101 33.09 -30.93 -3.29
C TRP A 101 32.90 -31.10 -4.78
N ALA A 102 32.47 -30.03 -5.43
CA ALA A 102 32.22 -30.05 -6.86
C ALA A 102 33.44 -29.74 -7.74
N ARG A 103 33.45 -30.37 -8.91
CA ARG A 103 34.51 -30.17 -9.87
C ARG A 103 33.91 -29.68 -11.16
N ASP A 104 32.66 -30.07 -11.42
CA ASP A 104 31.98 -29.69 -12.63
C ASP A 104 30.47 -29.60 -12.48
N PHE A 105 29.94 -28.37 -12.38
CA PHE A 105 28.53 -28.12 -12.21
C PHE A 105 27.69 -28.48 -13.44
N LYS A 106 28.34 -28.81 -14.55
CA LYS A 106 27.66 -29.12 -15.78
C LYS A 106 27.46 -30.61 -16.03
N LYS A 107 28.08 -31.44 -15.19
CA LYS A 107 27.96 -32.89 -15.31
C LYS A 107 27.39 -33.48 -14.04
N THR A 108 26.85 -34.70 -14.11
CA THR A 108 26.29 -35.37 -12.93
C THR A 108 27.35 -36.20 -12.24
N ASN A 109 27.03 -36.71 -11.06
CA ASN A 109 27.94 -37.55 -10.32
C ASN A 109 27.63 -38.98 -10.73
N PRO A 110 28.59 -39.65 -11.35
CA PRO A 110 28.43 -41.02 -11.81
C PRO A 110 27.83 -41.93 -10.73
N ALA A 111 28.30 -41.73 -9.51
CA ALA A 111 27.80 -42.50 -8.39
C ALA A 111 26.29 -42.34 -8.25
N TYR A 112 25.83 -41.09 -8.20
CA TYR A 112 24.41 -40.82 -8.07
C TYR A 112 23.63 -41.33 -9.26
N GLY A 113 24.26 -41.23 -10.44
CA GLY A 113 23.63 -41.67 -11.67
C GLY A 113 24.03 -40.84 -12.87
N THR A 114 23.36 -41.10 -14.00
CA THR A 114 23.60 -40.40 -15.24
C THR A 114 22.47 -39.43 -15.53
N ILE A 115 22.66 -38.54 -16.51
CA ILE A 115 21.64 -37.56 -16.88
C ILE A 115 20.28 -38.22 -17.08
N ALA A 116 20.32 -39.37 -17.76
CA ALA A 116 19.11 -40.12 -18.00
C ALA A 116 18.52 -40.56 -16.66
N ASP A 117 19.38 -41.12 -15.82
CA ASP A 117 19.00 -41.57 -14.49
C ASP A 117 18.28 -40.46 -13.75
N PHE A 118 18.83 -39.26 -13.88
CA PHE A 118 18.24 -38.09 -13.26
C PHE A 118 16.88 -37.78 -13.85
N GLN A 119 16.83 -37.71 -15.17
CA GLN A 119 15.58 -37.43 -15.86
C GLN A 119 14.54 -38.46 -15.48
N ASN A 120 14.99 -39.69 -15.25
CA ASN A 120 14.11 -40.77 -14.84
C ASN A 120 13.60 -40.50 -13.44
N LEU A 121 14.43 -39.82 -12.67
CA LEU A 121 14.13 -39.47 -11.29
C LEU A 121 13.03 -38.41 -11.21
N ILE A 122 13.14 -37.43 -12.10
CA ILE A 122 12.19 -36.34 -12.17
C ILE A 122 10.83 -36.81 -12.68
N ALA A 123 10.85 -37.80 -13.58
CA ALA A 123 9.64 -38.34 -14.15
C ALA A 123 8.96 -39.31 -13.22
N ALA A 124 9.76 -40.05 -12.47
CA ALA A 124 9.24 -41.02 -11.52
C ALA A 124 8.54 -40.33 -10.36
N ALA A 125 9.12 -39.22 -9.92
CA ALA A 125 8.58 -38.46 -8.82
C ALA A 125 7.36 -37.64 -9.23
N HIS A 126 7.46 -36.99 -10.38
CA HIS A 126 6.38 -36.17 -10.89
C HIS A 126 5.11 -37.00 -11.08
N ALA A 127 5.30 -38.24 -11.50
CA ALA A 127 4.19 -39.14 -11.74
C ALA A 127 3.41 -39.48 -10.47
N LYS A 128 4.02 -39.17 -9.34
CA LYS A 128 3.40 -39.46 -8.05
C LYS A 128 3.07 -38.24 -7.22
N ASN A 129 3.15 -37.05 -7.82
CA ASN A 129 2.84 -35.80 -7.11
C ASN A 129 3.92 -35.33 -6.14
N ILE A 130 5.15 -35.81 -6.36
CA ILE A 130 6.30 -35.46 -5.55
C ILE A 130 7.20 -34.47 -6.27
N LYS A 131 7.54 -33.38 -5.58
CA LYS A 131 8.40 -32.34 -6.12
C LYS A 131 9.87 -32.68 -5.86
N VAL A 132 10.77 -32.07 -6.62
CA VAL A 132 12.20 -32.33 -6.46
C VAL A 132 13.02 -31.07 -6.25
N ILE A 133 13.65 -30.98 -5.07
CA ILE A 133 14.50 -29.84 -4.73
C ILE A 133 15.94 -30.31 -4.70
N ILE A 134 16.82 -29.62 -5.44
CA ILE A 134 18.22 -30.01 -5.47
C ILE A 134 19.13 -29.04 -4.74
N ASP A 135 20.19 -29.60 -4.15
CA ASP A 135 21.20 -28.84 -3.46
C ASP A 135 22.12 -28.26 -4.54
N PHE A 136 22.56 -27.02 -4.37
CA PHE A 136 23.44 -26.38 -5.31
C PHE A 136 24.44 -25.59 -4.47
N ALA A 137 25.73 -25.86 -4.66
CA ALA A 137 26.76 -25.19 -3.88
C ALA A 137 27.73 -24.36 -4.73
N PRO A 138 27.32 -23.14 -5.04
CA PRO A 138 28.11 -22.24 -5.86
C PRO A 138 29.15 -21.47 -5.05
N ASN A 139 29.31 -21.84 -3.78
CA ASN A 139 30.24 -21.18 -2.89
C ASN A 139 31.70 -21.52 -3.13
N HIS A 140 32.00 -22.80 -3.08
CA HIS A 140 33.34 -23.32 -3.24
C HIS A 140 33.34 -24.41 -4.30
N THR A 141 34.47 -25.10 -4.41
CA THR A 141 34.61 -26.22 -5.32
C THR A 141 34.89 -27.44 -4.48
N SER A 142 36.17 -27.62 -4.16
CA SER A 142 36.62 -28.73 -3.32
C SER A 142 37.76 -28.26 -2.43
N PRO A 143 38.28 -29.17 -1.63
CA PRO A 143 39.39 -28.86 -0.75
C PRO A 143 40.65 -28.64 -1.58
N ALA A 144 41.49 -27.70 -1.17
CA ALA A 144 42.71 -27.40 -1.91
C ALA A 144 43.81 -26.76 -1.06
N SER A 145 44.98 -26.62 -1.68
CA SER A 145 46.13 -26.03 -1.05
C SER A 145 46.94 -25.29 -2.09
N SER A 146 47.05 -23.97 -1.92
CA SER A 146 47.79 -23.14 -2.85
C SER A 146 49.18 -23.69 -3.11
N ASP A 147 49.92 -23.92 -2.03
CA ASP A 147 51.28 -24.42 -2.11
C ASP A 147 51.40 -25.91 -2.38
N GLN A 148 50.29 -26.61 -2.61
CA GLN A 148 50.35 -28.04 -2.87
C GLN A 148 49.33 -28.49 -3.89
N PRO A 149 49.70 -28.42 -5.16
CA PRO A 149 48.85 -28.80 -6.27
C PRO A 149 48.41 -30.26 -6.24
N SER A 150 49.32 -31.14 -5.83
CA SER A 150 49.08 -32.56 -5.77
C SER A 150 48.01 -33.02 -4.79
N PHE A 151 47.66 -32.16 -3.84
CA PHE A 151 46.67 -32.48 -2.82
C PHE A 151 45.24 -32.46 -3.30
N ALA A 152 44.55 -33.59 -3.24
CA ALA A 152 43.17 -33.66 -3.69
C ALA A 152 43.10 -33.40 -5.19
N GLU A 153 42.37 -32.37 -5.58
CA GLU A 153 42.23 -32.02 -6.98
C GLU A 153 42.44 -30.53 -7.20
N ASN A 154 43.25 -29.93 -6.33
CA ASN A 154 43.57 -28.51 -6.40
C ASN A 154 42.35 -27.63 -6.62
N GLY A 155 41.21 -28.05 -6.06
CA GLY A 155 39.97 -27.30 -6.19
C GLY A 155 39.65 -26.93 -7.63
N ARG A 156 40.16 -27.73 -8.56
CA ARG A 156 39.95 -27.51 -9.99
C ARG A 156 38.48 -27.31 -10.32
N LEU A 157 38.20 -26.42 -11.28
CA LEU A 157 36.84 -26.14 -11.70
C LEU A 157 36.74 -26.37 -13.19
N TYR A 158 36.01 -27.41 -13.56
CA TYR A 158 35.83 -27.75 -14.95
C TYR A 158 34.57 -27.11 -15.50
N ASP A 159 34.43 -27.21 -16.82
CA ASP A 159 33.28 -26.68 -17.51
C ASP A 159 32.80 -27.71 -18.51
N ASN A 160 32.14 -28.75 -18.02
CA ASN A 160 31.65 -29.77 -18.93
C ASN A 160 32.80 -30.49 -19.59
N GLY A 161 33.88 -30.73 -18.85
CA GLY A 161 35.04 -31.43 -19.36
C GLY A 161 36.26 -30.53 -19.56
N THR A 162 36.03 -29.36 -20.14
CA THR A 162 37.09 -28.41 -20.40
C THR A 162 37.56 -27.69 -19.14
N LEU A 163 38.77 -28.02 -18.69
CA LEU A 163 39.36 -27.43 -17.48
C LEU A 163 39.37 -25.90 -17.47
N LEU A 164 38.77 -25.30 -16.45
CA LEU A 164 38.75 -23.85 -16.32
C LEU A 164 40.01 -23.37 -15.62
N GLY A 165 40.23 -23.90 -14.42
CA GLY A 165 41.39 -23.57 -13.62
C GLY A 165 41.38 -24.32 -12.31
N GLY A 166 42.40 -24.07 -11.50
CA GLY A 166 42.55 -24.70 -10.20
C GLY A 166 43.07 -23.66 -9.21
N TYR A 167 43.07 -24.00 -7.92
CA TYR A 167 43.53 -23.08 -6.90
C TYR A 167 44.96 -22.59 -7.15
N THR A 168 45.88 -23.53 -7.38
CA THR A 168 47.27 -23.20 -7.64
C THR A 168 47.47 -22.56 -9.00
N ASN A 169 48.11 -21.39 -9.00
CA ASN A 169 48.37 -20.67 -10.23
C ASN A 169 47.12 -20.02 -10.78
N ASP A 170 46.27 -19.54 -9.86
CA ASP A 170 45.03 -18.87 -10.20
C ASP A 170 45.30 -17.52 -10.82
N THR A 171 45.73 -17.53 -12.08
CA THR A 171 46.03 -16.30 -12.80
C THR A 171 44.78 -15.65 -13.32
N GLN A 172 43.78 -16.49 -13.61
CA GLN A 172 42.51 -16.02 -14.11
C GLN A 172 41.76 -15.35 -12.98
N ASN A 173 42.07 -15.81 -11.78
CA ASN A 173 41.45 -15.30 -10.57
C ASN A 173 40.05 -15.85 -10.37
N LEU A 174 39.89 -17.14 -10.65
CA LEU A 174 38.60 -17.78 -10.48
C LEU A 174 38.29 -17.94 -8.99
N PHE A 175 39.34 -17.93 -8.17
CA PHE A 175 39.19 -18.11 -6.73
C PHE A 175 39.70 -16.95 -5.88
N HIS A 176 39.39 -17.03 -4.58
CA HIS A 176 39.83 -16.05 -3.62
C HIS A 176 41.14 -16.51 -3.02
N HIS A 177 41.99 -15.57 -2.60
CA HIS A 177 43.27 -15.92 -2.03
C HIS A 177 43.59 -15.01 -0.84
N ASN A 178 42.65 -14.96 0.10
CA ASN A 178 42.78 -14.15 1.30
C ASN A 178 42.78 -15.01 2.55
N GLY A 179 43.33 -16.21 2.44
CA GLY A 179 43.38 -17.13 3.57
C GLY A 179 42.00 -17.63 3.93
N GLY A 180 41.93 -18.44 4.98
CA GLY A 180 40.67 -19.00 5.45
C GLY A 180 39.91 -18.03 6.34
N THR A 181 38.71 -18.43 6.76
CA THR A 181 37.86 -17.59 7.61
C THR A 181 37.86 -18.01 9.07
N ASP A 182 37.71 -17.04 9.96
CA ASP A 182 37.65 -17.31 11.38
C ASP A 182 36.24 -17.05 11.89
N PHE A 183 35.35 -16.70 10.96
CA PHE A 183 33.96 -16.43 11.27
C PHE A 183 33.74 -15.20 12.15
N SER A 184 34.79 -14.42 12.32
CA SER A 184 34.74 -13.23 13.13
C SER A 184 33.65 -12.26 12.70
N THR A 185 33.63 -11.94 11.40
CA THR A 185 32.65 -11.02 10.85
C THR A 185 32.03 -11.51 9.54
N THR A 186 30.78 -11.10 9.32
CA THR A 186 30.02 -11.46 8.13
C THR A 186 30.85 -11.28 6.85
N GLU A 187 31.60 -10.20 6.79
CA GLU A 187 32.44 -9.90 5.64
C GLU A 187 33.57 -10.91 5.53
N ASN A 188 34.32 -11.05 6.62
CA ASN A 188 35.45 -11.97 6.71
C ASN A 188 35.12 -13.39 6.30
N GLY A 189 33.91 -13.84 6.65
CA GLY A 189 33.46 -15.19 6.34
C GLY A 189 32.93 -15.36 4.93
N ILE A 190 32.94 -14.27 4.15
CA ILE A 190 32.47 -14.28 2.77
C ILE A 190 33.60 -14.39 1.79
N TYR A 191 34.55 -13.46 1.95
CA TYR A 191 35.69 -13.35 1.07
C TYR A 191 36.89 -14.23 1.40
N LYS A 192 36.75 -15.01 2.46
CA LYS A 192 37.80 -15.91 2.89
C LYS A 192 37.31 -17.34 2.78
N ASN A 193 38.23 -18.27 2.59
CA ASN A 193 37.91 -19.68 2.48
C ASN A 193 37.21 -20.24 3.71
N LEU A 194 36.41 -21.29 3.49
CA LEU A 194 35.71 -21.99 4.55
C LEU A 194 36.59 -23.21 4.83
N TYR A 195 37.40 -23.21 5.89
CA TYR A 195 38.26 -24.37 6.12
C TYR A 195 39.31 -24.46 5.01
N ASP A 196 39.20 -25.47 4.15
CA ASP A 196 40.15 -25.62 3.05
C ASP A 196 39.47 -25.55 1.68
N LEU A 197 38.16 -25.28 1.70
CA LEU A 197 37.38 -25.18 0.48
C LEU A 197 37.74 -23.94 -0.33
N ALA A 198 38.26 -24.16 -1.55
CA ALA A 198 38.66 -23.07 -2.43
C ALA A 198 37.51 -22.17 -2.84
N ASP A 199 37.41 -21.03 -2.17
CA ASP A 199 36.36 -20.05 -2.44
C ASP A 199 36.33 -19.58 -3.89
N LEU A 200 35.14 -19.53 -4.48
CA LEU A 200 34.95 -19.09 -5.85
C LEU A 200 34.83 -17.56 -5.83
N ASN A 201 35.40 -16.92 -6.84
CA ASN A 201 35.36 -15.48 -6.96
C ASN A 201 34.28 -15.07 -7.96
N HIS A 202 33.05 -14.89 -7.46
CA HIS A 202 31.94 -14.52 -8.30
C HIS A 202 32.09 -13.17 -8.98
N ASN A 203 33.14 -12.42 -8.60
CA ASN A 203 33.42 -11.11 -9.14
C ASN A 203 34.05 -11.19 -10.52
N ASN A 204 34.45 -12.41 -10.84
CA ASN A 204 35.07 -12.81 -12.07
C ASN A 204 33.95 -13.03 -13.10
N SER A 205 34.07 -12.49 -14.30
CA SER A 205 33.02 -12.67 -15.30
C SER A 205 32.93 -14.12 -15.76
N THR A 206 34.07 -14.81 -15.75
CA THR A 206 34.13 -16.20 -16.18
C THR A 206 33.40 -17.15 -15.23
N VAL A 207 33.45 -16.83 -13.94
CA VAL A 207 32.81 -17.64 -12.91
C VAL A 207 31.34 -17.30 -12.74
N ASP A 208 31.01 -16.02 -12.89
CA ASP A 208 29.65 -15.52 -12.78
C ASP A 208 28.76 -16.05 -13.88
N VAL A 209 29.27 -15.97 -15.10
CA VAL A 209 28.54 -16.44 -16.28
C VAL A 209 28.34 -17.93 -16.24
N TYR A 210 29.42 -18.66 -16.00
CA TYR A 210 29.43 -20.12 -15.95
C TYR A 210 28.41 -20.70 -14.96
N LEU A 211 28.41 -20.16 -13.75
CA LEU A 211 27.52 -20.60 -12.68
C LEU A 211 26.05 -20.33 -12.99
N LYS A 212 25.79 -19.18 -13.61
CA LYS A 212 24.44 -18.80 -13.98
C LYS A 212 23.98 -19.68 -15.14
N ASP A 213 24.95 -20.34 -15.77
CA ASP A 213 24.69 -21.21 -16.89
C ASP A 213 24.49 -22.66 -16.46
N ALA A 214 25.13 -23.02 -15.36
CA ALA A 214 25.03 -24.37 -14.82
C ALA A 214 23.65 -24.65 -14.25
N ILE A 215 23.11 -23.69 -13.52
CA ILE A 215 21.81 -23.83 -12.90
C ILE A 215 20.69 -23.93 -13.93
N LYS A 216 20.88 -23.27 -15.07
CA LYS A 216 19.88 -23.29 -16.11
C LYS A 216 19.76 -24.69 -16.70
N MET A 217 20.92 -25.30 -16.91
CA MET A 217 20.98 -26.64 -17.44
C MET A 217 20.16 -27.58 -16.58
N TRP A 218 20.27 -27.39 -15.27
CA TRP A 218 19.53 -28.15 -14.29
C TRP A 218 18.07 -27.72 -14.31
N LEU A 219 17.88 -26.42 -14.51
CA LEU A 219 16.56 -25.84 -14.58
C LEU A 219 15.76 -26.55 -15.66
N ASP A 220 16.30 -26.55 -16.87
CA ASP A 220 15.67 -27.20 -18.01
C ASP A 220 15.51 -28.70 -17.82
N LEU A 221 16.15 -29.24 -16.80
CA LEU A 221 16.08 -30.68 -16.54
C LEU A 221 14.76 -31.14 -15.90
N GLY A 222 14.23 -30.36 -14.95
CA GLY A 222 12.98 -30.73 -14.32
C GLY A 222 12.82 -30.30 -12.86
N ILE A 223 13.93 -29.94 -12.21
CA ILE A 223 13.91 -29.53 -10.80
C ILE A 223 12.80 -28.52 -10.49
N ASP A 224 12.15 -28.72 -9.34
CA ASP A 224 11.07 -27.84 -8.90
C ASP A 224 11.51 -26.91 -7.78
N GLY A 225 12.80 -26.94 -7.44
CA GLY A 225 13.33 -26.10 -6.37
C GLY A 225 14.84 -26.31 -6.13
N ILE A 226 15.47 -25.31 -5.50
CA ILE A 226 16.89 -25.37 -5.19
C ILE A 226 17.15 -25.16 -3.71
N ARG A 227 18.28 -25.68 -3.23
CA ARG A 227 18.71 -25.55 -1.85
C ARG A 227 20.12 -24.96 -1.82
N MET A 228 20.20 -23.64 -1.76
CA MET A 228 21.48 -22.96 -1.74
C MET A 228 22.33 -23.32 -0.52
N ASP A 229 23.61 -23.61 -0.77
CA ASP A 229 24.54 -23.95 0.29
C ASP A 229 25.44 -22.78 0.66
N ALA A 230 25.55 -22.51 1.96
CA ALA A 230 26.38 -21.42 2.44
C ALA A 230 25.94 -20.06 1.93
N VAL A 231 24.63 -19.77 2.00
CA VAL A 231 24.13 -18.48 1.54
C VAL A 231 24.73 -17.36 2.38
N LYS A 232 25.34 -17.73 3.50
CA LYS A 232 25.96 -16.77 4.40
C LYS A 232 27.39 -16.47 4.00
N HIS A 233 28.03 -17.44 3.34
CA HIS A 233 29.40 -17.31 2.89
C HIS A 233 29.52 -16.89 1.44
N MET A 234 28.49 -16.20 0.95
CA MET A 234 28.44 -15.71 -0.41
C MET A 234 27.94 -14.28 -0.41
N PRO A 235 28.52 -13.45 -1.27
CA PRO A 235 28.16 -12.05 -1.38
C PRO A 235 26.68 -11.86 -1.65
N PHE A 236 25.98 -11.25 -0.69
CA PHE A 236 24.55 -11.01 -0.80
C PHE A 236 24.19 -10.37 -2.14
N GLY A 237 24.99 -9.40 -2.53
CA GLY A 237 24.77 -8.70 -3.80
C GLY A 237 24.72 -9.65 -4.97
N TRP A 238 25.71 -10.53 -5.05
CA TRP A 238 25.79 -11.49 -6.13
C TRP A 238 24.67 -12.52 -6.14
N GLN A 239 24.22 -12.92 -4.94
CA GLN A 239 23.14 -13.89 -4.83
C GLN A 239 21.83 -13.39 -5.43
N LYS A 240 21.57 -12.11 -5.24
CA LYS A 240 20.35 -11.50 -5.76
C LYS A 240 20.33 -11.49 -7.29
N SER A 241 21.52 -11.31 -7.87
CA SER A 241 21.66 -11.30 -9.32
C SER A 241 21.55 -12.72 -9.87
N PHE A 242 21.81 -13.68 -8.99
CA PHE A 242 21.70 -15.09 -9.30
C PHE A 242 20.22 -15.45 -9.34
N MET A 243 19.52 -15.03 -8.28
CA MET A 243 18.09 -15.25 -8.16
C MET A 243 17.38 -14.54 -9.31
N ALA A 244 17.87 -13.34 -9.62
CA ALA A 244 17.30 -12.58 -10.72
C ALA A 244 17.39 -13.41 -11.99
N ALA A 245 18.53 -14.08 -12.16
CA ALA A 245 18.80 -14.93 -13.32
C ALA A 245 17.89 -16.15 -13.41
N VAL A 246 17.60 -16.75 -12.27
CA VAL A 246 16.73 -17.91 -12.23
C VAL A 246 15.29 -17.47 -12.43
N ASN A 247 14.89 -16.45 -11.69
CA ASN A 247 13.55 -15.90 -11.77
C ASN A 247 13.14 -15.42 -13.15
N ASN A 248 13.87 -14.44 -13.68
CA ASN A 248 13.57 -13.91 -14.99
C ASN A 248 13.45 -15.00 -16.06
N TYR A 249 14.01 -16.17 -15.78
CA TYR A 249 14.01 -17.31 -16.70
C TYR A 249 12.96 -18.38 -16.36
N LYS A 250 13.36 -19.36 -15.55
CA LYS A 250 12.49 -20.45 -15.14
C LYS A 250 12.36 -20.49 -13.62
N PRO A 251 11.56 -19.58 -13.07
CA PRO A 251 11.34 -19.45 -11.63
C PRO A 251 11.07 -20.75 -10.91
N VAL A 252 11.64 -20.88 -9.71
CA VAL A 252 11.46 -22.07 -8.86
C VAL A 252 11.75 -21.72 -7.41
N PHE A 253 10.97 -22.28 -6.51
CA PHE A 253 11.13 -22.06 -5.08
C PHE A 253 12.58 -22.27 -4.65
N THR A 254 13.19 -21.22 -4.07
CA THR A 254 14.58 -21.30 -3.63
C THR A 254 14.80 -20.90 -2.18
N PHE A 255 15.45 -21.78 -1.41
CA PHE A 255 15.76 -21.53 -0.01
C PHE A 255 17.24 -21.79 0.27
N GLY A 256 17.79 -21.13 1.28
CA GLY A 256 19.22 -21.29 1.60
C GLY A 256 19.53 -21.63 3.05
N GLU A 257 20.80 -21.98 3.28
CA GLU A 257 21.28 -22.36 4.59
C GLU A 257 22.06 -21.28 5.33
N TRP A 258 21.41 -20.66 6.31
CA TRP A 258 22.03 -19.63 7.14
C TRP A 258 21.94 -20.07 8.59
N PHE A 259 22.89 -20.91 8.99
CA PHE A 259 22.97 -21.48 10.32
C PHE A 259 22.69 -20.47 11.43
N LEU A 260 22.04 -20.96 12.49
CA LEU A 260 21.68 -20.17 13.66
C LEU A 260 21.81 -21.01 14.91
N GLY A 261 22.57 -20.51 15.88
CA GLY A 261 22.77 -21.23 17.13
C GLY A 261 21.62 -20.98 18.09
N VAL A 262 21.62 -21.71 19.20
CA VAL A 262 20.60 -21.58 20.21
C VAL A 262 20.46 -20.12 20.60
N ASN A 263 19.22 -19.64 20.73
CA ASN A 263 18.98 -18.25 21.13
C ASN A 263 19.63 -17.24 20.19
N GLU A 264 19.95 -17.67 18.98
CA GLU A 264 20.59 -16.79 18.02
C GLU A 264 19.62 -16.11 17.06
N VAL A 265 19.64 -14.78 17.08
CA VAL A 265 18.79 -13.96 16.22
C VAL A 265 19.64 -12.93 15.50
N SER A 266 19.76 -13.08 14.19
CA SER A 266 20.56 -12.16 13.38
C SER A 266 19.68 -11.27 12.50
N PRO A 267 19.73 -9.98 12.76
CA PRO A 267 18.97 -9.01 12.00
C PRO A 267 19.38 -9.08 10.53
N GLU A 268 20.56 -9.64 10.30
CA GLU A 268 21.11 -9.80 8.97
C GLU A 268 20.45 -10.96 8.23
N ASN A 269 20.12 -12.00 8.99
CA ASN A 269 19.47 -13.17 8.46
C ASN A 269 18.10 -12.78 7.93
N HIS A 270 17.45 -11.87 8.65
CA HIS A 270 16.13 -11.38 8.30
C HIS A 270 16.12 -10.64 6.97
N LYS A 271 17.10 -9.74 6.82
CA LYS A 271 17.25 -8.93 5.64
C LYS A 271 17.56 -9.75 4.40
N PHE A 272 18.33 -10.81 4.58
CA PHE A 272 18.68 -11.68 3.47
C PHE A 272 17.44 -12.42 3.01
N ALA A 273 16.74 -13.04 3.96
CA ALA A 273 15.52 -13.77 3.64
C ALA A 273 14.53 -12.86 2.94
N ASN A 274 14.30 -11.71 3.55
CA ASN A 274 13.37 -10.73 3.04
C ASN A 274 13.65 -10.21 1.64
N GLU A 275 14.87 -9.71 1.41
CA GLU A 275 15.25 -9.11 0.13
C GLU A 275 16.06 -9.90 -0.88
N SER A 276 16.71 -10.99 -0.46
CA SER A 276 17.51 -11.77 -1.39
C SER A 276 16.76 -12.26 -2.62
N GLY A 277 15.54 -12.73 -2.39
CA GLY A 277 14.70 -13.27 -3.44
C GLY A 277 14.50 -14.76 -3.19
N MET A 278 14.98 -15.18 -2.03
CA MET A 278 14.91 -16.55 -1.60
C MET A 278 14.69 -16.65 -0.09
N SER A 279 14.08 -17.76 0.35
CA SER A 279 13.85 -17.99 1.75
C SER A 279 15.09 -18.63 2.37
N LEU A 280 15.01 -18.99 3.65
CA LEU A 280 16.13 -19.61 4.33
C LEU A 280 15.66 -20.78 5.19
N LEU A 281 16.63 -21.46 5.80
CA LEU A 281 16.31 -22.57 6.69
C LEU A 281 15.86 -21.92 7.98
N ASP A 282 14.92 -22.55 8.66
CA ASP A 282 14.43 -21.96 9.89
C ASP A 282 15.11 -22.49 11.13
N PHE A 283 16.35 -22.06 11.33
CA PHE A 283 17.14 -22.44 12.47
C PHE A 283 16.56 -21.81 13.72
N ARG A 284 15.87 -20.69 13.49
CA ARG A 284 15.23 -19.96 14.56
C ARG A 284 14.11 -20.84 15.10
N PHE A 285 13.38 -21.47 14.18
CA PHE A 285 12.30 -22.36 14.52
C PHE A 285 12.82 -23.65 15.10
N ALA A 286 13.81 -24.21 14.42
CA ALA A 286 14.43 -25.47 14.79
C ALA A 286 15.16 -25.45 16.14
N GLN A 287 15.96 -24.41 16.37
CA GLN A 287 16.73 -24.29 17.60
C GLN A 287 15.86 -24.22 18.86
N LYS A 288 14.74 -23.52 18.77
CA LYS A 288 13.85 -23.37 19.89
C LYS A 288 13.03 -24.63 20.12
N VAL A 289 12.54 -25.23 19.04
CA VAL A 289 11.76 -26.45 19.13
C VAL A 289 12.52 -27.50 19.91
N ARG A 290 13.84 -27.51 19.74
CA ARG A 290 14.70 -28.45 20.42
C ARG A 290 14.83 -28.13 21.90
N GLN A 291 14.94 -26.85 22.21
CA GLN A 291 15.04 -26.42 23.60
C GLN A 291 13.70 -26.65 24.31
N VAL A 292 12.63 -26.73 23.54
CA VAL A 292 11.33 -26.92 24.15
C VAL A 292 10.86 -28.37 24.24
N PHE A 293 11.27 -29.19 23.26
CA PHE A 293 10.85 -30.60 23.21
C PHE A 293 11.94 -31.64 23.43
N ARG A 294 13.21 -31.26 23.24
CA ARG A 294 14.30 -32.23 23.33
C ARG A 294 15.31 -32.08 24.46
N ASP A 295 15.89 -30.91 24.60
CA ASP A 295 16.88 -30.65 25.63
C ASP A 295 16.23 -29.96 26.79
N ASN A 296 15.09 -29.35 26.48
CA ASN A 296 14.30 -28.63 27.45
C ASN A 296 15.07 -27.56 28.20
N THR A 297 15.51 -26.54 27.43
CA THR A 297 16.26 -25.40 27.92
C THR A 297 15.46 -24.11 27.72
N ASP A 298 14.14 -24.25 27.72
CA ASP A 298 13.23 -23.14 27.55
C ASP A 298 11.81 -23.67 27.59
N ASN A 299 10.83 -22.84 27.92
CA ASN A 299 9.45 -23.29 28.00
C ASN A 299 8.62 -22.87 26.80
N MET A 300 7.32 -23.15 26.89
CA MET A 300 6.38 -22.80 25.84
C MET A 300 6.37 -21.29 25.63
N TYR A 301 6.78 -20.54 26.66
CA TYR A 301 6.83 -19.10 26.56
C TYR A 301 7.91 -18.72 25.57
N GLY A 302 8.99 -19.49 25.61
CA GLY A 302 10.10 -19.28 24.70
C GLY A 302 9.62 -19.67 23.29
N LEU A 303 8.73 -20.65 23.26
CA LEU A 303 8.15 -21.15 22.01
C LEU A 303 7.18 -20.17 21.37
N LYS A 304 6.35 -19.54 22.20
CA LYS A 304 5.37 -18.58 21.75
C LYS A 304 6.02 -17.32 21.24
N ALA A 305 6.98 -16.82 22.03
CA ALA A 305 7.71 -15.62 21.69
C ALA A 305 8.43 -15.75 20.36
N MET A 306 8.98 -16.94 20.13
CA MET A 306 9.68 -17.20 18.88
C MET A 306 8.70 -17.13 17.73
N LEU A 307 7.57 -17.80 17.91
CA LEU A 307 6.53 -17.87 16.89
C LEU A 307 6.04 -16.49 16.51
N GLU A 308 5.94 -15.61 17.51
CA GLU A 308 5.49 -14.24 17.28
C GLU A 308 6.55 -13.38 16.63
N GLY A 309 7.73 -13.37 17.26
CA GLY A 309 8.84 -12.60 16.75
C GLY A 309 9.09 -12.90 15.29
N SER A 310 9.40 -14.17 15.01
CA SER A 310 9.66 -14.63 13.66
C SER A 310 8.59 -14.17 12.68
N ALA A 311 7.34 -14.21 13.12
CA ALA A 311 6.21 -13.83 12.29
C ALA A 311 6.22 -12.39 11.79
N ALA A 312 6.97 -11.53 12.46
CA ALA A 312 7.06 -10.14 12.07
C ALA A 312 8.41 -9.78 11.49
N ASP A 313 9.42 -10.57 11.81
CA ASP A 313 10.77 -10.33 11.32
C ASP A 313 10.95 -10.71 9.85
N TYR A 314 10.41 -11.86 9.47
CA TYR A 314 10.49 -12.32 8.10
C TYR A 314 9.27 -11.83 7.33
N ALA A 315 9.50 -11.14 6.22
CA ALA A 315 8.43 -10.60 5.39
C ALA A 315 7.58 -11.66 4.71
N GLN A 316 8.10 -12.88 4.64
CA GLN A 316 7.42 -14.00 4.04
C GLN A 316 7.67 -15.26 4.86
N VAL A 317 7.42 -15.16 6.16
CA VAL A 317 7.61 -16.25 7.09
C VAL A 317 7.03 -17.55 6.60
N ASP A 318 5.98 -17.44 5.81
CA ASP A 318 5.32 -18.60 5.24
C ASP A 318 6.13 -19.16 4.09
N ASP A 319 7.44 -18.88 4.13
CA ASP A 319 8.37 -19.31 3.10
C ASP A 319 9.63 -19.95 3.68
N GLN A 320 9.80 -19.80 4.98
CA GLN A 320 10.94 -20.37 5.68
C GLN A 320 10.82 -21.89 5.75
N VAL A 321 11.94 -22.59 5.61
CA VAL A 321 11.92 -24.05 5.65
C VAL A 321 12.20 -24.59 7.06
N THR A 322 11.11 -24.93 7.77
CA THR A 322 11.16 -25.45 9.13
C THR A 322 11.58 -26.91 9.24
N PHE A 323 12.17 -27.25 10.37
CA PHE A 323 12.63 -28.60 10.64
C PHE A 323 13.00 -28.75 12.10
N ILE A 324 13.27 -29.98 12.53
CA ILE A 324 13.65 -30.22 13.91
C ILE A 324 15.10 -30.68 13.96
N ASP A 325 15.63 -31.02 12.80
CA ASP A 325 17.00 -31.51 12.71
C ASP A 325 17.42 -31.65 11.27
N ASN A 326 18.73 -31.71 11.06
CA ASN A 326 19.27 -31.87 9.72
C ASN A 326 20.74 -32.27 9.74
N HIS A 327 21.36 -32.18 8.58
CA HIS A 327 22.76 -32.53 8.38
C HIS A 327 23.76 -31.79 9.26
N ASP A 328 23.38 -30.59 9.72
CA ASP A 328 24.27 -29.77 10.51
C ASP A 328 24.12 -29.87 12.02
N MET A 329 23.20 -30.73 12.47
CA MET A 329 22.94 -30.96 13.89
C MET A 329 22.90 -32.44 14.18
N GLU A 330 22.86 -32.83 15.46
CA GLU A 330 22.78 -34.23 15.82
C GLU A 330 21.35 -34.69 15.65
N ARG A 331 21.08 -35.98 15.72
CA ARG A 331 19.72 -36.45 15.57
C ARG A 331 18.84 -36.06 16.76
N PHE A 332 17.65 -35.57 16.45
CA PHE A 332 16.72 -35.15 17.48
C PHE A 332 16.45 -36.27 18.47
N HIS A 333 16.46 -37.49 17.97
CA HIS A 333 16.17 -38.61 18.82
C HIS A 333 17.36 -39.18 19.59
N ALA A 334 17.31 -38.98 20.90
CA ALA A 334 18.33 -39.49 21.77
C ALA A 334 18.13 -40.99 21.90
N SER A 335 19.23 -41.74 21.73
CA SER A 335 19.21 -43.19 21.86
C SER A 335 18.59 -43.50 23.19
N ASN A 336 18.94 -42.67 24.15
CA ASN A 336 18.48 -42.80 25.50
C ASN A 336 16.97 -42.92 25.69
N ALA A 337 16.15 -41.95 25.26
CA ALA A 337 14.73 -42.17 25.56
C ALA A 337 13.61 -41.52 24.76
N ASN A 338 12.47 -41.45 25.48
CA ASN A 338 11.17 -40.94 25.07
C ASN A 338 10.97 -40.34 23.71
N ARG A 339 10.53 -41.23 22.83
CA ARG A 339 10.22 -41.02 21.42
C ARG A 339 9.00 -40.12 21.25
N ARG A 340 8.24 -39.97 22.33
CA ARG A 340 7.07 -39.13 22.32
C ARG A 340 7.51 -37.70 22.05
N LYS A 341 8.72 -37.37 22.51
CA LYS A 341 9.27 -36.04 22.30
C LYS A 341 9.44 -35.78 20.81
N LEU A 342 10.09 -36.73 20.12
CA LEU A 342 10.28 -36.62 18.67
C LEU A 342 8.93 -36.40 17.98
N GLU A 343 7.98 -37.29 18.30
CA GLU A 343 6.67 -37.24 17.70
C GLU A 343 5.91 -35.94 17.96
N GLN A 344 6.08 -35.38 19.15
CA GLN A 344 5.42 -34.14 19.49
C GLN A 344 5.99 -33.02 18.64
N ALA A 345 7.31 -33.07 18.48
CA ALA A 345 7.99 -32.08 17.69
C ALA A 345 7.56 -32.25 16.25
N LEU A 346 7.48 -33.51 15.81
CA LEU A 346 7.05 -33.83 14.46
C LEU A 346 5.63 -33.28 14.27
N ALA A 347 4.75 -33.58 15.23
CA ALA A 347 3.39 -33.08 15.17
C ALA A 347 3.44 -31.58 15.05
N PHE A 348 4.22 -30.98 15.93
CA PHE A 348 4.40 -29.54 15.99
C PHE A 348 4.80 -28.89 14.67
N THR A 349 5.87 -29.39 14.07
CA THR A 349 6.43 -28.86 12.83
C THR A 349 5.58 -28.91 11.55
N LEU A 350 4.78 -29.95 11.37
CA LEU A 350 3.97 -30.12 10.17
C LEU A 350 2.66 -29.34 10.14
N THR A 351 2.25 -28.82 11.29
CA THR A 351 1.02 -28.06 11.39
C THR A 351 1.29 -26.61 11.74
N SER A 352 2.53 -26.20 11.54
CA SER A 352 2.94 -24.84 11.82
C SER A 352 3.33 -24.08 10.56
N ARG A 353 3.35 -22.75 10.65
CA ARG A 353 3.69 -21.86 9.54
C ARG A 353 4.90 -22.34 8.75
N GLY A 354 4.99 -21.93 7.49
CA GLY A 354 6.13 -22.29 6.66
C GLY A 354 6.08 -23.66 6.01
N VAL A 355 7.20 -24.02 5.36
CA VAL A 355 7.38 -25.28 4.64
C VAL A 355 8.25 -26.28 5.42
N PRO A 356 7.61 -27.32 5.98
CA PRO A 356 8.29 -28.33 6.78
C PRO A 356 9.15 -29.34 6.02
N ALA A 357 10.37 -29.53 6.52
CA ALA A 357 11.29 -30.49 5.97
C ALA A 357 11.38 -31.67 6.94
N ILE A 358 11.81 -32.82 6.45
CA ILE A 358 11.96 -34.00 7.29
C ILE A 358 13.23 -34.74 6.88
N TYR A 359 14.21 -34.77 7.78
CA TYR A 359 15.46 -35.46 7.52
C TYR A 359 15.22 -36.97 7.43
N TYR A 360 15.74 -37.60 6.38
CA TYR A 360 15.58 -39.02 6.17
C TYR A 360 15.88 -39.85 7.43
N GLY A 361 15.07 -40.86 7.68
CA GLY A 361 15.24 -41.73 8.83
C GLY A 361 14.59 -41.22 10.12
N THR A 362 14.11 -39.98 10.08
CA THR A 362 13.48 -39.38 11.25
C THR A 362 12.27 -40.19 11.73
N GLU A 363 11.57 -40.76 10.75
CA GLU A 363 10.41 -41.58 10.96
C GLU A 363 10.80 -42.96 11.45
N GLN A 364 12.11 -43.18 11.61
CA GLN A 364 12.63 -44.46 12.06
C GLN A 364 13.32 -44.33 13.40
N TYR A 365 13.25 -43.14 13.96
CA TYR A 365 13.88 -42.88 15.25
C TYR A 365 15.37 -43.13 15.20
N MET A 366 16.07 -42.33 14.40
CA MET A 366 17.50 -42.47 14.25
C MET A 366 18.28 -41.64 15.26
N SER A 367 19.39 -42.19 15.71
CA SER A 367 20.27 -41.52 16.65
C SER A 367 21.50 -41.08 15.91
N GLY A 368 22.55 -40.72 16.65
CA GLY A 368 23.81 -40.28 16.07
C GLY A 368 24.28 -38.96 16.64
N GLY A 369 25.52 -38.59 16.33
CA GLY A 369 26.07 -37.34 16.83
C GLY A 369 26.20 -36.38 15.66
N THR A 370 27.04 -35.37 15.83
CA THR A 370 27.26 -34.41 14.77
C THR A 370 27.92 -35.17 13.64
N ASP A 371 27.80 -34.65 12.41
CA ASP A 371 28.38 -35.23 11.20
C ASP A 371 29.79 -35.74 11.48
N PRO A 372 30.11 -36.96 11.03
CA PRO A 372 29.29 -37.77 10.14
C PRO A 372 28.33 -38.76 10.82
N ASP A 373 28.27 -38.78 12.14
CA ASP A 373 27.39 -39.70 12.84
C ASP A 373 25.89 -39.45 12.66
N ASN A 374 25.53 -38.48 11.83
CA ASN A 374 24.13 -38.17 11.59
C ASN A 374 23.70 -38.46 10.15
N ARG A 375 24.57 -39.14 9.41
CA ARG A 375 24.28 -39.49 8.03
C ARG A 375 24.31 -40.98 7.78
N ALA A 376 24.10 -41.79 8.80
CA ALA A 376 24.11 -43.22 8.60
C ALA A 376 23.04 -43.63 7.60
N ARG A 377 23.13 -44.83 7.04
CA ARG A 377 22.13 -45.29 6.10
C ARG A 377 20.83 -45.65 6.81
N ILE A 378 19.69 -45.30 6.21
CA ILE A 378 18.38 -45.60 6.76
C ILE A 378 18.32 -47.09 7.12
N PRO A 379 18.18 -47.39 8.41
CA PRO A 379 18.19 -48.75 8.94
C PRO A 379 17.06 -49.70 8.55
N SER A 380 15.99 -49.16 8.00
CA SER A 380 14.85 -49.96 7.62
C SER A 380 13.83 -49.10 6.90
N PHE A 381 12.87 -49.73 6.27
CA PHE A 381 11.82 -49.03 5.57
C PHE A 381 10.48 -49.55 6.05
N SER A 382 10.30 -49.58 7.36
CA SER A 382 9.06 -50.07 7.93
C SER A 382 8.03 -48.96 8.05
N THR A 383 6.79 -49.29 7.69
CA THR A 383 5.71 -48.32 7.76
C THR A 383 4.88 -48.45 9.03
N SER A 384 5.34 -49.27 9.97
CA SER A 384 4.63 -49.50 11.21
C SER A 384 5.02 -48.57 12.36
N THR A 385 6.06 -47.77 12.14
CA THR A 385 6.52 -46.84 13.14
C THR A 385 5.49 -45.77 13.44
N THR A 386 5.40 -45.38 14.72
CA THR A 386 4.46 -44.35 15.14
C THR A 386 4.76 -42.99 14.53
N ALA A 387 6.03 -42.76 14.24
CA ALA A 387 6.49 -41.51 13.65
C ALA A 387 6.16 -41.40 12.16
N TYR A 388 6.04 -42.56 11.51
CA TYR A 388 5.71 -42.64 10.10
C TYR A 388 4.23 -42.37 9.94
N GLN A 389 3.47 -42.88 10.90
CA GLN A 389 2.03 -42.72 10.96
C GLN A 389 1.69 -41.26 11.19
N VAL A 390 2.27 -40.70 12.25
CA VAL A 390 2.07 -39.31 12.60
C VAL A 390 2.27 -38.40 11.38
N ILE A 391 3.32 -38.68 10.59
CA ILE A 391 3.58 -37.91 9.39
C ILE A 391 2.47 -38.24 8.40
N GLN A 392 2.21 -39.54 8.27
CA GLN A 392 1.19 -40.06 7.38
C GLN A 392 -0.21 -39.54 7.67
N LYS A 393 -0.40 -38.95 8.84
CA LYS A 393 -1.69 -38.43 9.25
C LYS A 393 -1.87 -36.93 9.08
N LEU A 394 -0.89 -36.17 9.56
CA LEU A 394 -0.95 -34.71 9.52
C LEU A 394 -0.42 -34.06 8.23
N ALA A 395 0.48 -34.76 7.54
CA ALA A 395 1.09 -34.25 6.31
C ALA A 395 0.14 -33.64 5.29
N PRO A 396 -0.83 -34.40 4.84
CA PRO A 396 -1.80 -33.99 3.85
C PRO A 396 -2.77 -32.91 4.29
N LEU A 397 -2.56 -32.39 5.50
CA LEU A 397 -3.42 -31.35 6.02
C LEU A 397 -3.03 -30.03 5.35
N ARG A 398 -1.81 -30.00 4.82
CA ARG A 398 -1.30 -28.84 4.15
C ARG A 398 -1.96 -28.66 2.79
N LYS A 399 -2.42 -29.77 2.23
CA LYS A 399 -3.09 -29.76 0.94
C LYS A 399 -4.60 -29.60 1.07
N CYS A 400 -5.16 -30.22 2.11
CA CYS A 400 -6.60 -30.20 2.37
C CYS A 400 -7.13 -29.00 3.16
N ASN A 401 -6.35 -28.50 4.12
CA ASN A 401 -6.73 -27.36 4.94
C ASN A 401 -5.80 -26.19 4.67
N PRO A 402 -6.35 -25.09 4.17
CA PRO A 402 -5.58 -23.90 3.83
C PRO A 402 -5.08 -23.06 4.99
N ALA A 403 -5.72 -23.19 6.15
CA ALA A 403 -5.31 -22.43 7.31
C ALA A 403 -3.97 -22.94 7.80
N ILE A 404 -3.62 -24.15 7.36
CA ILE A 404 -2.38 -24.78 7.75
C ILE A 404 -1.24 -24.45 6.80
N ALA A 405 -1.58 -24.09 5.57
CA ALA A 405 -0.57 -23.76 4.58
C ALA A 405 -0.39 -22.27 4.41
N TYR A 406 -1.40 -21.50 4.82
CA TYR A 406 -1.38 -20.05 4.71
C TYR A 406 -1.95 -19.35 5.93
N GLY A 407 -2.52 -20.12 6.85
CA GLY A 407 -3.10 -19.53 8.04
C GLY A 407 -2.08 -18.72 8.83
N SER A 408 -2.57 -18.02 9.83
CA SER A 408 -1.76 -17.20 10.71
C SER A 408 -1.58 -18.02 11.98
N THR A 409 -0.79 -17.54 12.94
CA THR A 409 -0.61 -18.30 14.16
C THR A 409 -0.86 -17.49 15.42
N GLN A 410 -1.81 -17.95 16.23
CA GLN A 410 -2.14 -17.27 17.46
C GLN A 410 -2.20 -18.22 18.64
N GLU A 411 -1.58 -17.81 19.75
CA GLU A 411 -1.60 -18.59 20.97
C GLU A 411 -3.00 -18.44 21.53
N ARG A 412 -3.51 -19.46 22.21
CA ARG A 412 -4.85 -19.40 22.76
C ARG A 412 -4.94 -19.97 24.17
N TRP A 413 -3.97 -20.81 24.50
CA TRP A 413 -3.90 -21.45 25.80
C TRP A 413 -2.48 -21.88 26.08
N ILE A 414 -1.90 -21.42 27.17
CA ILE A 414 -0.52 -21.76 27.46
C ILE A 414 -0.09 -21.58 28.89
N ASN A 415 0.83 -22.44 29.29
CA ASN A 415 1.46 -22.43 30.59
C ASN A 415 2.89 -22.89 30.34
N ASN A 416 3.51 -23.58 31.30
CA ASN A 416 4.87 -24.03 31.11
C ASN A 416 5.05 -25.20 30.14
N ASP A 417 4.23 -26.23 30.31
CA ASP A 417 4.32 -27.41 29.47
C ASP A 417 3.20 -27.54 28.44
N VAL A 418 2.36 -26.51 28.31
CA VAL A 418 1.25 -26.61 27.36
C VAL A 418 1.15 -25.47 26.36
N LEU A 419 0.64 -25.81 25.17
CA LEU A 419 0.47 -24.85 24.10
C LEU A 419 -0.67 -25.24 23.17
N ILE A 420 -1.64 -24.35 23.03
CA ILE A 420 -2.78 -24.59 22.16
C ILE A 420 -2.87 -23.47 21.16
N TYR A 421 -2.33 -23.71 19.98
CA TYR A 421 -2.33 -22.70 18.95
C TYR A 421 -3.35 -22.99 17.87
N GLU A 422 -3.74 -21.94 17.17
CA GLU A 422 -4.72 -22.08 16.12
C GLU A 422 -4.30 -21.41 14.82
N ARG A 423 -4.40 -22.16 13.74
CA ARG A 423 -4.07 -21.63 12.43
C ARG A 423 -5.39 -21.09 11.88
N LYS A 424 -5.35 -19.97 11.18
CA LYS A 424 -6.57 -19.40 10.63
C LYS A 424 -6.41 -18.76 9.25
N PHE A 425 -7.08 -19.34 8.26
CA PHE A 425 -7.04 -18.83 6.90
C PHE A 425 -8.43 -18.86 6.28
N GLY A 426 -9.04 -17.69 6.14
CA GLY A 426 -10.38 -17.59 5.59
C GLY A 426 -11.37 -18.21 6.55
N SER A 427 -12.07 -19.23 6.09
CA SER A 427 -13.04 -19.95 6.90
C SER A 427 -12.47 -21.29 7.27
N ASN A 428 -11.14 -21.35 7.31
CA ASN A 428 -10.43 -22.57 7.63
C ASN A 428 -9.67 -22.40 8.94
N VAL A 429 -9.98 -23.28 9.89
CA VAL A 429 -9.35 -23.25 11.19
C VAL A 429 -8.74 -24.60 11.51
N ALA A 430 -7.94 -24.63 12.55
CA ALA A 430 -7.27 -25.82 13.04
C ALA A 430 -6.63 -25.49 14.37
N VAL A 431 -6.88 -26.31 15.38
CA VAL A 431 -6.30 -26.09 16.69
C VAL A 431 -5.48 -27.29 17.09
N VAL A 432 -4.23 -27.05 17.44
CA VAL A 432 -3.32 -28.11 17.85
C VAL A 432 -2.90 -27.91 19.29
N ALA A 433 -3.36 -28.80 20.16
CA ALA A 433 -3.02 -28.74 21.58
C ALA A 433 -1.84 -29.67 21.86
N VAL A 434 -0.84 -29.14 22.58
CA VAL A 434 0.36 -29.91 22.88
C VAL A 434 0.77 -29.84 24.34
N ASN A 435 0.92 -31.01 24.95
CA ASN A 435 1.35 -31.13 26.34
C ASN A 435 2.70 -31.80 26.36
N ARG A 436 3.77 -31.01 26.57
CA ARG A 436 5.12 -31.54 26.61
C ARG A 436 5.45 -32.24 27.92
N ASN A 437 4.73 -31.90 29.00
CA ASN A 437 4.95 -32.54 30.28
C ASN A 437 4.67 -34.01 30.11
N LEU A 438 5.71 -34.83 30.20
CA LEU A 438 5.58 -36.25 30.01
C LEU A 438 5.09 -37.03 31.23
N ASN A 439 5.06 -36.37 32.38
CA ASN A 439 4.64 -37.03 33.60
C ASN A 439 3.27 -36.61 34.11
N ALA A 440 2.73 -35.52 33.57
CA ALA A 440 1.44 -35.04 34.02
C ALA A 440 0.42 -34.78 32.91
N PRO A 441 -0.85 -34.89 33.29
CA PRO A 441 -1.96 -34.65 32.41
C PRO A 441 -2.43 -33.24 32.72
N ALA A 442 -2.57 -32.40 31.69
CA ALA A 442 -2.97 -31.01 31.90
C ALA A 442 -4.47 -30.80 31.87
N SER A 443 -4.96 -29.93 32.75
CA SER A 443 -6.38 -29.61 32.83
C SER A 443 -6.64 -28.24 32.25
N ILE A 444 -7.23 -28.20 31.06
CA ILE A 444 -7.52 -26.94 30.37
C ILE A 444 -8.93 -26.44 30.59
N SER A 445 -9.04 -25.14 30.86
CA SER A 445 -10.32 -24.51 31.10
C SER A 445 -10.29 -23.03 30.68
N GLY A 446 -11.26 -22.64 29.85
CA GLY A 446 -11.36 -21.28 29.39
C GLY A 446 -10.74 -21.08 28.02
N LEU A 447 -10.45 -22.17 27.34
CA LEU A 447 -9.86 -22.11 26.02
C LEU A 447 -10.90 -21.71 24.98
N VAL A 448 -10.61 -20.66 24.22
CA VAL A 448 -11.51 -20.17 23.19
C VAL A 448 -10.90 -20.36 21.81
N THR A 449 -11.74 -20.65 20.81
CA THR A 449 -11.27 -20.87 19.45
C THR A 449 -12.23 -20.35 18.40
N SER A 450 -11.81 -20.44 17.13
CA SER A 450 -12.59 -19.99 16.00
C SER A 450 -13.50 -21.08 15.43
N LEU A 451 -13.27 -22.32 15.85
CA LEU A 451 -14.07 -23.43 15.37
C LEU A 451 -15.55 -23.18 15.68
N PRO A 452 -16.43 -23.63 14.79
CA PRO A 452 -17.85 -23.46 15.02
C PRO A 452 -18.26 -24.33 16.20
N GLN A 453 -19.56 -24.39 16.48
CA GLN A 453 -20.04 -25.21 17.56
C GLN A 453 -20.24 -26.63 17.03
N GLY A 454 -19.93 -27.62 17.84
CA GLY A 454 -20.07 -29.01 17.45
C GLY A 454 -18.88 -29.80 17.95
N SER A 455 -18.89 -31.11 17.74
CA SER A 455 -17.79 -31.95 18.18
C SER A 455 -16.69 -31.98 17.13
N TYR A 456 -15.47 -32.22 17.59
CA TYR A 456 -14.32 -32.29 16.71
C TYR A 456 -13.43 -33.46 17.08
N ASN A 457 -13.27 -34.39 16.17
CA ASN A 457 -12.45 -35.56 16.45
C ASN A 457 -10.98 -35.34 16.16
N ASP A 458 -10.13 -35.78 17.10
CA ASP A 458 -8.69 -35.63 16.93
C ASP A 458 -8.24 -36.24 15.60
N VAL A 459 -7.69 -35.40 14.73
CA VAL A 459 -7.20 -35.85 13.43
C VAL A 459 -6.25 -37.02 13.61
N LEU A 460 -5.38 -36.90 14.60
CA LEU A 460 -4.40 -37.92 14.91
C LEU A 460 -5.03 -39.22 15.36
N GLY A 461 -6.36 -39.22 15.47
CA GLY A 461 -7.09 -40.39 15.91
C GLY A 461 -6.53 -40.93 17.21
N GLY A 462 -6.46 -40.05 18.21
CA GLY A 462 -5.94 -40.40 19.52
C GLY A 462 -4.55 -41.02 19.49
N LEU A 463 -3.89 -40.99 18.34
CA LEU A 463 -2.56 -41.56 18.18
C LEU A 463 -1.55 -41.04 19.20
N LEU A 464 -1.58 -39.73 19.45
CA LEU A 464 -0.68 -39.11 20.40
C LEU A 464 -1.39 -38.82 21.71
N ASN A 465 -2.36 -39.67 22.04
CA ASN A 465 -3.13 -39.51 23.27
C ASN A 465 -4.02 -38.27 23.25
N GLY A 466 -4.36 -37.79 22.05
CA GLY A 466 -5.22 -36.61 21.87
C GLY A 466 -6.70 -36.95 21.93
N ASN A 467 -7.50 -36.07 22.54
CA ASN A 467 -8.93 -36.29 22.70
C ASN A 467 -9.81 -35.58 21.67
N THR A 468 -11.10 -35.86 21.76
CA THR A 468 -12.12 -35.26 20.90
C THR A 468 -12.49 -33.94 21.58
N LEU A 469 -12.66 -32.89 20.81
CA LEU A 469 -12.99 -31.58 21.35
C LEU A 469 -14.45 -31.19 21.20
N SER A 470 -14.94 -30.62 22.23
CA SER A 470 -16.32 -30.12 22.37
C SER A 470 -16.34 -28.59 22.42
N VAL A 471 -16.67 -27.97 21.29
CA VAL A 471 -16.72 -26.53 21.17
C VAL A 471 -18.15 -26.03 21.16
N GLY A 472 -18.52 -25.30 22.21
CA GLY A 472 -19.88 -24.75 22.31
C GLY A 472 -20.00 -23.41 21.60
N SER A 473 -21.16 -22.77 21.77
CA SER A 473 -21.41 -21.48 21.16
C SER A 473 -20.36 -20.48 21.59
N GLY A 474 -20.01 -19.56 20.69
CA GLY A 474 -19.00 -18.55 21.02
C GLY A 474 -17.57 -19.05 20.77
N GLY A 475 -17.42 -20.37 20.66
CA GLY A 475 -16.12 -20.96 20.43
C GLY A 475 -15.44 -21.33 21.75
N ALA A 476 -16.24 -21.39 22.80
CA ALA A 476 -15.76 -21.72 24.13
C ALA A 476 -15.74 -23.22 24.38
N ALA A 477 -14.59 -23.84 24.12
CA ALA A 477 -14.41 -25.26 24.31
C ALA A 477 -14.74 -25.66 25.73
N SER A 478 -15.26 -26.87 25.88
CA SER A 478 -15.61 -27.40 27.21
C SER A 478 -14.33 -27.69 27.96
N ASN A 479 -14.46 -28.02 29.24
CA ASN A 479 -13.31 -28.33 30.08
C ASN A 479 -12.92 -29.79 29.90
N PHE A 480 -11.79 -30.00 29.24
CA PHE A 480 -11.29 -31.33 29.01
C PHE A 480 -9.91 -31.51 29.62
N THR A 481 -9.43 -32.75 29.62
CA THR A 481 -8.13 -33.04 30.20
C THR A 481 -7.11 -33.50 29.18
N LEU A 482 -6.16 -32.63 28.88
CA LEU A 482 -5.10 -32.98 27.96
C LEU A 482 -4.25 -34.06 28.61
N ALA A 483 -4.10 -35.19 27.93
CA ALA A 483 -3.31 -36.29 28.44
C ALA A 483 -1.84 -35.94 28.51
N ALA A 484 -1.12 -36.52 29.48
CA ALA A 484 0.31 -36.25 29.62
C ALA A 484 1.03 -36.52 28.30
N GLY A 485 1.92 -35.61 27.91
CA GLY A 485 2.65 -35.76 26.68
C GLY A 485 1.70 -35.97 25.52
N GLY A 486 0.44 -35.57 25.74
CA GLY A 486 -0.58 -35.71 24.72
C GLY A 486 -0.44 -34.69 23.59
N THR A 487 -1.05 -35.01 22.47
CA THR A 487 -1.04 -34.17 21.28
C THR A 487 -2.34 -34.41 20.52
N ALA A 488 -3.03 -33.33 20.15
CA ALA A 488 -4.29 -33.44 19.44
C ALA A 488 -4.43 -32.38 18.36
N VAL A 489 -5.25 -32.69 17.35
CA VAL A 489 -5.49 -31.77 16.25
C VAL A 489 -6.92 -31.79 15.75
N TRP A 490 -7.64 -30.73 16.06
CA TRP A 490 -9.02 -30.56 15.61
C TRP A 490 -8.96 -29.47 14.55
N GLN A 491 -9.79 -29.56 13.53
CA GLN A 491 -9.77 -28.57 12.47
C GLN A 491 -11.15 -28.38 11.87
N TYR A 492 -11.31 -27.25 11.20
CA TYR A 492 -12.56 -26.94 10.55
C TYR A 492 -12.29 -26.33 9.18
N THR A 493 -12.91 -26.90 8.15
CA THR A 493 -12.76 -26.44 6.79
C THR A 493 -14.08 -25.91 6.27
N ALA A 494 -14.03 -25.03 5.27
CA ALA A 494 -15.25 -24.48 4.69
C ALA A 494 -14.97 -23.56 3.52
N ALA A 495 -15.85 -23.60 2.51
CA ALA A 495 -15.70 -22.75 1.34
C ALA A 495 -15.50 -21.29 1.73
N THR A 496 -14.50 -20.64 1.15
CA THR A 496 -14.19 -19.24 1.42
C THR A 496 -14.81 -18.32 0.37
N ALA A 497 -15.63 -17.35 0.83
CA ALA A 497 -16.33 -16.41 -0.04
C ALA A 497 -15.53 -15.39 -0.83
N THR A 498 -14.87 -14.48 -0.12
CA THR A 498 -14.08 -13.42 -0.74
C THR A 498 -12.68 -13.89 -1.08
N PRO A 499 -12.11 -13.30 -2.13
CA PRO A 499 -10.76 -13.64 -2.56
C PRO A 499 -9.74 -13.42 -1.45
N THR A 500 -9.00 -14.46 -1.12
CA THR A 500 -7.99 -14.40 -0.08
C THR A 500 -6.67 -14.94 -0.61
N ILE A 501 -5.63 -14.12 -0.53
CA ILE A 501 -4.31 -14.54 -1.00
C ILE A 501 -3.49 -15.14 0.13
N GLY A 502 -2.93 -16.33 -0.14
CA GLY A 502 -2.11 -17.00 0.84
C GLY A 502 -0.66 -17.06 0.40
N HIS A 503 -0.42 -16.85 -0.89
CA HIS A 503 0.94 -16.90 -1.40
C HIS A 503 1.13 -16.19 -2.73
N VAL A 504 2.39 -15.88 -2.99
CA VAL A 504 2.85 -15.20 -4.19
C VAL A 504 4.26 -15.69 -4.47
N GLY A 505 4.60 -15.88 -5.73
CA GLY A 505 5.93 -16.35 -6.08
C GLY A 505 6.07 -16.50 -7.58
N PRO A 506 7.22 -16.12 -8.12
CA PRO A 506 8.33 -15.57 -7.37
C PRO A 506 7.97 -14.24 -6.70
N MET A 507 8.81 -13.80 -5.78
CA MET A 507 8.59 -12.56 -5.09
C MET A 507 9.55 -11.49 -5.62
N MET A 508 10.20 -11.81 -6.73
CA MET A 508 11.16 -10.89 -7.32
C MET A 508 11.45 -11.18 -8.77
N ALA A 509 11.03 -10.26 -9.64
CA ALA A 509 11.24 -10.43 -11.07
C ALA A 509 10.96 -9.16 -11.84
N LYS A 510 11.47 -9.12 -13.06
CA LYS A 510 11.29 -7.98 -13.94
C LYS A 510 9.97 -8.10 -14.69
N PRO A 511 9.56 -7.02 -15.32
CA PRO A 511 8.33 -7.00 -16.09
C PRO A 511 8.31 -8.07 -17.17
N GLY A 512 7.16 -8.75 -17.31
CA GLY A 512 7.04 -9.80 -18.30
C GLY A 512 7.03 -11.16 -17.62
N VAL A 513 7.86 -11.30 -16.59
CA VAL A 513 7.92 -12.54 -15.83
C VAL A 513 6.52 -12.90 -15.35
N THR A 514 6.22 -14.20 -15.27
CA THR A 514 4.90 -14.65 -14.83
C THR A 514 4.90 -15.15 -13.39
N ILE A 515 4.12 -14.49 -12.53
CA ILE A 515 4.00 -14.87 -11.12
C ILE A 515 2.82 -15.80 -10.88
N THR A 516 2.80 -16.46 -9.72
CA THR A 516 1.73 -17.39 -9.38
C THR A 516 1.05 -17.10 -8.06
N ILE A 517 -0.01 -16.28 -8.09
CA ILE A 517 -0.78 -15.93 -6.91
C ILE A 517 -1.59 -17.13 -6.43
N ASP A 518 -1.43 -17.49 -5.17
CA ASP A 518 -2.15 -18.63 -4.60
C ASP A 518 -3.02 -18.22 -3.41
N GLY A 519 -4.19 -18.84 -3.29
CA GLY A 519 -5.12 -18.56 -2.22
C GLY A 519 -6.47 -19.20 -2.48
N ARG A 520 -7.51 -18.64 -1.87
CA ARG A 520 -8.85 -19.18 -2.04
C ARG A 520 -9.87 -18.11 -2.39
N GLY A 521 -11.00 -18.57 -2.95
CA GLY A 521 -12.09 -17.68 -3.32
C GLY A 521 -11.79 -16.67 -4.41
N PHE A 522 -11.04 -17.10 -5.42
CA PHE A 522 -10.72 -16.22 -6.53
C PHE A 522 -11.82 -16.26 -7.58
N GLY A 523 -12.64 -17.29 -7.49
CA GLY A 523 -13.74 -17.49 -8.43
C GLY A 523 -13.23 -18.15 -9.70
N SER A 524 -14.11 -18.81 -10.44
CA SER A 524 -13.70 -19.48 -11.67
C SER A 524 -13.66 -18.52 -12.85
N SER A 525 -14.15 -17.30 -12.63
CA SER A 525 -14.19 -16.30 -13.69
C SER A 525 -13.04 -15.30 -13.57
N LYS A 526 -12.31 -15.12 -14.67
CA LYS A 526 -11.20 -14.20 -14.76
C LYS A 526 -11.56 -12.84 -14.16
N GLY A 527 -10.64 -12.26 -13.39
CA GLY A 527 -10.87 -10.98 -12.75
C GLY A 527 -9.83 -9.94 -13.14
N THR A 528 -9.18 -9.35 -12.12
CA THR A 528 -8.17 -8.33 -12.32
C THR A 528 -7.13 -8.28 -11.19
N VAL A 529 -5.86 -8.20 -11.56
CA VAL A 529 -4.74 -8.14 -10.62
C VAL A 529 -4.17 -6.72 -10.50
N TYR A 530 -4.18 -6.14 -9.31
CA TYR A 530 -3.65 -4.80 -9.12
C TYR A 530 -2.19 -4.87 -8.62
N PHE A 531 -1.24 -4.20 -9.27
CA PHE A 531 0.17 -4.13 -8.88
C PHE A 531 0.44 -2.74 -8.31
N GLY A 532 -0.06 -2.52 -7.10
CA GLY A 532 0.07 -1.24 -6.43
C GLY A 532 -1.18 -0.44 -6.78
N THR A 533 -1.13 0.26 -7.90
CA THR A 533 -2.27 1.03 -8.36
C THR A 533 -2.64 0.59 -9.78
N THR A 534 -1.67 -0.05 -10.44
CA THR A 534 -1.85 -0.50 -11.81
C THR A 534 -2.63 -1.79 -11.92
N ALA A 535 -3.61 -1.85 -12.81
CA ALA A 535 -4.39 -3.07 -12.95
C ALA A 535 -3.85 -4.02 -14.00
N VAL A 536 -4.34 -5.25 -13.95
CA VAL A 536 -3.96 -6.30 -14.87
C VAL A 536 -5.19 -7.14 -15.14
N SER A 537 -5.60 -7.15 -16.40
CA SER A 537 -6.78 -7.90 -16.79
C SER A 537 -6.71 -8.29 -18.25
N GLY A 538 -7.56 -9.24 -18.63
CA GLY A 538 -7.61 -9.72 -19.99
C GLY A 538 -6.60 -10.80 -20.30
N ALA A 539 -5.96 -10.67 -21.46
CA ALA A 539 -4.97 -11.62 -21.93
C ALA A 539 -3.65 -11.62 -21.18
N ASP A 540 -3.41 -10.61 -20.36
CA ASP A 540 -2.18 -10.53 -19.60
C ASP A 540 -2.25 -11.42 -18.35
N ILE A 541 -3.41 -12.04 -18.18
CA ILE A 541 -3.67 -12.94 -17.08
C ILE A 541 -3.75 -14.34 -17.64
N THR A 542 -2.59 -14.94 -17.86
CA THR A 542 -2.48 -16.27 -18.43
C THR A 542 -3.41 -17.35 -17.88
N SER A 543 -3.96 -17.17 -16.68
CA SER A 543 -4.84 -18.17 -16.08
C SER A 543 -5.56 -17.70 -14.82
N TRP A 544 -6.73 -18.31 -14.54
CA TRP A 544 -7.49 -17.92 -13.34
C TRP A 544 -8.33 -19.03 -12.73
N GLU A 545 -7.96 -19.47 -11.55
CA GLU A 545 -8.71 -20.49 -10.85
C GLU A 545 -9.09 -19.99 -9.47
N ASP A 546 -9.97 -20.72 -8.80
CA ASP A 546 -10.40 -20.33 -7.48
C ASP A 546 -9.26 -20.37 -6.48
N THR A 547 -8.26 -21.20 -6.75
CA THR A 547 -7.12 -21.33 -5.86
C THR A 547 -5.86 -20.61 -6.32
N GLN A 548 -5.58 -20.62 -7.62
CA GLN A 548 -4.37 -19.99 -8.09
C GLN A 548 -4.53 -19.24 -9.40
N ILE A 549 -3.91 -18.06 -9.47
CA ILE A 549 -3.92 -17.21 -10.64
C ILE A 549 -2.51 -17.09 -11.19
N LYS A 550 -2.41 -16.83 -12.49
CA LYS A 550 -1.14 -16.67 -13.15
C LYS A 550 -1.21 -15.48 -14.08
N VAL A 551 -0.56 -14.40 -13.68
CA VAL A 551 -0.54 -13.18 -14.48
C VAL A 551 0.89 -12.84 -14.86
N LYS A 552 1.05 -11.93 -15.81
CA LYS A 552 2.35 -11.48 -16.26
C LYS A 552 2.67 -10.12 -15.66
N ILE A 553 3.85 -9.98 -15.06
CA ILE A 553 4.27 -8.73 -14.45
C ILE A 553 4.11 -7.59 -15.45
N PRO A 554 3.32 -6.60 -15.10
CA PRO A 554 3.05 -5.47 -15.98
C PRO A 554 4.29 -4.64 -16.23
N ALA A 555 4.24 -3.82 -17.28
CA ALA A 555 5.34 -2.95 -17.62
C ALA A 555 5.37 -1.75 -16.67
N VAL A 556 5.84 -1.98 -15.44
CA VAL A 556 5.91 -0.92 -14.44
C VAL A 556 7.34 -0.58 -14.06
N ALA A 557 7.50 0.43 -13.23
CA ALA A 557 8.81 0.85 -12.79
C ALA A 557 9.33 -0.07 -11.69
N GLY A 558 10.63 -0.39 -11.77
CA GLY A 558 11.25 -1.25 -10.77
C GLY A 558 10.99 -0.68 -9.39
N GLY A 559 10.71 -1.55 -8.42
CA GLY A 559 10.43 -1.11 -7.07
C GLY A 559 9.47 -2.04 -6.34
N ASN A 560 9.23 -1.72 -5.07
CA ASN A 560 8.34 -2.49 -4.20
C ASN A 560 6.86 -2.19 -4.44
N TYR A 561 6.06 -3.23 -4.64
CA TYR A 561 4.64 -3.08 -4.90
C TYR A 561 3.78 -4.00 -4.02
N ASN A 562 2.47 -3.88 -4.17
CA ASN A 562 1.49 -4.67 -3.44
C ASN A 562 0.64 -5.47 -4.40
N ILE A 563 0.38 -6.73 -4.08
CA ILE A 563 -0.47 -7.54 -4.94
C ILE A 563 -1.84 -7.64 -4.25
N LYS A 564 -2.89 -7.41 -5.02
CA LYS A 564 -4.27 -7.47 -4.53
C LYS A 564 -5.16 -7.90 -5.68
N VAL A 565 -6.02 -8.88 -5.44
CA VAL A 565 -6.90 -9.39 -6.49
C VAL A 565 -8.34 -8.94 -6.31
N ALA A 566 -9.10 -8.99 -7.40
CA ALA A 566 -10.50 -8.64 -7.39
C ALA A 566 -11.24 -9.61 -8.27
N ASN A 567 -12.01 -10.52 -7.67
CA ASN A 567 -12.76 -11.51 -8.43
C ASN A 567 -13.58 -10.83 -9.53
N ALA A 568 -14.06 -11.62 -10.50
CA ALA A 568 -14.85 -11.11 -11.61
C ALA A 568 -15.92 -10.11 -11.20
N ALA A 569 -16.49 -10.34 -10.01
CA ALA A 569 -17.52 -9.49 -9.45
C ALA A 569 -17.00 -8.10 -9.13
N GLY A 570 -15.78 -8.02 -8.63
CA GLY A 570 -15.17 -6.74 -8.31
C GLY A 570 -14.67 -6.64 -6.88
N THR A 571 -14.88 -7.68 -6.10
CA THR A 571 -14.47 -7.69 -4.71
C THR A 571 -12.95 -7.79 -4.52
N ALA A 572 -12.40 -6.83 -3.75
CA ALA A 572 -10.98 -6.76 -3.46
C ALA A 572 -10.55 -7.72 -2.36
N SER A 573 -9.44 -8.43 -2.61
CA SER A 573 -8.89 -9.40 -1.68
C SER A 573 -7.99 -8.73 -0.65
N ASN A 574 -7.15 -9.53 0.00
CA ASN A 574 -6.23 -9.01 0.98
C ASN A 574 -4.96 -8.58 0.25
N VAL A 575 -4.23 -7.63 0.84
CA VAL A 575 -3.00 -7.12 0.24
C VAL A 575 -1.78 -7.95 0.60
N TYR A 576 -0.95 -8.22 -0.41
CA TYR A 576 0.27 -8.99 -0.24
C TYR A 576 1.44 -8.07 -0.56
N ASP A 577 2.14 -7.61 0.47
CA ASP A 577 3.26 -6.68 0.31
C ASP A 577 4.62 -7.30 0.03
N ASN A 578 5.55 -6.43 -0.37
CA ASN A 578 6.92 -6.82 -0.63
C ASN A 578 7.24 -7.49 -1.97
N PHE A 579 6.56 -7.10 -3.04
CA PHE A 579 6.86 -7.67 -4.34
C PHE A 579 7.84 -6.75 -5.04
N GLU A 580 8.97 -7.31 -5.48
CA GLU A 580 9.98 -6.50 -6.13
C GLU A 580 10.06 -6.64 -7.64
N VAL A 581 9.67 -5.59 -8.35
CA VAL A 581 9.74 -5.55 -9.80
C VAL A 581 11.11 -4.99 -10.11
N LEU A 582 11.99 -5.79 -10.71
CA LEU A 582 13.33 -5.31 -11.03
C LEU A 582 13.27 -4.40 -12.25
N SER A 583 14.25 -3.50 -12.37
CA SER A 583 14.28 -2.60 -13.52
C SER A 583 14.59 -3.36 -14.80
N GLY A 584 14.96 -4.63 -14.65
CA GLY A 584 15.30 -5.51 -15.77
C GLY A 584 16.20 -6.66 -15.35
N ASP A 585 16.89 -7.25 -16.32
CA ASP A 585 17.82 -8.33 -16.07
C ASP A 585 18.95 -7.79 -15.21
N GLN A 586 19.58 -8.64 -14.41
CA GLN A 586 20.63 -8.16 -13.52
C GLN A 586 22.05 -8.63 -13.77
N VAL A 587 22.97 -7.93 -13.10
CA VAL A 587 24.40 -8.21 -13.13
C VAL A 587 24.99 -7.85 -11.77
N SER A 588 26.07 -8.52 -11.38
CA SER A 588 26.73 -8.26 -10.11
C SER A 588 27.93 -7.32 -10.31
N VAL A 589 27.81 -6.09 -9.80
CA VAL A 589 28.86 -5.10 -9.92
C VAL A 589 29.39 -4.65 -8.57
N ARG A 590 30.69 -4.71 -8.39
CA ARG A 590 31.32 -4.31 -7.13
C ARG A 590 31.67 -2.83 -7.15
N PHE A 591 31.11 -2.09 -6.19
CA PHE A 591 31.34 -0.67 -6.06
C PHE A 591 32.50 -0.35 -5.14
N VAL A 592 33.34 0.61 -5.54
CA VAL A 592 34.50 0.99 -4.74
C VAL A 592 34.54 2.50 -4.48
N VAL A 593 34.89 2.88 -3.23
CA VAL A 593 34.98 4.29 -2.86
C VAL A 593 36.25 4.61 -2.06
N ASN A 594 37.03 5.57 -2.57
CA ASN A 594 38.30 5.98 -1.94
C ASN A 594 38.20 7.15 -0.96
N ASN A 595 39.19 7.21 -0.06
CA ASN A 595 39.28 8.25 0.94
C ASN A 595 37.97 8.56 1.66
N ALA A 596 37.26 7.51 2.02
CA ALA A 596 35.99 7.64 2.72
C ALA A 596 36.23 7.53 4.22
N THR A 597 37.01 8.48 4.75
CA THR A 597 37.32 8.50 6.16
C THR A 597 36.04 8.65 6.95
N THR A 598 36.01 8.13 8.17
CA THR A 598 34.83 8.21 9.00
C THR A 598 35.18 8.12 10.48
N ALA A 599 34.15 8.13 11.33
CA ALA A 599 34.30 8.03 12.77
C ALA A 599 33.48 6.84 13.26
N LEU A 600 33.70 6.42 14.50
CA LEU A 600 32.98 5.28 15.08
C LEU A 600 31.47 5.34 14.84
N GLY A 601 30.86 4.17 14.67
CA GLY A 601 29.43 4.07 14.44
C GLY A 601 29.01 4.64 13.09
N GLN A 602 29.92 5.41 12.48
CA GLN A 602 29.67 6.02 11.19
C GLN A 602 30.15 5.11 10.07
N ASN A 603 29.26 4.80 9.14
CA ASN A 603 29.57 3.92 8.03
C ASN A 603 29.25 4.52 6.67
N VAL A 604 29.54 3.75 5.62
CA VAL A 604 29.29 4.20 4.26
C VAL A 604 28.25 3.35 3.55
N TYR A 605 27.30 4.02 2.91
CA TYR A 605 26.25 3.37 2.16
C TYR A 605 26.24 3.89 0.75
N LEU A 606 25.60 3.15 -0.15
CA LEU A 606 25.51 3.52 -1.55
C LEU A 606 24.06 3.64 -1.98
N THR A 607 23.74 4.68 -2.74
CA THR A 607 22.39 4.91 -3.24
C THR A 607 22.45 5.28 -4.72
N GLY A 608 21.34 5.16 -5.46
CA GLY A 608 21.39 5.50 -6.88
C GLY A 608 20.05 5.69 -7.58
N SER A 609 20.14 6.05 -8.87
CA SER A 609 19.02 6.32 -9.75
C SER A 609 18.14 5.11 -10.08
N VAL A 610 18.45 3.95 -9.51
CA VAL A 610 17.66 2.76 -9.76
C VAL A 610 16.99 2.22 -8.51
N SER A 611 15.84 1.57 -8.70
CA SER A 611 15.12 0.98 -7.59
C SER A 611 16.04 0.02 -6.88
N GLU A 612 16.86 -0.68 -7.67
CA GLU A 612 17.81 -1.63 -7.13
C GLU A 612 18.82 -0.95 -6.22
N LEU A 613 18.96 0.38 -6.38
CA LEU A 613 19.89 1.15 -5.57
C LEU A 613 19.20 2.04 -4.56
N GLY A 614 17.91 1.78 -4.33
CA GLY A 614 17.13 2.54 -3.36
C GLY A 614 16.50 3.83 -3.90
N ASN A 615 16.56 4.03 -5.21
CA ASN A 615 15.98 5.20 -5.86
C ASN A 615 16.25 6.52 -5.15
N ALA A 616 17.45 6.70 -4.62
CA ALA A 616 17.84 7.92 -3.94
C ALA A 616 17.39 8.06 -2.50
N ASP A 617 16.57 7.12 -2.05
CA ASP A 617 16.09 7.12 -0.69
C ASP A 617 17.21 6.66 0.23
N PRO A 618 17.50 7.44 1.27
CA PRO A 618 18.54 7.12 2.21
C PRO A 618 18.13 6.04 3.19
N ALA A 619 16.83 5.90 3.37
CA ALA A 619 16.31 4.88 4.25
C ALA A 619 16.57 3.52 3.63
N LYS A 620 16.61 3.52 2.29
CA LYS A 620 16.83 2.32 1.51
C LYS A 620 18.20 2.27 0.88
N ALA A 621 19.19 2.84 1.56
CA ALA A 621 20.57 2.86 1.08
C ALA A 621 21.25 1.50 1.21
N ILE A 622 22.22 1.25 0.35
CA ILE A 622 22.94 -0.01 0.35
C ILE A 622 24.14 0.00 1.28
N GLY A 623 24.27 -1.07 2.05
CA GLY A 623 25.36 -1.21 3.00
C GLY A 623 24.79 -1.48 4.39
N PRO A 624 25.55 -1.19 5.43
CA PRO A 624 26.89 -0.62 5.38
C PRO A 624 27.91 -1.42 4.56
N MET A 625 28.75 -0.70 3.84
CA MET A 625 29.76 -1.29 2.98
C MET A 625 30.88 -1.96 3.76
N TYR A 626 31.58 -2.87 3.09
CA TYR A 626 32.69 -3.59 3.67
C TYR A 626 33.96 -2.76 3.51
N ASN A 627 35.02 -3.04 4.30
CA ASN A 627 36.25 -2.27 4.20
C ASN A 627 37.48 -2.93 4.84
N GLN A 628 37.50 -4.26 4.97
CA GLN A 628 38.63 -4.95 5.59
C GLN A 628 39.41 -5.93 4.73
N VAL A 629 38.70 -6.87 4.10
CA VAL A 629 39.33 -7.89 3.29
C VAL A 629 39.77 -7.44 1.90
N VAL A 630 38.86 -7.57 0.93
CA VAL A 630 39.11 -7.19 -0.46
C VAL A 630 39.81 -5.85 -0.59
N TYR A 631 39.22 -4.85 0.04
CA TYR A 631 39.74 -3.49 0.08
C TYR A 631 39.90 -3.12 1.54
N GLN A 632 40.74 -2.13 1.83
CA GLN A 632 40.95 -1.71 3.22
C GLN A 632 40.57 -0.25 3.42
N TYR A 633 39.94 0.04 4.55
CA TYR A 633 39.55 1.41 4.86
C TYR A 633 40.81 2.25 4.89
N PRO A 634 40.70 3.52 4.47
CA PRO A 634 39.45 4.16 4.07
C PRO A 634 38.73 3.73 2.78
N ASN A 635 39.16 2.66 2.14
CA ASN A 635 38.49 2.21 0.92
C ASN A 635 37.34 1.27 1.22
N TRP A 636 36.13 1.65 0.80
CA TRP A 636 34.96 0.83 1.02
C TRP A 636 34.51 0.13 -0.25
N TYR A 637 33.93 -1.06 -0.09
CA TYR A 637 33.45 -1.84 -1.22
C TYR A 637 32.16 -2.57 -0.92
N TYR A 638 31.46 -2.99 -1.98
CA TYR A 638 30.21 -3.69 -1.87
C TYR A 638 29.75 -4.21 -3.22
N ASP A 639 29.19 -5.41 -3.22
CA ASP A 639 28.69 -6.02 -4.43
C ASP A 639 27.21 -5.78 -4.52
N VAL A 640 26.76 -5.18 -5.62
CA VAL A 640 25.35 -4.88 -5.77
C VAL A 640 24.80 -5.34 -7.10
N SER A 641 23.62 -5.96 -7.03
CA SER A 641 22.94 -6.43 -8.21
C SER A 641 22.26 -5.22 -8.84
N VAL A 642 22.62 -4.90 -10.07
CA VAL A 642 22.04 -3.75 -10.75
C VAL A 642 21.44 -4.13 -12.09
N PRO A 643 20.60 -3.25 -12.61
CA PRO A 643 19.96 -3.48 -13.89
C PRO A 643 21.04 -3.56 -14.96
N ALA A 644 20.94 -4.53 -15.86
CA ALA A 644 21.93 -4.69 -16.92
C ALA A 644 21.75 -3.70 -18.07
N GLY A 645 22.86 -3.26 -18.67
CA GLY A 645 22.85 -2.32 -19.79
C GLY A 645 22.15 -0.99 -19.50
N LYS A 646 22.41 -0.45 -18.31
CA LYS A 646 21.78 0.80 -17.88
C LYS A 646 22.76 1.83 -17.34
N THR A 647 22.55 3.09 -17.72
CA THR A 647 23.38 4.18 -17.24
C THR A 647 22.92 4.56 -15.84
N ILE A 648 23.78 4.36 -14.85
CA ILE A 648 23.43 4.63 -13.47
C ILE A 648 24.14 5.80 -12.82
N GLU A 649 23.36 6.60 -12.10
CA GLU A 649 23.87 7.74 -11.37
C GLU A 649 23.85 7.44 -9.89
N PHE A 650 25.01 7.46 -9.26
CA PHE A 650 25.09 7.15 -7.84
C PHE A 650 25.86 8.18 -7.03
N LYS A 651 25.65 8.11 -5.72
CA LYS A 651 26.29 8.99 -4.76
C LYS A 651 26.37 8.31 -3.40
N PHE A 652 27.53 8.41 -2.75
CA PHE A 652 27.71 7.79 -1.45
C PHE A 652 27.32 8.70 -0.31
N LEU A 653 27.01 8.08 0.82
CA LEU A 653 26.63 8.81 2.01
C LEU A 653 27.22 8.13 3.21
N LYS A 654 27.28 8.85 4.31
CA LYS A 654 27.80 8.30 5.55
C LYS A 654 26.74 8.47 6.62
N LYS A 655 26.57 7.46 7.45
CA LYS A 655 25.58 7.52 8.50
C LYS A 655 26.16 7.09 9.83
N GLN A 656 25.77 7.82 10.86
CA GLN A 656 26.17 7.57 12.23
C GLN A 656 24.97 7.93 13.07
N GLY A 657 24.34 6.92 13.63
CA GLY A 657 23.12 7.14 14.36
C GLY A 657 22.09 7.32 13.26
N SER A 658 21.20 8.29 13.41
CA SER A 658 20.19 8.54 12.39
C SER A 658 20.58 9.73 11.52
N THR A 659 21.82 10.21 11.66
CA THR A 659 22.32 11.35 10.91
C THR A 659 23.06 11.01 9.63
N VAL A 660 22.60 11.61 8.52
CA VAL A 660 23.18 11.39 7.21
C VAL A 660 23.93 12.57 6.61
N THR A 661 25.18 12.31 6.24
CA THR A 661 26.06 13.29 5.61
C THR A 661 26.27 12.85 4.17
N TRP A 662 25.75 13.62 3.23
CA TRP A 662 25.85 13.29 1.82
C TRP A 662 27.17 13.65 1.14
N GLU A 663 27.43 12.97 0.03
CA GLU A 663 28.63 13.23 -0.75
C GLU A 663 28.47 14.59 -1.37
N GLY A 664 29.57 15.27 -1.62
CA GLY A 664 29.54 16.59 -2.22
C GLY A 664 29.66 16.46 -3.73
N GLY A 665 29.18 17.48 -4.45
CA GLY A 665 29.23 17.48 -5.91
C GLY A 665 28.07 16.70 -6.54
N SER A 666 28.12 16.56 -7.87
CA SER A 666 27.10 15.84 -8.62
C SER A 666 27.37 14.35 -8.62
N ASN A 667 26.34 13.56 -8.92
CA ASN A 667 26.44 12.10 -8.94
C ASN A 667 27.50 11.52 -9.87
N HIS A 668 28.12 10.42 -9.43
CA HIS A 668 29.08 9.72 -10.26
C HIS A 668 28.18 8.95 -11.21
N THR A 669 28.62 8.70 -12.42
CA THR A 669 27.80 7.96 -13.35
C THR A 669 28.64 6.89 -14.01
N PHE A 670 27.99 5.81 -14.42
CA PHE A 670 28.69 4.72 -15.08
C PHE A 670 27.68 3.85 -15.81
N THR A 671 28.17 2.96 -16.66
CA THR A 671 27.26 2.10 -17.37
C THR A 671 27.47 0.62 -17.13
N ALA A 672 26.55 0.06 -16.34
CA ALA A 672 26.56 -1.35 -16.01
C ALA A 672 26.70 -2.17 -17.27
N PRO A 673 27.11 -3.42 -17.10
CA PRO A 673 27.31 -4.33 -18.21
C PRO A 673 26.07 -5.12 -18.56
N SER A 674 25.96 -5.46 -19.85
CA SER A 674 24.84 -6.23 -20.36
C SER A 674 25.03 -7.70 -20.07
N SER A 675 26.16 -8.03 -19.43
CA SER A 675 26.49 -9.40 -19.08
C SER A 675 27.75 -9.47 -18.25
N GLY A 676 27.79 -10.41 -17.30
CA GLY A 676 28.96 -10.57 -16.46
C GLY A 676 29.06 -9.56 -15.33
N THR A 677 30.21 -9.56 -14.67
CA THR A 677 30.51 -8.68 -13.56
C THR A 677 31.10 -7.37 -14.03
N ALA A 678 31.51 -6.55 -13.08
CA ALA A 678 32.11 -5.26 -13.36
C ALA A 678 32.47 -4.57 -12.07
N THR A 679 33.52 -3.76 -12.11
CA THR A 679 33.94 -3.03 -10.93
C THR A 679 33.95 -1.54 -11.21
N ILE A 680 33.56 -0.75 -10.21
CA ILE A 680 33.54 0.69 -10.35
C ILE A 680 34.28 1.33 -9.20
N ASN A 681 35.50 1.78 -9.48
CA ASN A 681 36.32 2.40 -8.46
C ASN A 681 36.29 3.90 -8.60
N VAL A 682 35.69 4.57 -7.63
CA VAL A 682 35.62 6.01 -7.63
C VAL A 682 36.11 6.57 -6.31
N ASN A 683 36.18 7.89 -6.22
CA ASN A 683 36.66 8.55 -5.02
C ASN A 683 35.58 9.40 -4.35
N TRP A 684 35.71 9.59 -3.04
CA TRP A 684 34.76 10.41 -2.34
C TRP A 684 34.87 11.86 -2.74
N GLN A 685 33.75 12.42 -3.20
CA GLN A 685 33.68 13.81 -3.60
C GLN A 685 33.29 14.63 -2.38
N PRO A 686 34.17 15.52 -1.94
CA PRO A 686 33.93 16.35 -0.77
C PRO A 686 32.76 17.31 -0.94
N ALA B 1 -24.59 10.58 17.03
CA ALA B 1 -25.70 10.55 16.10
C ALA B 1 -25.32 9.82 14.82
N PRO B 2 -26.32 9.58 13.97
CA PRO B 2 -26.13 8.90 12.70
C PRO B 2 -25.31 9.77 11.75
N ASP B 3 -24.86 9.18 10.65
CA ASP B 3 -24.08 9.92 9.66
C ASP B 3 -24.92 10.96 8.94
N THR B 4 -26.21 10.68 8.80
CA THR B 4 -27.15 11.56 8.10
C THR B 4 -27.61 12.79 8.89
N SER B 5 -27.21 12.87 10.16
CA SER B 5 -27.58 13.98 11.04
C SER B 5 -27.05 15.34 10.58
N VAL B 6 -27.77 16.41 10.93
CA VAL B 6 -27.41 17.77 10.59
C VAL B 6 -26.25 18.24 11.46
N SER B 7 -25.84 17.36 12.37
CA SER B 7 -24.77 17.61 13.31
C SER B 7 -23.42 17.13 12.84
N ASN B 8 -23.43 16.37 11.75
CA ASN B 8 -22.22 15.83 11.16
C ASN B 8 -21.58 16.90 10.27
N LYS B 9 -20.58 17.59 10.80
CA LYS B 9 -19.92 18.65 10.06
C LYS B 9 -18.73 18.20 9.22
N GLN B 10 -18.46 16.89 9.20
CA GLN B 10 -17.35 16.33 8.44
C GLN B 10 -17.77 15.39 7.33
N ASN B 11 -19.02 15.51 6.87
CA ASN B 11 -19.54 14.67 5.81
C ASN B 11 -20.73 15.34 5.13
N PHE B 12 -20.56 15.69 3.86
CA PHE B 12 -21.61 16.34 3.11
C PHE B 12 -22.13 15.49 1.97
N SER B 13 -21.51 14.32 1.80
CA SER B 13 -21.88 13.39 0.75
C SER B 13 -23.29 12.83 0.85
N THR B 14 -24.05 13.29 1.84
CA THR B 14 -25.42 12.86 2.03
C THR B 14 -26.31 14.08 1.97
N ASP B 15 -25.69 15.21 1.67
CA ASP B 15 -26.36 16.48 1.59
C ASP B 15 -26.48 17.00 0.17
N VAL B 16 -27.34 17.99 0.00
CA VAL B 16 -27.56 18.63 -1.28
C VAL B 16 -27.40 20.12 -1.10
N ILE B 17 -26.20 20.61 -1.37
CA ILE B 17 -25.87 22.01 -1.26
C ILE B 17 -26.82 22.88 -2.07
N TYR B 18 -27.05 24.10 -1.60
CA TYR B 18 -27.92 25.04 -2.29
C TYR B 18 -27.26 26.41 -2.23
N GLN B 19 -26.39 26.65 -3.20
CA GLN B 19 -25.64 27.89 -3.31
C GLN B 19 -26.49 29.14 -3.48
N ILE B 20 -26.43 30.02 -2.49
CA ILE B 20 -27.19 31.25 -2.52
C ILE B 20 -26.35 32.50 -2.51
N PHE B 21 -26.78 33.47 -3.31
CA PHE B 21 -26.15 34.76 -3.34
C PHE B 21 -27.08 35.52 -2.42
N THR B 22 -26.74 35.59 -1.12
CA THR B 22 -27.52 36.22 -0.07
C THR B 22 -28.41 37.39 -0.47
N ASP B 23 -27.91 38.22 -1.39
CA ASP B 23 -28.60 39.40 -1.87
C ASP B 23 -29.67 39.15 -2.94
N ARG B 24 -29.44 38.12 -3.76
CA ARG B 24 -30.32 37.74 -4.85
C ARG B 24 -31.41 36.77 -4.46
N PHE B 25 -31.60 36.56 -3.16
CA PHE B 25 -32.62 35.63 -2.70
C PHE B 25 -33.84 36.33 -2.13
N SER B 26 -33.78 36.65 -0.84
CA SER B 26 -34.92 37.29 -0.19
C SER B 26 -34.58 38.47 0.71
N ASP B 27 -35.50 39.44 0.74
CA ASP B 27 -35.39 40.64 1.55
C ASP B 27 -36.36 40.55 2.73
N GLY B 28 -35.91 39.97 3.85
CA GLY B 28 -36.74 39.82 5.03
C GLY B 28 -36.54 40.92 6.05
N ASN B 29 -35.97 42.04 5.61
CA ASN B 29 -35.72 43.18 6.46
C ASN B 29 -35.16 44.35 5.66
N PRO B 30 -36.07 45.09 5.05
CA PRO B 30 -35.72 46.23 4.23
C PRO B 30 -35.06 47.32 5.05
N ALA B 31 -35.08 47.13 6.36
CA ALA B 31 -34.51 48.09 7.29
C ALA B 31 -33.00 48.11 7.29
N ASN B 32 -32.39 47.05 6.77
CA ASN B 32 -30.94 46.96 6.72
C ASN B 32 -30.42 47.27 5.33
N ASN B 33 -31.32 47.41 4.39
CA ASN B 33 -30.99 47.71 3.01
C ASN B 33 -30.03 48.88 2.87
N PRO B 34 -29.26 48.87 1.79
CA PRO B 34 -28.32 49.93 1.52
C PRO B 34 -29.05 51.10 0.89
N THR B 35 -28.56 52.31 1.15
CA THR B 35 -29.19 53.52 0.63
C THR B 35 -28.42 54.15 -0.52
N GLY B 36 -28.96 55.26 -1.01
CA GLY B 36 -28.33 55.99 -2.10
C GLY B 36 -28.18 55.16 -3.36
N ALA B 37 -27.08 55.42 -4.08
CA ALA B 37 -26.78 54.74 -5.33
C ALA B 37 -26.28 53.30 -5.18
N ALA B 38 -26.11 52.82 -3.96
CA ALA B 38 -25.65 51.45 -3.76
C ALA B 38 -26.86 50.54 -3.71
N PHE B 39 -28.02 51.12 -4.01
CA PHE B 39 -29.25 50.37 -3.95
C PHE B 39 -30.15 50.49 -5.18
N ASP B 40 -30.87 49.40 -5.41
CA ASP B 40 -31.80 49.29 -6.51
C ASP B 40 -33.00 48.44 -6.11
N GLY B 41 -34.17 49.08 -6.01
CA GLY B 41 -35.38 48.37 -5.63
C GLY B 41 -35.78 47.35 -6.69
N THR B 42 -35.70 47.73 -7.95
CA THR B 42 -36.07 46.85 -9.05
C THR B 42 -35.12 45.68 -9.23
N CYS B 43 -33.85 45.90 -8.92
CA CYS B 43 -32.87 44.86 -9.11
C CYS B 43 -32.67 44.66 -10.61
N THR B 44 -32.85 45.75 -11.35
CA THR B 44 -32.68 45.78 -12.79
C THR B 44 -31.20 45.89 -13.04
N ASN B 45 -30.52 46.45 -12.06
CA ASN B 45 -29.09 46.64 -12.09
C ASN B 45 -28.45 45.59 -11.18
N LEU B 46 -28.16 44.42 -11.75
CA LEU B 46 -27.57 43.32 -11.01
C LEU B 46 -26.12 43.55 -10.60
N ARG B 47 -25.76 44.81 -10.35
CA ARG B 47 -24.42 45.18 -9.96
C ARG B 47 -24.46 46.02 -8.69
N LEU B 48 -25.68 46.33 -8.26
CA LEU B 48 -25.94 47.11 -7.08
C LEU B 48 -26.59 46.19 -6.05
N TYR B 49 -26.73 46.65 -4.81
CA TYR B 49 -27.36 45.85 -3.77
C TYR B 49 -28.85 45.70 -4.08
N CYS B 50 -29.34 44.46 -4.05
CA CYS B 50 -30.74 44.20 -4.35
C CYS B 50 -31.66 44.01 -3.13
N GLY B 51 -31.09 43.82 -1.94
CA GLY B 51 -31.89 43.65 -0.73
C GLY B 51 -31.73 42.35 0.06
N GLY B 52 -31.61 41.21 -0.63
CA GLY B 52 -31.48 39.90 0.02
C GLY B 52 -30.57 39.84 1.25
N ASP B 53 -31.11 39.36 2.36
CA ASP B 53 -30.37 39.26 3.61
C ASP B 53 -30.46 37.86 4.26
N TRP B 54 -30.10 37.74 5.51
CA TRP B 54 -30.16 36.46 6.21
C TRP B 54 -31.58 36.14 6.68
N GLN B 55 -32.25 37.16 7.20
CA GLN B 55 -33.61 37.01 7.66
C GLN B 55 -34.47 36.39 6.58
N GLY B 56 -34.33 36.91 5.35
CA GLY B 56 -35.08 36.40 4.22
C GLY B 56 -34.83 34.92 3.97
N ILE B 57 -33.58 34.47 4.20
CA ILE B 57 -33.23 33.08 4.03
C ILE B 57 -34.02 32.29 5.05
N ILE B 58 -33.93 32.77 6.29
CA ILE B 58 -34.64 32.16 7.42
C ILE B 58 -36.10 31.94 7.09
N ASN B 59 -36.74 32.97 6.54
CA ASN B 59 -38.13 32.89 6.16
C ASN B 59 -38.31 31.76 5.17
N LYS B 60 -37.43 31.73 4.16
CA LYS B 60 -37.49 30.68 3.17
C LYS B 60 -37.28 29.31 3.80
N ILE B 61 -36.51 29.29 4.89
CA ILE B 61 -36.22 28.05 5.62
C ILE B 61 -37.37 27.65 6.54
N ASN B 62 -38.17 28.65 6.92
CA ASN B 62 -39.29 28.43 7.83
C ASN B 62 -40.65 28.31 7.17
N ASP B 63 -40.75 28.74 5.91
CA ASP B 63 -42.00 28.71 5.18
C ASP B 63 -42.19 27.46 4.30
N GLY B 64 -41.18 26.58 4.28
CA GLY B 64 -41.27 25.35 3.50
C GLY B 64 -40.59 25.32 2.13
N TYR B 65 -40.30 26.47 1.53
CA TYR B 65 -39.66 26.48 0.22
C TYR B 65 -38.37 25.67 0.14
N LEU B 66 -37.42 26.01 1.01
CA LEU B 66 -36.12 25.37 1.07
C LEU B 66 -36.17 23.90 1.50
N THR B 67 -36.64 23.67 2.72
CA THR B 67 -36.73 22.32 3.25
C THR B 67 -37.57 21.42 2.36
N GLY B 68 -38.69 21.95 1.88
CA GLY B 68 -39.61 21.21 1.04
C GLY B 68 -39.05 20.93 -0.34
N MET B 69 -37.78 21.27 -0.53
CA MET B 69 -37.14 21.05 -1.81
C MET B 69 -36.23 19.84 -1.76
N GLY B 70 -35.90 19.41 -0.54
CA GLY B 70 -35.02 18.28 -0.33
C GLY B 70 -33.63 18.73 0.08
N VAL B 71 -33.33 19.99 -0.22
CA VAL B 71 -32.07 20.65 0.09
C VAL B 71 -31.73 20.50 1.56
N THR B 72 -30.57 19.92 1.88
CA THR B 72 -30.21 19.75 3.28
C THR B 72 -29.01 20.55 3.75
N ALA B 73 -28.74 21.67 3.07
CA ALA B 73 -27.62 22.54 3.43
C ALA B 73 -27.50 23.75 2.52
N ILE B 74 -27.39 24.94 3.13
CA ILE B 74 -27.25 26.16 2.37
C ILE B 74 -25.81 26.67 2.42
N TRP B 75 -25.33 27.14 1.29
CA TRP B 75 -24.01 27.71 1.15
C TRP B 75 -24.22 29.15 0.76
N ILE B 76 -23.93 30.07 1.68
CA ILE B 76 -24.17 31.49 1.44
C ILE B 76 -22.96 32.40 1.23
N SER B 77 -23.26 33.63 0.77
CA SER B 77 -22.26 34.66 0.52
C SER B 77 -21.43 34.97 1.76
N GLN B 78 -20.18 35.40 1.55
CA GLN B 78 -19.26 35.74 2.63
C GLN B 78 -19.91 36.70 3.62
N PRO B 79 -20.04 36.25 4.85
CA PRO B 79 -20.66 36.98 5.94
C PRO B 79 -19.87 38.15 6.54
N VAL B 80 -18.64 38.39 6.05
CA VAL B 80 -17.80 39.46 6.57
C VAL B 80 -18.11 40.86 6.05
N GLU B 81 -17.62 41.86 6.80
CA GLU B 81 -17.79 43.27 6.48
C GLU B 81 -17.05 43.63 5.19
N ASN B 82 -17.79 44.18 4.23
CA ASN B 82 -17.24 44.57 2.95
C ASN B 82 -17.03 46.07 2.84
N ILE B 83 -16.43 46.50 1.74
CA ILE B 83 -16.21 47.90 1.51
C ILE B 83 -17.56 48.55 1.25
N TYR B 84 -17.68 49.85 1.55
CA TYR B 84 -18.91 50.58 1.33
C TYR B 84 -18.80 51.53 0.15
N SER B 85 -17.77 51.31 -0.65
CA SER B 85 -17.49 52.15 -1.80
C SER B 85 -18.16 51.74 -3.09
N ILE B 86 -18.89 52.67 -3.71
CA ILE B 86 -19.52 52.41 -4.99
C ILE B 86 -18.42 52.66 -6.03
N ILE B 87 -17.83 51.56 -6.51
CA ILE B 87 -16.75 51.57 -7.47
C ILE B 87 -17.20 51.74 -8.92
N ASN B 88 -16.71 52.77 -9.61
CA ASN B 88 -17.06 53.03 -11.00
C ASN B 88 -16.09 52.39 -12.00
N TYR B 89 -16.54 51.36 -12.72
CA TYR B 89 -15.70 50.69 -13.68
C TYR B 89 -16.13 50.94 -15.12
N SER B 90 -15.37 51.79 -15.82
CA SER B 90 -15.63 52.10 -17.21
C SER B 90 -17.10 52.40 -17.51
N GLY B 91 -17.73 53.26 -16.72
CA GLY B 91 -19.12 53.63 -16.94
C GLY B 91 -20.16 53.12 -15.95
N VAL B 92 -19.99 51.89 -15.45
CA VAL B 92 -20.94 51.31 -14.52
C VAL B 92 -20.51 51.34 -13.06
N ASN B 93 -21.50 51.51 -12.18
CA ASN B 93 -21.27 51.54 -10.74
C ASN B 93 -21.31 50.10 -10.23
N ASN B 94 -20.39 49.76 -9.33
CA ASN B 94 -20.30 48.44 -8.77
C ASN B 94 -20.33 48.42 -7.26
N THR B 95 -21.21 47.60 -6.70
CA THR B 95 -21.31 47.46 -5.26
C THR B 95 -20.79 46.09 -4.89
N ALA B 96 -20.48 45.89 -3.61
CA ALA B 96 -19.98 44.63 -3.16
C ALA B 96 -21.11 43.69 -2.73
N TYR B 97 -22.18 43.69 -3.51
CA TYR B 97 -23.32 42.84 -3.25
C TYR B 97 -22.89 41.40 -3.05
N HIS B 98 -21.78 41.05 -3.70
CA HIS B 98 -21.20 39.71 -3.67
C HIS B 98 -20.50 39.36 -2.36
N GLY B 99 -19.90 40.37 -1.72
CA GLY B 99 -19.20 40.16 -0.46
C GLY B 99 -17.82 39.54 -0.64
N TYR B 100 -17.18 39.80 -1.77
CA TYR B 100 -15.85 39.29 -2.09
C TYR B 100 -14.80 40.35 -1.82
N TRP B 101 -15.29 41.55 -1.54
CA TRP B 101 -14.43 42.68 -1.27
C TRP B 101 -14.40 42.95 0.22
N ALA B 102 -13.66 42.10 0.95
CA ALA B 102 -13.54 42.20 2.39
C ALA B 102 -12.96 43.53 2.87
N ARG B 103 -13.17 43.79 4.16
CA ARG B 103 -12.72 44.99 4.83
C ARG B 103 -12.47 44.77 6.31
N ASP B 104 -13.06 43.70 6.84
CA ASP B 104 -12.93 43.32 8.23
C ASP B 104 -13.57 41.96 8.45
N PHE B 105 -12.74 40.92 8.59
CA PHE B 105 -13.19 39.54 8.77
C PHE B 105 -13.77 39.18 10.13
N LYS B 106 -13.88 40.16 11.02
CA LYS B 106 -14.41 39.92 12.34
C LYS B 106 -15.79 40.55 12.54
N LYS B 107 -16.20 41.35 11.57
CA LYS B 107 -17.48 42.03 11.59
C LYS B 107 -18.37 41.45 10.50
N THR B 108 -19.65 41.82 10.48
CA THR B 108 -20.56 41.32 9.46
C THR B 108 -20.88 42.36 8.42
N ASN B 109 -21.57 41.92 7.39
CA ASN B 109 -22.01 42.77 6.31
C ASN B 109 -23.36 43.34 6.69
N PRO B 110 -23.40 44.61 7.07
CA PRO B 110 -24.63 45.27 7.45
C PRO B 110 -25.83 44.99 6.57
N ALA B 111 -25.58 44.89 5.27
CA ALA B 111 -26.65 44.62 4.32
C ALA B 111 -27.29 43.28 4.59
N TYR B 112 -26.45 42.31 4.94
CA TYR B 112 -26.89 40.96 5.23
C TYR B 112 -27.60 40.85 6.57
N GLY B 113 -26.92 41.31 7.62
CA GLY B 113 -27.49 41.24 8.95
C GLY B 113 -26.42 41.33 10.02
N THR B 114 -26.85 41.36 11.28
CA THR B 114 -25.95 41.44 12.41
C THR B 114 -25.44 40.08 12.86
N ILE B 115 -24.46 40.09 13.77
CA ILE B 115 -23.89 38.87 14.32
C ILE B 115 -24.99 38.04 14.93
N ALA B 116 -26.01 38.75 15.41
CA ALA B 116 -27.17 38.14 16.04
C ALA B 116 -28.10 37.55 15.01
N ASP B 117 -28.11 38.15 13.82
CA ASP B 117 -28.93 37.65 12.75
C ASP B 117 -28.31 36.34 12.31
N PHE B 118 -27.00 36.37 12.18
CA PHE B 118 -26.23 35.21 11.77
C PHE B 118 -26.50 34.03 12.70
N GLN B 119 -26.69 34.33 13.97
CA GLN B 119 -26.97 33.29 14.94
C GLN B 119 -28.35 32.69 14.75
N ASN B 120 -29.32 33.51 14.38
CA ASN B 120 -30.67 33.04 14.15
C ASN B 120 -30.70 32.16 12.91
N LEU B 121 -30.01 32.58 11.86
CA LEU B 121 -29.93 31.84 10.62
C LEU B 121 -29.46 30.43 10.95
N ILE B 122 -28.24 30.35 11.48
CA ILE B 122 -27.64 29.08 11.88
C ILE B 122 -28.59 28.20 12.69
N ALA B 123 -29.20 28.80 13.72
CA ALA B 123 -30.12 28.10 14.60
C ALA B 123 -31.41 27.65 13.94
N ALA B 124 -31.95 28.49 13.06
CA ALA B 124 -33.17 28.17 12.34
C ALA B 124 -32.94 27.00 11.41
N ALA B 125 -31.83 27.09 10.67
CA ALA B 125 -31.46 26.08 9.71
C ALA B 125 -31.15 24.73 10.32
N HIS B 126 -30.49 24.72 11.47
CA HIS B 126 -30.13 23.49 12.12
C HIS B 126 -31.33 22.65 12.55
N ALA B 127 -32.44 23.34 12.84
CA ALA B 127 -33.67 22.71 13.28
C ALA B 127 -34.45 22.04 12.16
N LYS B 128 -34.22 22.49 10.94
CA LYS B 128 -34.87 21.93 9.78
C LYS B 128 -33.89 20.97 9.14
N ASN B 129 -32.91 20.57 9.94
CA ASN B 129 -31.88 19.65 9.50
C ASN B 129 -31.08 20.20 8.31
N ILE B 130 -30.77 21.50 8.33
CA ILE B 130 -30.02 22.12 7.25
C ILE B 130 -28.67 22.68 7.70
N LYS B 131 -27.60 22.24 7.04
CA LYS B 131 -26.26 22.73 7.34
C LYS B 131 -26.04 24.09 6.69
N VAL B 132 -25.08 24.87 7.21
CA VAL B 132 -24.81 26.20 6.70
C VAL B 132 -23.34 26.48 6.40
N ILE B 133 -23.00 26.41 5.12
CA ILE B 133 -21.64 26.66 4.67
C ILE B 133 -21.45 28.13 4.29
N ILE B 134 -20.38 28.75 4.76
CA ILE B 134 -20.12 30.15 4.43
C ILE B 134 -18.98 30.25 3.43
N ASP B 135 -19.01 31.34 2.68
CA ASP B 135 -17.97 31.64 1.72
C ASP B 135 -16.86 32.25 2.53
N PHE B 136 -15.63 32.13 2.06
CA PHE B 136 -14.49 32.70 2.77
C PHE B 136 -13.35 32.97 1.81
N ALA B 137 -13.11 34.25 1.52
CA ALA B 137 -12.05 34.65 0.59
C ALA B 137 -10.84 35.29 1.25
N PRO B 138 -9.86 34.48 1.60
CA PRO B 138 -8.65 34.94 2.24
C PRO B 138 -7.56 35.41 1.28
N ASN B 139 -7.82 35.30 -0.01
CA ASN B 139 -6.84 35.70 -1.00
C ASN B 139 -6.50 37.19 -1.03
N HIS B 140 -7.52 38.01 -1.04
CA HIS B 140 -7.37 39.45 -1.12
C HIS B 140 -8.33 40.15 -0.17
N THR B 141 -8.45 41.45 -0.38
CA THR B 141 -9.38 42.26 0.40
C THR B 141 -10.41 42.78 -0.58
N SER B 142 -10.06 43.86 -1.27
CA SER B 142 -10.93 44.49 -2.24
C SER B 142 -10.14 45.32 -3.27
N PRO B 143 -10.83 45.89 -4.24
CA PRO B 143 -10.18 46.70 -5.26
C PRO B 143 -9.35 47.82 -4.66
N ALA B 144 -8.22 48.16 -5.31
CA ALA B 144 -7.35 49.21 -4.82
C ALA B 144 -6.20 49.55 -5.76
N SER B 145 -5.68 50.79 -5.63
CA SER B 145 -4.56 51.29 -6.43
C SER B 145 -3.46 51.78 -5.49
N SER B 146 -2.21 51.41 -5.77
CA SER B 146 -1.09 51.79 -4.92
C SER B 146 -0.85 53.29 -4.82
N ASP B 147 -0.98 53.97 -5.94
CA ASP B 147 -0.74 55.39 -5.97
C ASP B 147 -2.00 56.23 -6.18
N GLN B 148 -3.14 55.60 -6.08
CA GLN B 148 -4.42 56.27 -6.19
C GLN B 148 -5.15 55.95 -4.90
N PRO B 149 -4.64 56.49 -3.79
CA PRO B 149 -5.18 56.25 -2.47
C PRO B 149 -6.67 56.54 -2.36
N SER B 150 -7.11 57.53 -3.12
CA SER B 150 -8.49 57.96 -3.12
C SER B 150 -9.41 57.08 -3.97
N PHE B 151 -8.93 55.90 -4.35
CA PHE B 151 -9.71 55.00 -5.18
C PHE B 151 -10.36 53.91 -4.35
N ALA B 152 -11.69 53.91 -4.30
CA ALA B 152 -12.42 52.93 -3.52
C ALA B 152 -12.04 53.08 -2.05
N GLU B 153 -11.57 52.00 -1.44
CA GLU B 153 -11.15 52.03 -0.05
C GLU B 153 -9.71 51.63 0.13
N ASN B 154 -8.97 51.60 -0.99
CA ASN B 154 -7.56 51.26 -1.00
C ASN B 154 -7.31 49.88 -0.42
N GLY B 155 -8.34 49.03 -0.43
CA GLY B 155 -8.24 47.68 0.09
C GLY B 155 -7.78 47.68 1.55
N ARG B 156 -8.41 48.52 2.36
CA ARG B 156 -8.08 48.64 3.76
C ARG B 156 -8.59 47.46 4.57
N LEU B 157 -7.73 46.91 5.41
CA LEU B 157 -8.06 45.77 6.24
C LEU B 157 -8.12 46.19 7.71
N TYR B 158 -9.27 45.94 8.33
CA TYR B 158 -9.46 46.27 9.73
C TYR B 158 -9.51 45.01 10.59
N ASP B 159 -9.34 45.20 11.88
CA ASP B 159 -9.36 44.14 12.86
C ASP B 159 -10.41 44.43 13.91
N ASN B 160 -11.68 44.24 13.55
CA ASN B 160 -12.75 44.52 14.48
C ASN B 160 -12.81 46.03 14.73
N GLY B 161 -12.70 46.80 13.65
CA GLY B 161 -12.71 48.24 13.74
C GLY B 161 -11.31 48.83 13.63
N THR B 162 -10.37 48.20 14.33
CA THR B 162 -8.99 48.65 14.33
C THR B 162 -8.27 48.59 12.98
N LEU B 163 -7.87 49.76 12.50
CA LEU B 163 -7.13 49.88 11.24
C LEU B 163 -5.84 49.07 11.36
N LEU B 164 -5.51 48.33 10.31
CA LEU B 164 -4.30 47.52 10.33
C LEU B 164 -3.30 48.06 9.33
N GLY B 165 -3.83 48.63 8.26
CA GLY B 165 -3.05 49.20 7.19
C GLY B 165 -3.85 49.16 5.91
N GLY B 166 -3.26 49.71 4.84
CA GLY B 166 -3.89 49.76 3.54
C GLY B 166 -2.91 49.35 2.46
N TYR B 167 -3.33 49.45 1.20
CA TYR B 167 -2.47 49.09 0.10
C TYR B 167 -1.43 50.16 -0.16
N THR B 168 -1.89 51.41 -0.17
CA THR B 168 -1.03 52.56 -0.38
C THR B 168 -0.22 52.82 0.87
N ASN B 169 1.10 53.03 0.70
CA ASN B 169 1.96 53.30 1.83
C ASN B 169 2.07 52.09 2.74
N ASP B 170 1.92 50.90 2.15
CA ASP B 170 2.01 49.66 2.90
C ASP B 170 3.40 49.39 3.43
N THR B 171 3.68 49.89 4.62
CA THR B 171 4.98 49.69 5.26
C THR B 171 5.05 48.29 5.86
N GLN B 172 4.03 47.96 6.65
CA GLN B 172 3.94 46.69 7.31
C GLN B 172 4.08 45.51 6.35
N ASN B 173 3.78 45.76 5.08
CA ASN B 173 3.88 44.72 4.08
C ASN B 173 2.82 43.67 4.29
N LEU B 174 1.57 44.13 4.41
CA LEU B 174 0.44 43.24 4.64
C LEU B 174 -0.11 42.69 3.33
N PHE B 175 0.24 43.34 2.23
CA PHE B 175 -0.22 42.93 0.91
C PHE B 175 0.96 42.66 0.00
N HIS B 176 0.69 42.14 -1.20
CA HIS B 176 1.73 41.86 -2.18
C HIS B 176 1.83 43.00 -3.16
N HIS B 177 3.04 43.47 -3.43
CA HIS B 177 3.26 44.57 -4.34
C HIS B 177 4.05 44.15 -5.58
N ASN B 178 3.63 43.05 -6.21
CA ASN B 178 4.30 42.51 -7.39
C ASN B 178 3.65 42.97 -8.70
N GLY B 179 2.40 43.38 -8.63
CA GLY B 179 1.65 43.79 -9.81
C GLY B 179 0.55 42.76 -10.11
N GLY B 180 -0.28 43.05 -11.12
CA GLY B 180 -1.38 42.17 -11.50
C GLY B 180 -0.91 40.81 -11.99
N THR B 181 -1.85 40.02 -12.50
CA THR B 181 -1.56 38.68 -13.00
C THR B 181 -2.24 38.39 -14.33
N ASP B 182 -1.54 37.67 -15.19
CA ASP B 182 -2.06 37.29 -16.49
C ASP B 182 -2.29 35.78 -16.51
N PHE B 183 -2.08 35.16 -15.37
CA PHE B 183 -2.25 33.73 -15.25
C PHE B 183 -1.32 32.98 -16.21
N SER B 184 -0.07 33.43 -16.30
CA SER B 184 0.90 32.80 -17.17
C SER B 184 1.43 31.52 -16.51
N THR B 185 1.70 31.64 -15.22
CA THR B 185 2.19 30.53 -14.43
C THR B 185 1.46 30.44 -13.12
N THR B 186 1.50 29.25 -12.52
CA THR B 186 0.87 29.03 -11.23
C THR B 186 1.48 29.98 -10.21
N GLU B 187 2.80 30.12 -10.32
CA GLU B 187 3.55 30.99 -9.44
C GLU B 187 3.15 32.44 -9.60
N ASN B 188 2.96 32.82 -10.85
CA ASN B 188 2.57 34.17 -11.21
C ASN B 188 1.19 34.53 -10.71
N GLY B 189 0.27 33.56 -10.74
CA GLY B 189 -1.11 33.76 -10.31
C GLY B 189 -1.25 33.87 -8.81
N ILE B 190 -0.36 33.20 -8.08
CA ILE B 190 -0.39 33.22 -6.64
C ILE B 190 0.14 34.52 -6.05
N TYR B 191 1.39 34.83 -6.42
CA TYR B 191 2.08 36.01 -5.93
C TYR B 191 1.93 37.28 -6.76
N LYS B 192 0.76 37.46 -7.36
CA LYS B 192 0.46 38.61 -8.18
C LYS B 192 -1.00 38.95 -7.97
N ASN B 193 -1.37 40.22 -8.12
CA ASN B 193 -2.73 40.64 -7.92
C ASN B 193 -3.76 39.98 -8.84
N LEU B 194 -4.95 39.71 -8.28
CA LEU B 194 -6.09 39.13 -8.98
C LEU B 194 -6.82 40.34 -9.56
N TYR B 195 -6.34 40.85 -10.69
CA TYR B 195 -6.93 42.05 -11.25
C TYR B 195 -6.46 43.20 -10.37
N ASP B 196 -7.39 43.93 -9.77
CA ASP B 196 -6.99 45.03 -8.90
C ASP B 196 -7.07 44.69 -7.41
N LEU B 197 -7.48 43.47 -7.08
CA LEU B 197 -7.61 43.01 -5.70
C LEU B 197 -6.31 43.03 -4.91
N ALA B 198 -6.31 43.73 -3.77
CA ALA B 198 -5.15 43.81 -2.91
C ALA B 198 -4.78 42.45 -2.33
N ASP B 199 -3.95 41.71 -3.05
CA ASP B 199 -3.53 40.40 -2.60
C ASP B 199 -2.95 40.48 -1.20
N LEU B 200 -3.33 39.54 -0.34
CA LEU B 200 -2.83 39.53 1.02
C LEU B 200 -1.55 38.70 1.08
N ASN B 201 -0.57 39.22 1.80
CA ASN B 201 0.70 38.53 1.95
C ASN B 201 0.67 37.63 3.19
N HIS B 202 0.23 36.38 3.00
CA HIS B 202 0.14 35.41 4.06
C HIS B 202 1.50 35.07 4.64
N ASN B 203 2.52 35.77 4.17
CA ASN B 203 3.86 35.54 4.65
C ASN B 203 4.18 36.46 5.81
N ASN B 204 3.25 37.38 6.07
CA ASN B 204 3.40 38.33 7.16
C ASN B 204 2.71 37.73 8.40
N SER B 205 3.44 37.65 9.50
CA SER B 205 2.90 37.08 10.74
C SER B 205 1.58 37.73 11.17
N THR B 206 1.42 39.00 10.86
CA THR B 206 0.20 39.72 11.21
C THR B 206 -0.98 39.17 10.42
N VAL B 207 -0.77 38.98 9.11
CA VAL B 207 -1.80 38.46 8.24
C VAL B 207 -2.12 37.01 8.57
N ASP B 208 -1.07 36.20 8.71
CA ASP B 208 -1.24 34.80 9.04
C ASP B 208 -2.02 34.58 10.32
N VAL B 209 -1.56 35.20 11.41
CA VAL B 209 -2.22 35.06 12.69
C VAL B 209 -3.65 35.58 12.64
N TYR B 210 -3.82 36.70 11.96
CA TYR B 210 -5.11 37.35 11.82
C TYR B 210 -6.23 36.47 11.28
N LEU B 211 -6.01 35.92 10.07
CA LEU B 211 -6.98 35.07 9.38
C LEU B 211 -7.38 33.81 10.15
N LYS B 212 -6.38 33.14 10.71
CA LYS B 212 -6.65 31.93 11.47
C LYS B 212 -7.48 32.30 12.68
N ASP B 213 -7.26 33.52 13.13
CA ASP B 213 -7.97 34.04 14.28
C ASP B 213 -9.39 34.44 13.89
N ALA B 214 -9.54 34.92 12.66
CA ALA B 214 -10.84 35.34 12.16
C ALA B 214 -11.74 34.15 11.82
N ILE B 215 -11.13 33.10 11.28
CA ILE B 215 -11.85 31.88 10.91
C ILE B 215 -12.28 31.13 12.14
N LYS B 216 -11.57 31.36 13.24
CA LYS B 216 -11.87 30.71 14.50
C LYS B 216 -13.10 31.34 15.13
N MET B 217 -13.45 32.55 14.65
CA MET B 217 -14.61 33.27 15.15
C MET B 217 -15.89 32.70 14.59
N TRP B 218 -15.90 32.48 13.28
CA TRP B 218 -17.06 31.92 12.61
C TRP B 218 -17.32 30.49 13.04
N LEU B 219 -16.23 29.74 13.21
CA LEU B 219 -16.30 28.36 13.64
C LEU B 219 -17.11 28.31 14.93
N ASP B 220 -16.91 29.33 15.75
CA ASP B 220 -17.55 29.47 17.05
C ASP B 220 -19.04 29.77 16.96
N LEU B 221 -19.43 30.44 15.87
CA LEU B 221 -20.81 30.82 15.64
C LEU B 221 -21.68 29.67 15.16
N GLY B 222 -21.06 28.52 14.94
CA GLY B 222 -21.79 27.32 14.52
C GLY B 222 -21.77 26.95 13.04
N ILE B 223 -20.88 27.53 12.25
CA ILE B 223 -20.82 27.17 10.85
C ILE B 223 -20.54 25.68 10.69
N ASP B 224 -21.12 25.08 9.64
CA ASP B 224 -20.95 23.66 9.39
C ASP B 224 -19.79 23.33 8.48
N GLY B 225 -19.51 24.26 7.55
CA GLY B 225 -18.44 24.11 6.58
C GLY B 225 -17.95 25.46 6.04
N ILE B 226 -16.97 25.42 5.12
CA ILE B 226 -16.40 26.63 4.53
C ILE B 226 -16.05 26.46 3.05
N ARG B 227 -16.35 27.49 2.26
CA ARG B 227 -16.05 27.49 0.85
C ARG B 227 -14.87 28.43 0.60
N MET B 228 -13.73 27.88 0.20
CA MET B 228 -12.54 28.68 -0.03
C MET B 228 -12.44 29.29 -1.42
N ASP B 229 -12.44 30.62 -1.47
CA ASP B 229 -12.35 31.34 -2.73
C ASP B 229 -10.90 31.46 -3.22
N ALA B 230 -10.71 31.32 -4.53
CA ALA B 230 -9.40 31.43 -5.17
C ALA B 230 -8.24 30.68 -4.52
N VAL B 231 -8.41 29.38 -4.28
CA VAL B 231 -7.35 28.56 -3.69
C VAL B 231 -6.24 28.28 -4.69
N LYS B 232 -6.42 28.80 -5.91
CA LYS B 232 -5.44 28.60 -6.95
C LYS B 232 -4.57 29.83 -7.06
N HIS B 233 -4.85 30.80 -6.20
CA HIS B 233 -4.11 32.05 -6.18
C HIS B 233 -3.47 32.33 -4.85
N MET B 234 -3.48 31.32 -3.99
CA MET B 234 -2.89 31.40 -2.66
C MET B 234 -1.84 30.32 -2.54
N PRO B 235 -0.94 30.49 -1.59
CA PRO B 235 0.12 29.52 -1.38
C PRO B 235 -0.48 28.24 -0.86
N PHE B 236 -0.18 27.12 -1.51
CA PHE B 236 -0.70 25.84 -1.08
C PHE B 236 -0.14 25.45 0.28
N GLY B 237 1.13 25.79 0.48
CA GLY B 237 1.83 25.50 1.72
C GLY B 237 1.15 26.18 2.89
N TRP B 238 0.60 27.37 2.63
CA TRP B 238 -0.11 28.15 3.64
C TRP B 238 -1.50 27.59 3.84
N GLN B 239 -2.15 27.26 2.74
CA GLN B 239 -3.50 26.71 2.74
C GLN B 239 -3.56 25.38 3.47
N LYS B 240 -2.42 24.71 3.59
CA LYS B 240 -2.37 23.44 4.30
C LYS B 240 -2.36 23.71 5.79
N SER B 241 -1.59 24.74 6.17
CA SER B 241 -1.50 25.15 7.57
C SER B 241 -2.80 25.79 8.02
N PHE B 242 -3.54 26.37 7.09
CA PHE B 242 -4.80 26.99 7.43
C PHE B 242 -5.81 25.90 7.76
N MET B 243 -5.87 24.90 6.89
CA MET B 243 -6.76 23.78 7.08
C MET B 243 -6.36 23.12 8.39
N ALA B 244 -5.07 23.13 8.67
CA ALA B 244 -4.52 22.56 9.88
C ALA B 244 -4.99 23.34 11.10
N ALA B 245 -5.15 24.65 10.91
CA ALA B 245 -5.62 25.52 11.98
C ALA B 245 -7.09 25.24 12.27
N VAL B 246 -7.81 24.80 11.24
CA VAL B 246 -9.20 24.46 11.34
C VAL B 246 -9.36 23.08 11.93
N ASN B 247 -8.83 22.10 11.21
CA ASN B 247 -8.86 20.70 11.61
C ASN B 247 -8.47 20.46 13.07
N ASN B 248 -7.41 21.09 13.53
CA ASN B 248 -6.95 20.94 14.90
C ASN B 248 -7.78 21.72 15.90
N TYR B 249 -8.77 22.46 15.41
CA TYR B 249 -9.63 23.26 16.27
C TYR B 249 -11.10 22.86 16.24
N LYS B 250 -11.72 23.03 15.08
CA LYS B 250 -13.12 22.69 14.89
C LYS B 250 -13.36 22.24 13.47
N PRO B 251 -12.91 21.04 13.17
CA PRO B 251 -13.03 20.43 11.85
C PRO B 251 -14.41 20.62 11.21
N VAL B 252 -14.41 21.10 9.97
CA VAL B 252 -15.63 21.34 9.21
C VAL B 252 -15.37 21.18 7.71
N PHE B 253 -16.35 20.66 6.97
CA PHE B 253 -16.24 20.45 5.54
C PHE B 253 -15.72 21.66 4.77
N THR B 254 -14.48 21.55 4.26
CA THR B 254 -13.86 22.63 3.51
C THR B 254 -13.61 22.26 2.05
N PHE B 255 -14.01 23.14 1.14
CA PHE B 255 -13.83 22.92 -0.27
C PHE B 255 -13.49 24.21 -1.00
N GLY B 256 -12.32 24.24 -1.63
CA GLY B 256 -11.88 25.43 -2.34
C GLY B 256 -12.38 25.44 -3.78
N GLU B 257 -12.15 26.56 -4.45
CA GLU B 257 -12.55 26.72 -5.83
C GLU B 257 -11.32 26.86 -6.70
N TRP B 258 -11.17 25.96 -7.66
CA TRP B 258 -10.05 25.96 -8.58
C TRP B 258 -10.62 25.81 -9.98
N PHE B 259 -10.91 26.92 -10.64
CA PHE B 259 -11.49 26.91 -11.96
C PHE B 259 -10.75 26.10 -13.02
N LEU B 260 -11.48 25.20 -13.69
CA LEU B 260 -10.96 24.37 -14.77
C LEU B 260 -11.85 24.61 -15.98
N GLY B 261 -11.25 24.93 -17.13
CA GLY B 261 -12.03 25.19 -18.34
C GLY B 261 -12.49 23.91 -19.05
N VAL B 262 -13.07 24.09 -20.24
CA VAL B 262 -13.54 22.96 -21.03
C VAL B 262 -12.40 22.04 -21.42
N ASN B 263 -12.61 20.73 -21.26
CA ASN B 263 -11.62 19.74 -21.61
C ASN B 263 -10.33 19.84 -20.80
N GLU B 264 -10.30 20.72 -19.80
CA GLU B 264 -9.10 20.87 -18.99
C GLU B 264 -8.95 19.81 -17.90
N VAL B 265 -7.74 19.28 -17.78
CA VAL B 265 -7.42 18.30 -16.78
C VAL B 265 -6.08 18.69 -16.23
N SER B 266 -6.04 19.21 -15.00
CA SER B 266 -4.80 19.67 -14.38
C SER B 266 -4.36 18.83 -13.20
N PRO B 267 -3.12 18.37 -13.27
CA PRO B 267 -2.51 17.58 -12.22
C PRO B 267 -2.38 18.37 -10.93
N GLU B 268 -2.03 19.64 -11.06
CA GLU B 268 -1.90 20.52 -9.92
C GLU B 268 -3.19 20.50 -9.11
N ASN B 269 -4.30 20.33 -9.83
CA ASN B 269 -5.62 20.27 -9.23
C ASN B 269 -5.85 19.01 -8.41
N HIS B 270 -5.62 17.87 -9.04
CA HIS B 270 -5.80 16.60 -8.38
C HIS B 270 -4.94 16.58 -7.12
N LYS B 271 -3.72 17.09 -7.25
CA LYS B 271 -2.77 17.16 -6.16
C LYS B 271 -3.28 18.02 -5.00
N PHE B 272 -3.68 19.26 -5.32
CA PHE B 272 -4.19 20.18 -4.32
C PHE B 272 -5.31 19.53 -3.51
N ALA B 273 -6.26 18.95 -4.22
CA ALA B 273 -7.36 18.29 -3.56
C ALA B 273 -6.89 17.11 -2.72
N ASN B 274 -5.84 16.42 -3.16
CA ASN B 274 -5.31 15.24 -2.47
C ASN B 274 -4.36 15.47 -1.30
N GLU B 275 -3.70 16.63 -1.25
CA GLU B 275 -2.73 16.88 -0.19
C GLU B 275 -3.01 18.07 0.72
N SER B 276 -3.84 18.98 0.25
CA SER B 276 -4.17 20.19 0.98
C SER B 276 -4.94 19.94 2.26
N GLY B 277 -5.92 19.05 2.17
CA GLY B 277 -6.77 18.75 3.29
C GLY B 277 -8.07 19.50 3.07
N MET B 278 -8.39 19.69 1.79
CA MET B 278 -9.58 20.39 1.38
C MET B 278 -9.99 20.00 -0.03
N SER B 279 -11.25 19.62 -0.21
CA SER B 279 -11.74 19.25 -1.53
C SER B 279 -11.94 20.50 -2.38
N LEU B 280 -12.47 20.31 -3.59
CA LEU B 280 -12.72 21.41 -4.51
C LEU B 280 -14.05 21.23 -5.23
N LEU B 281 -14.43 22.25 -6.00
CA LEU B 281 -15.64 22.22 -6.79
C LEU B 281 -15.32 21.44 -8.05
N ASP B 282 -16.06 20.38 -8.32
CA ASP B 282 -15.83 19.53 -9.46
C ASP B 282 -16.07 20.16 -10.84
N PHE B 283 -15.09 20.92 -11.31
CA PHE B 283 -15.20 21.55 -12.60
C PHE B 283 -15.08 20.53 -13.73
N ARG B 284 -14.27 19.51 -13.49
CA ARG B 284 -14.11 18.46 -14.48
C ARG B 284 -15.47 17.83 -14.76
N PHE B 285 -16.25 17.68 -13.70
CA PHE B 285 -17.58 17.12 -13.78
C PHE B 285 -18.56 18.05 -14.48
N ALA B 286 -18.79 19.21 -13.88
CA ALA B 286 -19.71 20.20 -14.44
C ALA B 286 -19.42 20.50 -15.90
N GLN B 287 -18.17 20.77 -16.19
CA GLN B 287 -17.74 21.07 -17.56
C GLN B 287 -18.20 19.98 -18.53
N LYS B 288 -17.99 18.72 -18.15
CA LYS B 288 -18.38 17.58 -18.94
C LYS B 288 -19.91 17.45 -19.00
N VAL B 289 -20.53 17.46 -17.82
CA VAL B 289 -21.98 17.37 -17.70
C VAL B 289 -22.67 18.36 -18.63
N ARG B 290 -22.10 19.57 -18.74
CA ARG B 290 -22.63 20.63 -19.58
C ARG B 290 -22.36 20.40 -21.07
N GLN B 291 -21.27 19.70 -21.38
CA GLN B 291 -20.89 19.39 -22.76
C GLN B 291 -21.80 18.35 -23.38
N VAL B 292 -22.30 17.45 -22.54
CA VAL B 292 -23.14 16.33 -22.94
C VAL B 292 -24.64 16.55 -22.93
N PHE B 293 -25.13 17.20 -21.89
CA PHE B 293 -26.55 17.43 -21.73
C PHE B 293 -27.03 18.76 -22.25
N ARG B 294 -26.17 19.77 -22.16
CA ARG B 294 -26.52 21.10 -22.59
C ARG B 294 -26.23 21.40 -24.04
N ASP B 295 -24.97 21.71 -24.30
CA ASP B 295 -24.47 22.07 -25.62
C ASP B 295 -24.34 20.91 -26.60
N ASN B 296 -24.06 19.73 -26.09
CA ASN B 296 -23.91 18.55 -26.92
C ASN B 296 -22.67 18.53 -27.81
N THR B 297 -21.51 18.79 -27.21
CA THR B 297 -20.24 18.78 -27.92
C THR B 297 -19.42 17.56 -27.52
N ASP B 298 -20.11 16.60 -26.89
CA ASP B 298 -19.51 15.37 -26.41
C ASP B 298 -20.59 14.40 -25.97
N ASN B 299 -20.44 13.12 -26.30
CA ASN B 299 -21.42 12.12 -25.96
C ASN B 299 -21.24 11.43 -24.61
N MET B 300 -21.95 10.31 -24.46
CA MET B 300 -21.96 9.49 -23.25
C MET B 300 -20.62 8.83 -22.92
N TYR B 301 -19.95 8.35 -23.95
CA TYR B 301 -18.66 7.71 -23.76
C TYR B 301 -17.69 8.67 -23.09
N GLY B 302 -17.84 9.95 -23.39
CA GLY B 302 -16.99 10.99 -22.83
C GLY B 302 -17.32 11.27 -21.37
N LEU B 303 -18.60 11.14 -21.02
CA LEU B 303 -19.08 11.35 -19.66
C LEU B 303 -18.65 10.21 -18.77
N LYS B 304 -18.53 9.02 -19.35
CA LYS B 304 -18.10 7.85 -18.61
C LYS B 304 -16.61 7.93 -18.38
N ALA B 305 -15.90 8.38 -19.43
CA ALA B 305 -14.47 8.53 -19.38
C ALA B 305 -14.08 9.41 -18.21
N MET B 306 -14.89 10.43 -17.97
CA MET B 306 -14.65 11.34 -16.86
C MET B 306 -14.93 10.67 -15.52
N LEU B 307 -15.97 9.82 -15.48
CA LEU B 307 -16.33 9.13 -14.26
C LEU B 307 -15.26 8.14 -13.82
N GLU B 308 -14.76 7.39 -14.79
CA GLU B 308 -13.72 6.43 -14.52
C GLU B 308 -12.44 7.22 -14.35
N GLY B 309 -12.38 8.32 -15.06
CA GLY B 309 -11.23 9.19 -15.05
C GLY B 309 -10.98 9.76 -13.67
N SER B 310 -11.88 10.67 -13.28
CA SER B 310 -11.83 11.34 -11.98
C SER B 310 -11.77 10.40 -10.80
N ALA B 311 -12.56 9.34 -10.84
CA ALA B 311 -12.58 8.39 -9.74
C ALA B 311 -11.19 7.86 -9.45
N ALA B 312 -10.35 7.90 -10.48
CA ALA B 312 -8.98 7.41 -10.36
C ALA B 312 -7.96 8.48 -10.02
N ASP B 313 -8.30 9.74 -10.26
CA ASP B 313 -7.39 10.84 -9.99
C ASP B 313 -7.54 11.48 -8.61
N TYR B 314 -8.78 11.65 -8.17
CA TYR B 314 -9.06 12.22 -6.87
C TYR B 314 -9.00 11.12 -5.82
N ALA B 315 -8.12 11.26 -4.84
CA ALA B 315 -7.98 10.27 -3.78
C ALA B 315 -9.33 9.96 -3.14
N GLN B 316 -10.09 11.02 -2.88
CA GLN B 316 -11.40 10.92 -2.28
C GLN B 316 -12.41 11.71 -3.11
N VAL B 317 -12.85 11.11 -4.21
CA VAL B 317 -13.78 11.73 -5.12
C VAL B 317 -15.10 12.13 -4.50
N ASP B 318 -15.61 11.29 -3.61
CA ASP B 318 -16.86 11.54 -2.93
C ASP B 318 -16.88 12.87 -2.20
N ASP B 319 -15.69 13.38 -1.92
CA ASP B 319 -15.51 14.65 -1.23
C ASP B 319 -15.53 15.84 -2.17
N GLN B 320 -15.71 15.56 -3.45
CA GLN B 320 -15.74 16.63 -4.45
C GLN B 320 -17.15 17.18 -4.63
N VAL B 321 -17.26 18.51 -4.68
CA VAL B 321 -18.55 19.19 -4.84
C VAL B 321 -18.98 19.34 -6.29
N THR B 322 -20.02 18.61 -6.70
CA THR B 322 -20.51 18.68 -8.08
C THR B 322 -21.50 19.83 -8.36
N PHE B 323 -21.87 19.98 -9.63
CA PHE B 323 -22.79 21.03 -10.07
C PHE B 323 -22.85 21.11 -11.60
N ILE B 324 -23.78 21.92 -12.11
CA ILE B 324 -23.97 22.11 -13.54
C ILE B 324 -23.80 23.58 -13.94
N ASP B 325 -23.75 24.44 -12.93
CA ASP B 325 -23.60 25.88 -13.11
C ASP B 325 -23.41 26.56 -11.77
N ASN B 326 -22.70 27.68 -11.77
CA ASN B 326 -22.46 28.44 -10.56
C ASN B 326 -22.27 29.90 -10.90
N HIS B 327 -21.68 30.66 -10.00
CA HIS B 327 -21.45 32.07 -10.22
C HIS B 327 -20.42 32.33 -11.32
N ASP B 328 -19.64 31.28 -11.65
CA ASP B 328 -18.58 31.39 -12.65
C ASP B 328 -18.93 30.98 -14.08
N MET B 329 -20.22 30.85 -14.39
CA MET B 329 -20.62 30.45 -15.74
C MET B 329 -22.06 30.84 -16.07
N GLU B 330 -22.38 30.94 -17.37
CA GLU B 330 -23.75 31.26 -17.75
C GLU B 330 -24.66 30.16 -17.20
N ARG B 331 -25.85 30.52 -16.74
CA ARG B 331 -26.79 29.55 -16.18
C ARG B 331 -27.06 28.40 -17.16
N PHE B 332 -27.12 27.17 -16.66
CA PHE B 332 -27.33 26.00 -17.51
C PHE B 332 -28.46 26.11 -18.53
N HIS B 333 -29.61 26.61 -18.07
CA HIS B 333 -30.77 26.74 -18.91
C HIS B 333 -30.77 27.89 -19.93
N ALA B 334 -30.64 27.55 -21.20
CA ALA B 334 -30.70 28.55 -22.25
C ALA B 334 -32.10 29.12 -22.29
N SER B 335 -32.20 30.41 -22.59
CA SER B 335 -33.47 31.12 -22.64
C SER B 335 -34.52 30.47 -23.53
N ASN B 336 -34.12 29.46 -24.29
CA ASN B 336 -35.04 28.80 -25.19
C ASN B 336 -34.82 27.30 -25.35
N ALA B 337 -34.04 26.69 -24.47
CA ALA B 337 -33.77 25.27 -24.60
C ALA B 337 -34.79 24.41 -23.85
N ASN B 338 -35.01 23.20 -24.36
CA ASN B 338 -35.92 22.24 -23.75
C ASN B 338 -35.53 22.10 -22.30
N ARG B 339 -36.46 22.39 -21.40
CA ARG B 339 -36.21 22.33 -19.97
C ARG B 339 -35.88 20.92 -19.47
N ARG B 340 -35.95 19.94 -20.38
CA ARG B 340 -35.66 18.56 -20.06
C ARG B 340 -34.15 18.35 -20.04
N LYS B 341 -33.46 19.07 -20.91
CA LYS B 341 -32.02 19.02 -20.99
C LYS B 341 -31.43 19.35 -19.64
N LEU B 342 -32.12 20.26 -18.92
CA LEU B 342 -31.70 20.68 -17.60
C LEU B 342 -32.13 19.66 -16.56
N GLU B 343 -33.42 19.30 -16.59
CA GLU B 343 -33.99 18.34 -15.68
C GLU B 343 -33.16 17.07 -15.57
N GLN B 344 -32.60 16.64 -16.69
CA GLN B 344 -31.76 15.45 -16.73
C GLN B 344 -30.41 15.71 -16.07
N ALA B 345 -29.88 16.90 -16.29
CA ALA B 345 -28.59 17.29 -15.72
C ALA B 345 -28.65 17.26 -14.20
N LEU B 346 -29.83 17.54 -13.67
CA LEU B 346 -30.08 17.54 -12.23
C LEU B 346 -30.25 16.11 -11.72
N ALA B 347 -31.00 15.32 -12.48
CA ALA B 347 -31.26 13.94 -12.12
C ALA B 347 -29.99 13.10 -12.16
N PHE B 348 -28.99 13.60 -12.87
CA PHE B 348 -27.73 12.90 -13.03
C PHE B 348 -26.74 13.28 -11.94
N THR B 349 -26.67 14.56 -11.63
CA THR B 349 -25.77 15.04 -10.61
C THR B 349 -26.19 14.64 -9.22
N LEU B 350 -27.47 14.84 -8.90
CA LEU B 350 -28.01 14.51 -7.60
C LEU B 350 -27.79 13.04 -7.26
N THR B 351 -27.71 12.21 -8.31
CA THR B 351 -27.55 10.78 -8.17
C THR B 351 -26.15 10.22 -8.30
N SER B 352 -25.16 11.08 -8.51
CA SER B 352 -23.79 10.62 -8.67
C SER B 352 -22.90 10.90 -7.46
N ARG B 353 -21.66 10.42 -7.53
CA ARG B 353 -20.70 10.62 -6.45
C ARG B 353 -20.49 12.10 -6.15
N GLY B 354 -19.70 12.37 -5.11
CA GLY B 354 -19.41 13.74 -4.71
C GLY B 354 -20.53 14.33 -3.86
N VAL B 355 -20.55 15.65 -3.78
CA VAL B 355 -21.56 16.37 -3.02
C VAL B 355 -22.27 17.38 -3.92
N PRO B 356 -23.49 17.06 -4.31
CA PRO B 356 -24.28 17.91 -5.18
C PRO B 356 -24.55 19.31 -4.63
N ALA B 357 -24.25 20.33 -5.43
CA ALA B 357 -24.48 21.73 -5.06
C ALA B 357 -25.40 22.38 -6.08
N ILE B 358 -26.58 22.80 -5.67
CA ILE B 358 -27.56 23.40 -6.55
C ILE B 358 -27.60 24.94 -6.50
N TYR B 359 -27.16 25.61 -7.58
CA TYR B 359 -27.16 27.07 -7.66
C TYR B 359 -28.59 27.63 -7.61
N TYR B 360 -28.82 28.58 -6.70
CA TYR B 360 -30.14 29.19 -6.54
C TYR B 360 -30.76 29.63 -7.86
N GLY B 361 -32.01 29.24 -8.10
CA GLY B 361 -32.68 29.62 -9.35
C GLY B 361 -32.86 28.50 -10.36
N THR B 362 -32.07 27.44 -10.21
CA THR B 362 -32.14 26.29 -11.10
C THR B 362 -33.52 25.65 -11.10
N GLU B 363 -34.20 25.70 -9.97
CA GLU B 363 -35.53 25.13 -9.85
C GLU B 363 -36.59 26.02 -10.48
N GLN B 364 -36.17 27.23 -10.82
CA GLN B 364 -37.04 28.21 -11.44
C GLN B 364 -36.69 28.35 -12.91
N TYR B 365 -35.88 27.42 -13.39
CA TYR B 365 -35.46 27.41 -14.76
C TYR B 365 -34.87 28.75 -15.17
N MET B 366 -33.98 29.26 -14.33
CA MET B 366 -33.34 30.54 -14.58
C MET B 366 -32.34 30.45 -15.72
N SER B 367 -32.23 31.54 -16.45
CA SER B 367 -31.31 31.66 -17.58
C SER B 367 -30.49 32.92 -17.39
N GLY B 368 -29.58 33.18 -18.30
CA GLY B 368 -28.64 34.31 -18.21
C GLY B 368 -27.16 33.89 -18.42
N GLY B 369 -26.36 34.88 -18.87
CA GLY B 369 -24.94 34.68 -19.16
C GLY B 369 -24.01 34.88 -17.98
N THR B 370 -22.79 35.33 -18.25
CA THR B 370 -21.78 35.56 -17.23
C THR B 370 -22.04 36.76 -16.33
N ASP B 371 -21.20 36.85 -15.30
CA ASP B 371 -21.22 37.90 -14.29
C ASP B 371 -21.52 39.28 -14.87
N PRO B 372 -22.61 39.89 -14.44
CA PRO B 372 -23.44 39.35 -13.38
C PRO B 372 -24.82 38.90 -13.85
N ASP B 373 -25.03 38.85 -15.16
CA ASP B 373 -26.29 38.46 -15.74
C ASP B 373 -26.85 37.15 -15.18
N ASN B 374 -25.95 36.35 -14.60
CA ASN B 374 -26.28 35.07 -14.02
C ASN B 374 -26.64 35.13 -12.55
N ARG B 375 -26.50 36.28 -11.91
CA ARG B 375 -26.84 36.43 -10.51
C ARG B 375 -28.06 37.32 -10.37
N ALA B 376 -29.05 37.09 -11.21
CA ALA B 376 -30.27 37.88 -11.17
C ALA B 376 -31.15 37.41 -10.04
N ARG B 377 -32.10 38.25 -9.65
CA ARG B 377 -32.98 37.88 -8.57
C ARG B 377 -33.88 36.73 -8.96
N ILE B 378 -34.03 35.79 -8.02
CA ILE B 378 -34.87 34.61 -8.20
C ILE B 378 -36.28 35.07 -8.55
N PRO B 379 -36.82 34.51 -9.62
CA PRO B 379 -38.15 34.87 -10.10
C PRO B 379 -39.31 34.47 -9.20
N SER B 380 -39.43 33.18 -8.93
CA SER B 380 -40.53 32.71 -8.12
C SER B 380 -40.12 31.69 -7.08
N PHE B 381 -41.00 31.52 -6.11
CA PHE B 381 -40.79 30.56 -5.05
C PHE B 381 -41.78 29.43 -5.27
N SER B 382 -42.13 29.26 -6.55
CA SER B 382 -43.07 28.23 -6.97
C SER B 382 -42.53 26.85 -6.64
N THR B 383 -43.43 25.98 -6.19
CA THR B 383 -43.05 24.63 -5.83
C THR B 383 -43.75 23.60 -6.71
N SER B 384 -44.12 24.02 -7.93
CA SER B 384 -44.82 23.15 -8.85
C SER B 384 -44.07 22.83 -10.15
N THR B 385 -42.93 23.46 -10.35
CA THR B 385 -42.14 23.23 -11.56
C THR B 385 -41.50 21.85 -11.51
N THR B 386 -41.32 21.24 -12.68
CA THR B 386 -40.73 19.92 -12.76
C THR B 386 -39.40 19.83 -12.02
N ALA B 387 -38.51 20.79 -12.29
CA ALA B 387 -37.20 20.81 -11.66
C ALA B 387 -37.28 20.85 -10.13
N TYR B 388 -38.33 21.46 -9.59
CA TYR B 388 -38.50 21.52 -8.16
C TYR B 388 -38.89 20.14 -7.65
N GLN B 389 -39.79 19.50 -8.37
CA GLN B 389 -40.22 18.17 -8.02
C GLN B 389 -39.07 17.19 -8.13
N VAL B 390 -38.29 17.30 -9.22
CA VAL B 390 -37.15 16.44 -9.45
C VAL B 390 -36.19 16.45 -8.27
N ILE B 391 -35.81 17.65 -7.84
CA ILE B 391 -34.90 17.83 -6.73
C ILE B 391 -35.51 17.31 -5.43
N GLN B 392 -36.84 17.40 -5.38
CA GLN B 392 -37.63 17.00 -4.23
C GLN B 392 -37.67 15.51 -3.96
N LYS B 393 -37.72 14.72 -5.04
CA LYS B 393 -37.77 13.28 -4.93
C LYS B 393 -36.42 12.60 -5.07
N LEU B 394 -35.45 13.31 -5.61
CA LEU B 394 -34.14 12.75 -5.82
C LEU B 394 -33.14 13.09 -4.74
N ALA B 395 -33.34 14.23 -4.11
CA ALA B 395 -32.45 14.66 -3.05
C ALA B 395 -32.40 13.65 -1.91
N PRO B 396 -33.54 13.41 -1.31
CA PRO B 396 -33.67 12.48 -0.19
C PRO B 396 -33.00 11.11 -0.33
N LEU B 397 -32.81 10.63 -1.57
CA LEU B 397 -32.19 9.32 -1.79
C LEU B 397 -30.75 9.21 -1.29
N ARG B 398 -30.11 10.36 -1.05
CA ARG B 398 -28.73 10.38 -0.59
C ARG B 398 -28.65 10.19 0.92
N LYS B 399 -29.78 10.38 1.59
CA LYS B 399 -29.87 10.25 3.02
C LYS B 399 -30.42 8.87 3.40
N CYS B 400 -31.33 8.38 2.57
CA CYS B 400 -31.98 7.10 2.78
C CYS B 400 -31.20 5.94 2.17
N ASN B 401 -30.57 6.21 1.03
CA ASN B 401 -29.81 5.22 0.28
C ASN B 401 -28.31 5.52 0.27
N PRO B 402 -27.52 4.66 0.92
CA PRO B 402 -26.08 4.83 1.01
C PRO B 402 -25.33 4.64 -0.32
N ALA B 403 -25.93 3.91 -1.24
CA ALA B 403 -25.33 3.65 -2.54
C ALA B 403 -25.14 4.90 -3.37
N ILE B 404 -25.80 5.97 -2.92
CA ILE B 404 -25.72 7.25 -3.59
C ILE B 404 -24.78 8.20 -2.88
N ALA B 405 -24.61 7.96 -1.57
CA ALA B 405 -23.73 8.77 -0.75
C ALA B 405 -22.29 8.29 -0.76
N TYR B 406 -22.10 6.96 -0.78
CA TYR B 406 -20.78 6.34 -0.78
C TYR B 406 -20.64 5.28 -1.85
N GLY B 407 -21.55 5.31 -2.82
CA GLY B 407 -21.59 4.33 -3.88
C GLY B 407 -20.54 4.44 -4.98
N SER B 408 -19.92 3.30 -5.27
CA SER B 408 -18.95 3.23 -6.33
C SER B 408 -19.75 3.26 -7.62
N THR B 409 -19.30 4.03 -8.59
CA THR B 409 -20.02 4.12 -9.84
C THR B 409 -19.57 3.06 -10.84
N GLN B 410 -20.53 2.50 -11.57
CA GLN B 410 -20.23 1.48 -12.57
C GLN B 410 -21.27 1.46 -13.67
N GLU B 411 -20.89 2.01 -14.84
CA GLU B 411 -21.80 2.02 -15.97
C GLU B 411 -22.06 0.59 -16.39
N ARG B 412 -23.29 0.29 -16.79
CA ARG B 412 -23.66 -1.04 -17.21
C ARG B 412 -24.25 -1.13 -18.62
N TRP B 413 -24.72 -0.01 -19.15
CA TRP B 413 -25.32 0.04 -20.48
C TRP B 413 -25.08 1.39 -21.14
N ILE B 414 -24.17 1.44 -22.12
CA ILE B 414 -23.84 2.69 -22.79
C ILE B 414 -23.88 2.62 -24.31
N ASN B 415 -24.15 3.78 -24.90
CA ASN B 415 -24.21 3.99 -26.33
C ASN B 415 -24.07 5.48 -26.58
N ASN B 416 -24.51 6.00 -27.71
CA ASN B 416 -24.35 7.43 -27.95
C ASN B 416 -25.13 8.36 -26.99
N ASP B 417 -26.46 8.24 -26.98
CA ASP B 417 -27.31 9.09 -26.18
C ASP B 417 -27.87 8.47 -24.91
N VAL B 418 -27.58 7.18 -24.70
CA VAL B 418 -28.07 6.46 -23.55
C VAL B 418 -26.93 5.91 -22.72
N LEU B 419 -27.09 6.02 -21.40
CA LEU B 419 -26.12 5.55 -20.42
C LEU B 419 -26.85 5.09 -19.16
N ILE B 420 -26.49 3.91 -18.68
CA ILE B 420 -27.10 3.36 -17.47
C ILE B 420 -26.00 3.07 -16.48
N TYR B 421 -26.01 3.75 -15.33
CA TYR B 421 -24.98 3.56 -14.33
C TYR B 421 -25.48 2.88 -13.07
N GLU B 422 -24.57 2.25 -12.35
CA GLU B 422 -24.93 1.56 -11.14
C GLU B 422 -24.14 2.01 -9.92
N ARG B 423 -24.86 2.39 -8.88
CA ARG B 423 -24.26 2.82 -7.63
C ARG B 423 -24.50 1.73 -6.59
N LYS B 424 -23.47 1.40 -5.80
CA LYS B 424 -23.61 0.35 -4.81
C LYS B 424 -22.74 0.56 -3.58
N PHE B 425 -23.33 0.29 -2.42
CA PHE B 425 -22.66 0.40 -1.15
C PHE B 425 -23.33 -0.56 -0.19
N GLY B 426 -22.61 -1.61 0.18
CA GLY B 426 -23.17 -2.63 1.06
C GLY B 426 -24.27 -3.33 0.29
N SER B 427 -25.35 -3.69 0.98
CA SER B 427 -26.47 -4.35 0.37
C SER B 427 -27.43 -3.35 -0.28
N ASN B 428 -26.89 -2.22 -0.73
CA ASN B 428 -27.71 -1.19 -1.34
C ASN B 428 -27.29 -0.93 -2.77
N VAL B 429 -28.27 -0.59 -3.61
CA VAL B 429 -28.02 -0.31 -5.01
C VAL B 429 -28.87 0.84 -5.53
N ALA B 430 -28.47 1.35 -6.70
CA ALA B 430 -29.17 2.44 -7.36
C ALA B 430 -28.86 2.38 -8.84
N VAL B 431 -29.88 2.30 -9.68
CA VAL B 431 -29.69 2.25 -11.11
C VAL B 431 -30.35 3.41 -11.81
N VAL B 432 -29.55 4.21 -12.53
CA VAL B 432 -30.05 5.37 -13.26
C VAL B 432 -29.90 5.20 -14.76
N ALA B 433 -31.01 5.36 -15.48
CA ALA B 433 -31.05 5.22 -16.91
C ALA B 433 -31.41 6.54 -17.56
N VAL B 434 -30.59 6.98 -18.51
CA VAL B 434 -30.81 8.25 -19.19
C VAL B 434 -30.81 8.12 -20.72
N ASN B 435 -31.41 9.11 -21.38
CA ASN B 435 -31.51 9.15 -22.82
C ASN B 435 -31.53 10.59 -23.31
N ARG B 436 -30.35 11.20 -23.32
CA ARG B 436 -30.18 12.58 -23.74
C ARG B 436 -30.82 12.91 -25.08
N ASN B 437 -31.15 11.88 -25.84
CA ASN B 437 -31.80 12.04 -27.13
C ASN B 437 -33.27 12.35 -26.90
N LEU B 438 -33.57 13.64 -26.70
CA LEU B 438 -34.93 14.10 -26.44
C LEU B 438 -35.94 13.79 -27.54
N ASN B 439 -35.47 13.32 -28.70
CA ASN B 439 -36.35 13.04 -29.82
C ASN B 439 -36.42 11.58 -30.26
N ALA B 440 -36.12 10.65 -29.35
CA ALA B 440 -36.17 9.24 -29.71
C ALA B 440 -35.90 8.27 -28.57
N PRO B 441 -36.74 7.24 -28.50
CA PRO B 441 -36.65 6.21 -27.48
C PRO B 441 -35.52 5.26 -27.82
N ALA B 442 -34.98 4.58 -26.83
CA ALA B 442 -33.90 3.63 -27.03
C ALA B 442 -34.36 2.27 -26.57
N SER B 443 -34.01 1.23 -27.31
CA SER B 443 -34.41 -0.11 -26.94
C SER B 443 -33.33 -0.78 -26.09
N ILE B 444 -33.54 -0.82 -24.78
CA ILE B 444 -32.57 -1.44 -23.89
C ILE B 444 -32.75 -2.94 -23.79
N SER B 445 -31.73 -3.67 -24.26
CA SER B 445 -31.75 -5.12 -24.24
C SER B 445 -30.38 -5.69 -23.85
N GLY B 446 -30.35 -6.45 -22.76
CA GLY B 446 -29.10 -7.04 -22.30
C GLY B 446 -28.61 -6.45 -20.99
N LEU B 447 -29.37 -5.50 -20.45
CA LEU B 447 -29.04 -4.85 -19.21
C LEU B 447 -28.97 -5.85 -18.06
N VAL B 448 -28.00 -5.65 -17.18
CA VAL B 448 -27.79 -6.49 -16.02
C VAL B 448 -27.47 -5.56 -14.86
N THR B 449 -27.88 -5.93 -13.65
CA THR B 449 -27.66 -5.10 -12.48
C THR B 449 -27.46 -5.89 -11.21
N SER B 450 -27.23 -5.18 -10.11
CA SER B 450 -27.02 -5.78 -8.81
C SER B 450 -28.34 -5.98 -8.07
N LEU B 451 -29.42 -5.43 -8.63
CA LEU B 451 -30.74 -5.50 -8.05
C LEU B 451 -31.24 -6.93 -7.89
N PRO B 452 -31.95 -7.16 -6.79
CA PRO B 452 -32.53 -8.47 -6.49
C PRO B 452 -33.71 -8.73 -7.41
N GLN B 453 -34.12 -10.00 -7.52
CA GLN B 453 -35.25 -10.34 -8.38
C GLN B 453 -36.50 -9.59 -7.92
N GLY B 454 -37.25 -9.04 -8.88
CA GLY B 454 -38.46 -8.30 -8.54
C GLY B 454 -38.79 -7.19 -9.54
N SER B 455 -39.78 -6.37 -9.17
CA SER B 455 -40.25 -5.26 -9.96
C SER B 455 -39.82 -3.96 -9.31
N TYR B 456 -39.28 -3.04 -10.11
CA TYR B 456 -38.80 -1.78 -9.59
C TYR B 456 -39.47 -0.56 -10.22
N ASN B 457 -40.43 0.02 -9.52
CA ASN B 457 -41.12 1.21 -9.98
C ASN B 457 -40.14 2.37 -10.01
N ASP B 458 -40.29 3.27 -10.99
CA ASP B 458 -39.43 4.42 -11.15
C ASP B 458 -39.56 5.41 -9.98
N VAL B 459 -38.48 5.61 -9.25
CA VAL B 459 -38.49 6.53 -8.12
C VAL B 459 -39.00 7.90 -8.53
N LEU B 460 -38.73 8.29 -9.78
CA LEU B 460 -39.14 9.59 -10.31
C LEU B 460 -40.63 9.65 -10.67
N GLY B 461 -41.36 8.56 -10.40
CA GLY B 461 -42.79 8.49 -10.70
C GLY B 461 -43.12 8.84 -12.16
N GLY B 462 -42.31 8.30 -13.08
CA GLY B 462 -42.47 8.53 -14.50
C GLY B 462 -42.58 10.02 -14.80
N LEU B 463 -41.92 10.81 -13.97
CA LEU B 463 -41.93 12.27 -14.08
C LEU B 463 -41.03 12.79 -15.19
N LEU B 464 -39.89 12.14 -15.38
CA LEU B 464 -38.96 12.53 -16.43
C LEU B 464 -39.15 11.55 -17.57
N ASN B 465 -40.25 10.80 -17.45
CA ASN B 465 -40.66 9.80 -18.42
C ASN B 465 -40.06 8.42 -18.23
N GLY B 466 -39.63 8.13 -17.01
CA GLY B 466 -39.06 6.84 -16.68
C GLY B 466 -40.10 5.75 -16.76
N ASN B 467 -39.66 4.50 -16.60
CA ASN B 467 -40.51 3.34 -16.67
C ASN B 467 -40.22 2.36 -15.53
N THR B 468 -41.04 1.31 -15.41
CA THR B 468 -40.87 0.29 -14.39
C THR B 468 -39.86 -0.76 -14.85
N LEU B 469 -39.21 -1.45 -13.91
CA LEU B 469 -38.20 -2.44 -14.29
C LEU B 469 -38.37 -3.82 -13.67
N SER B 470 -38.53 -4.83 -14.53
CA SER B 470 -38.67 -6.20 -14.09
C SER B 470 -37.29 -6.86 -14.08
N VAL B 471 -36.90 -7.45 -12.95
CA VAL B 471 -35.60 -8.09 -12.82
C VAL B 471 -35.68 -9.58 -12.52
N GLY B 472 -34.96 -10.38 -13.31
CA GLY B 472 -34.94 -11.82 -13.14
C GLY B 472 -33.79 -12.34 -12.31
N SER B 473 -33.41 -13.59 -12.57
CA SER B 473 -32.33 -14.26 -11.87
C SER B 473 -30.99 -13.88 -12.46
N GLY B 474 -30.02 -13.60 -11.60
CA GLY B 474 -28.71 -13.18 -12.05
C GLY B 474 -28.71 -11.67 -12.19
N GLY B 475 -29.83 -11.10 -11.75
CA GLY B 475 -30.03 -9.66 -11.79
C GLY B 475 -30.11 -9.09 -13.19
N ALA B 476 -30.80 -9.78 -14.10
CA ALA B 476 -30.90 -9.26 -15.46
C ALA B 476 -32.27 -8.64 -15.71
N ALA B 477 -32.28 -7.37 -16.13
CA ALA B 477 -33.52 -6.68 -16.40
C ALA B 477 -34.16 -7.20 -17.69
N SER B 478 -35.47 -7.01 -17.84
CA SER B 478 -36.16 -7.47 -19.02
C SER B 478 -36.03 -6.43 -20.13
N ASN B 479 -36.09 -6.85 -21.38
CA ASN B 479 -36.00 -5.91 -22.48
C ASN B 479 -37.09 -4.85 -22.37
N PHE B 480 -36.68 -3.58 -22.37
CA PHE B 480 -37.62 -2.48 -22.26
C PHE B 480 -37.25 -1.32 -23.19
N THR B 481 -38.16 -0.36 -23.31
CA THR B 481 -37.93 0.81 -24.14
C THR B 481 -37.75 2.03 -23.24
N LEU B 482 -36.74 2.85 -23.57
CA LEU B 482 -36.43 4.05 -22.83
C LEU B 482 -36.93 5.27 -23.59
N ALA B 483 -38.09 5.78 -23.18
CA ALA B 483 -38.72 6.94 -23.80
C ALA B 483 -37.75 8.06 -24.15
N ALA B 484 -38.10 8.84 -25.16
CA ALA B 484 -37.27 9.95 -25.57
C ALA B 484 -36.95 10.84 -24.38
N GLY B 485 -35.66 11.11 -24.18
CA GLY B 485 -35.22 11.95 -23.08
C GLY B 485 -35.69 11.45 -21.71
N GLY B 486 -35.85 10.14 -21.59
CA GLY B 486 -36.29 9.54 -20.34
C GLY B 486 -35.19 9.40 -19.30
N THR B 487 -35.59 9.50 -18.02
CA THR B 487 -34.70 9.38 -16.87
C THR B 487 -35.38 8.55 -15.77
N ALA B 488 -34.87 7.36 -15.51
CA ALA B 488 -35.48 6.50 -14.50
C ALA B 488 -34.52 6.10 -13.38
N VAL B 489 -35.02 6.17 -12.14
CA VAL B 489 -34.23 5.83 -10.96
C VAL B 489 -34.80 4.65 -10.19
N TRP B 490 -34.18 3.49 -10.38
CA TRP B 490 -34.59 2.26 -9.70
C TRP B 490 -33.67 1.99 -8.52
N GLN B 491 -34.23 1.59 -7.38
CA GLN B 491 -33.39 1.34 -6.23
C GLN B 491 -33.80 0.17 -5.35
N TYR B 492 -32.84 -0.30 -4.58
CA TYR B 492 -33.02 -1.38 -3.64
C TYR B 492 -32.27 -1.06 -2.36
N THR B 493 -32.97 -1.06 -1.24
CA THR B 493 -32.37 -0.74 0.03
C THR B 493 -32.48 -1.86 1.07
N ALA B 494 -31.35 -2.25 1.67
CA ALA B 494 -31.35 -3.30 2.68
C ALA B 494 -30.35 -3.01 3.73
N ALA B 495 -30.30 -3.76 4.84
CA ALA B 495 -29.35 -3.54 5.91
C ALA B 495 -28.02 -4.23 5.65
N THR B 496 -26.94 -3.54 6.00
CA THR B 496 -25.58 -4.04 5.84
C THR B 496 -25.12 -4.72 7.13
N ALA B 497 -24.74 -6.01 7.06
CA ALA B 497 -24.30 -6.76 8.24
C ALA B 497 -22.84 -6.52 8.62
N THR B 498 -21.93 -6.76 7.67
CA THR B 498 -20.51 -6.55 7.90
C THR B 498 -20.27 -5.06 7.94
N PRO B 499 -19.22 -4.62 8.62
CA PRO B 499 -18.90 -3.21 8.72
C PRO B 499 -18.37 -2.67 7.40
N THR B 500 -18.97 -1.58 6.92
CA THR B 500 -18.60 -0.94 5.66
C THR B 500 -18.37 0.56 5.82
N ILE B 501 -17.12 1.01 5.63
CA ILE B 501 -16.75 2.41 5.74
C ILE B 501 -17.12 3.19 4.48
N GLY B 502 -17.86 4.29 4.64
CA GLY B 502 -18.28 5.11 3.52
C GLY B 502 -17.70 6.53 3.49
N HIS B 503 -17.00 6.95 4.55
CA HIS B 503 -16.44 8.30 4.59
C HIS B 503 -15.68 8.61 5.87
N VAL B 504 -14.57 9.32 5.72
CA VAL B 504 -13.74 9.74 6.83
C VAL B 504 -13.51 11.25 6.77
N GLY B 505 -13.28 11.85 7.93
CA GLY B 505 -13.05 13.27 8.03
C GLY B 505 -12.86 13.66 9.48
N PRO B 506 -11.97 14.61 9.70
CA PRO B 506 -11.24 15.25 8.63
C PRO B 506 -10.10 14.36 8.18
N MET B 507 -9.68 14.51 6.92
CA MET B 507 -8.60 13.71 6.37
C MET B 507 -7.21 14.11 6.83
N MET B 508 -7.08 15.19 7.60
CA MET B 508 -5.78 15.65 8.08
C MET B 508 -5.84 16.33 9.45
N ALA B 509 -4.99 15.90 10.37
CA ALA B 509 -4.95 16.48 11.72
C ALA B 509 -3.91 15.86 12.64
N LYS B 510 -3.67 16.51 13.78
CA LYS B 510 -2.71 16.04 14.77
C LYS B 510 -3.36 15.05 15.73
N PRO B 511 -2.53 14.24 16.38
CA PRO B 511 -3.02 13.25 17.33
C PRO B 511 -3.87 13.89 18.41
N GLY B 512 -4.95 13.22 18.82
CA GLY B 512 -5.82 13.75 19.85
C GLY B 512 -7.12 14.29 19.29
N VAL B 513 -7.07 14.81 18.06
CA VAL B 513 -8.25 15.35 17.41
C VAL B 513 -9.22 14.23 17.04
N THR B 514 -10.50 14.46 17.25
CA THR B 514 -11.51 13.47 16.94
C THR B 514 -11.96 13.51 15.49
N ILE B 515 -11.97 12.34 14.85
CA ILE B 515 -12.41 12.23 13.47
C ILE B 515 -13.66 11.38 13.38
N THR B 516 -14.59 11.76 12.51
CA THR B 516 -15.82 11.02 12.33
C THR B 516 -15.69 9.98 11.21
N ILE B 517 -16.04 8.73 11.53
CA ILE B 517 -15.99 7.62 10.61
C ILE B 517 -17.42 7.23 10.28
N ASP B 518 -17.79 7.37 9.00
CA ASP B 518 -19.15 7.06 8.56
C ASP B 518 -19.21 5.78 7.75
N GLY B 519 -20.33 5.07 7.85
CA GLY B 519 -20.51 3.83 7.12
C GLY B 519 -21.73 3.06 7.65
N ARG B 520 -21.77 1.77 7.36
CA ARG B 520 -22.88 0.95 7.81
C ARG B 520 -22.41 -0.40 8.30
N GLY B 521 -23.09 -0.97 9.29
CA GLY B 521 -22.70 -2.26 9.82
C GLY B 521 -21.52 -2.19 10.76
N PHE B 522 -21.32 -1.02 11.37
CA PHE B 522 -20.24 -0.83 12.30
C PHE B 522 -20.52 -1.56 13.62
N GLY B 523 -21.77 -1.98 13.77
CA GLY B 523 -22.19 -2.68 14.97
C GLY B 523 -22.68 -1.67 15.99
N SER B 524 -23.71 -2.04 16.73
CA SER B 524 -24.27 -1.17 17.74
C SER B 524 -23.39 -1.06 18.97
N SER B 525 -22.36 -1.91 19.04
CA SER B 525 -21.44 -1.93 20.17
C SER B 525 -20.00 -1.62 19.79
N LYS B 526 -19.28 -0.99 20.72
CA LYS B 526 -17.89 -0.60 20.54
C LYS B 526 -16.99 -1.74 20.06
N GLY B 527 -16.11 -1.41 19.13
CA GLY B 527 -15.16 -2.36 18.58
C GLY B 527 -13.75 -1.79 18.59
N THR B 528 -13.03 -1.95 17.48
CA THR B 528 -11.66 -1.46 17.35
C THR B 528 -11.47 -0.65 16.07
N VAL B 529 -10.68 0.42 16.17
CA VAL B 529 -10.33 1.27 15.05
C VAL B 529 -8.87 1.02 14.72
N TYR B 530 -8.51 1.12 13.44
CA TYR B 530 -7.13 0.90 13.07
C TYR B 530 -6.54 2.05 12.27
N PHE B 531 -5.38 2.53 12.72
CA PHE B 531 -4.66 3.59 12.05
C PHE B 531 -3.38 2.95 11.54
N GLY B 532 -3.55 2.04 10.58
CA GLY B 532 -2.45 1.28 10.04
C GLY B 532 -2.43 -0.03 10.81
N THR B 533 -1.41 -0.22 11.65
CA THR B 533 -1.31 -1.41 12.46
C THR B 533 -1.63 -1.07 13.90
N THR B 534 -1.75 0.24 14.18
CA THR B 534 -2.06 0.69 15.52
C THR B 534 -3.54 0.62 15.80
N ALA B 535 -3.91 -0.09 16.87
CA ALA B 535 -5.30 -0.25 17.24
C ALA B 535 -5.70 0.59 18.44
N VAL B 536 -6.90 1.18 18.37
CA VAL B 536 -7.44 2.00 19.42
C VAL B 536 -8.75 1.40 19.94
N SER B 537 -8.96 1.45 21.24
CA SER B 537 -10.16 0.89 21.82
C SER B 537 -10.64 1.61 23.08
N GLY B 538 -11.83 1.26 23.53
CA GLY B 538 -12.40 1.87 24.71
C GLY B 538 -12.38 3.39 24.65
N ALA B 539 -12.21 4.02 25.81
CA ALA B 539 -12.18 5.46 26.02
C ALA B 539 -11.83 6.37 24.84
N ASP B 540 -10.81 5.99 24.06
CA ASP B 540 -10.39 6.79 22.91
C ASP B 540 -11.42 6.92 21.81
N ILE B 541 -12.34 5.96 21.78
CA ILE B 541 -13.42 5.90 20.82
C ILE B 541 -14.65 6.55 21.44
N THR B 542 -14.64 7.87 21.53
CA THR B 542 -15.72 8.64 22.15
C THR B 542 -17.16 8.36 21.74
N SER B 543 -17.37 7.73 20.59
CA SER B 543 -18.71 7.43 20.10
C SER B 543 -18.73 6.28 19.09
N TRP B 544 -19.62 5.31 19.31
CA TRP B 544 -19.74 4.17 18.43
C TRP B 544 -21.19 3.80 18.14
N GLU B 545 -21.64 4.11 16.92
CA GLU B 545 -22.99 3.81 16.47
C GLU B 545 -22.87 2.88 15.28
N ASP B 546 -24.01 2.46 14.73
CA ASP B 546 -24.00 1.60 13.57
C ASP B 546 -23.44 2.37 12.38
N THR B 547 -23.96 3.59 12.19
CA THR B 547 -23.57 4.45 11.08
C THR B 547 -22.39 5.40 11.30
N GLN B 548 -22.21 5.92 12.51
CA GLN B 548 -21.12 6.84 12.80
C GLN B 548 -20.12 6.32 13.83
N ILE B 549 -18.98 6.99 13.95
CA ILE B 549 -17.91 6.64 14.87
C ILE B 549 -17.00 7.84 15.13
N LYS B 550 -16.77 8.19 16.39
CA LYS B 550 -15.91 9.30 16.73
C LYS B 550 -14.70 8.80 17.52
N VAL B 551 -13.52 8.91 16.90
CA VAL B 551 -12.26 8.44 17.49
C VAL B 551 -11.17 9.50 17.57
N LYS B 552 -10.40 9.44 18.66
CA LYS B 552 -9.29 10.36 18.88
C LYS B 552 -8.02 9.75 18.29
N ILE B 553 -7.37 10.49 17.37
CA ILE B 553 -6.16 10.05 16.69
C ILE B 553 -5.07 9.58 17.66
N PRO B 554 -4.56 8.37 17.44
CA PRO B 554 -3.48 7.82 18.24
C PRO B 554 -2.26 8.74 18.15
N ALA B 555 -1.45 8.75 19.20
CA ALA B 555 -0.25 9.56 19.21
C ALA B 555 0.83 8.85 18.42
N VAL B 556 0.55 8.61 17.14
CA VAL B 556 1.48 7.93 16.27
C VAL B 556 2.44 8.93 15.64
N ALA B 557 3.24 8.46 14.69
CA ALA B 557 4.18 9.33 14.00
C ALA B 557 3.53 9.98 12.80
N GLY B 558 3.88 11.23 12.53
CA GLY B 558 3.32 11.93 11.40
C GLY B 558 3.59 11.13 10.13
N GLY B 559 2.56 10.93 9.33
CA GLY B 559 2.70 10.17 8.10
C GLY B 559 1.34 9.85 7.51
N ASN B 560 1.33 8.94 6.53
CA ASN B 560 0.10 8.53 5.89
C ASN B 560 -0.32 7.15 6.38
N TYR B 561 -1.58 7.04 6.80
CA TYR B 561 -2.09 5.79 7.33
C TYR B 561 -3.37 5.28 6.71
N ASN B 562 -3.56 3.97 6.78
CA ASN B 562 -4.73 3.30 6.26
C ASN B 562 -5.73 2.99 7.36
N ILE B 563 -6.75 3.83 7.48
CA ILE B 563 -7.77 3.63 8.51
C ILE B 563 -8.76 2.53 8.15
N LYS B 564 -9.16 1.77 9.18
CA LYS B 564 -10.10 0.68 9.04
C LYS B 564 -10.79 0.42 10.38
N VAL B 565 -11.82 -0.42 10.39
CA VAL B 565 -12.53 -0.74 11.62
C VAL B 565 -12.79 -2.23 11.75
N ALA B 566 -13.62 -2.58 12.72
CA ALA B 566 -13.97 -3.96 12.98
C ALA B 566 -15.00 -3.99 14.09
N ASN B 567 -16.09 -4.71 13.89
CA ASN B 567 -17.12 -4.79 14.91
C ASN B 567 -16.53 -5.37 16.19
N ALA B 568 -17.33 -5.40 17.25
CA ALA B 568 -16.86 -5.94 18.52
C ALA B 568 -16.67 -7.45 18.44
N ALA B 569 -16.65 -7.97 17.21
CA ALA B 569 -16.49 -9.41 16.98
C ALA B 569 -15.17 -9.79 16.35
N GLY B 570 -14.57 -8.85 15.61
CA GLY B 570 -13.31 -9.11 14.95
C GLY B 570 -13.41 -8.80 13.46
N THR B 571 -14.61 -9.01 12.91
CA THR B 571 -14.86 -8.76 11.50
C THR B 571 -14.39 -7.37 11.10
N ALA B 572 -13.28 -7.33 10.38
CA ALA B 572 -12.70 -6.08 9.92
C ALA B 572 -13.49 -5.52 8.75
N SER B 573 -13.24 -4.26 8.42
CA SER B 573 -13.93 -3.61 7.32
C SER B 573 -13.05 -3.40 6.09
N ASN B 574 -13.55 -2.57 5.18
CA ASN B 574 -12.80 -2.23 4.00
C ASN B 574 -11.87 -1.13 4.44
N VAL B 575 -10.74 -0.98 3.75
CA VAL B 575 -9.78 0.03 4.12
C VAL B 575 -10.03 1.39 3.47
N TYR B 576 -9.74 2.45 4.22
CA TYR B 576 -9.88 3.82 3.81
C TYR B 576 -8.47 4.38 3.88
N ASP B 577 -7.90 4.73 2.73
CA ASP B 577 -6.52 5.18 2.72
C ASP B 577 -6.33 6.68 2.54
N ASN B 578 -5.07 7.14 2.66
CA ASN B 578 -4.72 8.54 2.48
C ASN B 578 -4.87 9.46 3.69
N PHE B 579 -5.28 8.91 4.81
CA PHE B 579 -5.45 9.73 5.99
C PHE B 579 -4.11 10.24 6.49
N GLU B 580 -3.94 11.56 6.47
CA GLU B 580 -2.70 12.16 6.91
C GLU B 580 -2.68 12.58 8.37
N VAL B 581 -1.71 12.04 9.10
CA VAL B 581 -1.52 12.36 10.50
C VAL B 581 -0.47 13.45 10.59
N LEU B 582 -0.83 14.58 11.19
CA LEU B 582 0.08 15.69 11.32
C LEU B 582 1.02 15.46 12.52
N SER B 583 2.12 16.19 12.56
CA SER B 583 3.07 16.08 13.65
C SER B 583 2.78 17.19 14.65
N GLY B 584 1.48 17.43 14.84
CA GLY B 584 1.01 18.48 15.74
C GLY B 584 0.52 19.68 14.93
N ASP B 585 0.45 20.83 15.59
CA ASP B 585 0.02 22.06 14.98
C ASP B 585 0.92 22.46 13.81
N GLN B 586 0.71 23.64 13.21
CA GLN B 586 1.53 24.07 12.06
C GLN B 586 1.71 25.59 11.87
N VAL B 587 2.68 25.98 11.04
CA VAL B 587 2.99 27.36 10.71
C VAL B 587 3.53 27.43 9.28
N SER B 588 3.18 28.48 8.53
CA SER B 588 3.67 28.61 7.17
C SER B 588 5.05 29.24 7.18
N VAL B 589 6.06 28.51 6.72
CA VAL B 589 7.43 29.02 6.70
C VAL B 589 7.99 29.05 5.28
N ARG B 590 8.67 30.14 4.94
CA ARG B 590 9.26 30.28 3.61
C ARG B 590 10.70 29.78 3.53
N PHE B 591 10.90 28.74 2.73
CA PHE B 591 12.22 28.18 2.54
C PHE B 591 12.83 28.79 1.30
N VAL B 592 14.05 29.33 1.42
CA VAL B 592 14.73 29.95 0.29
C VAL B 592 16.15 29.44 0.12
N VAL B 593 16.45 28.90 -1.06
CA VAL B 593 17.78 28.40 -1.36
C VAL B 593 18.46 29.35 -2.33
N ASN B 594 19.71 29.71 -2.05
CA ASN B 594 20.45 30.60 -2.91
C ASN B 594 21.54 29.86 -3.68
N ASN B 595 21.79 30.29 -4.90
CA ASN B 595 22.82 29.69 -5.73
C ASN B 595 22.60 28.21 -5.98
N ALA B 596 21.45 27.89 -6.56
CA ALA B 596 21.09 26.51 -6.87
C ALA B 596 20.71 26.40 -8.34
N THR B 597 21.71 26.54 -9.20
CA THR B 597 21.51 26.48 -10.64
C THR B 597 21.13 25.10 -11.13
N THR B 598 20.35 25.05 -12.20
CA THR B 598 19.94 23.81 -12.82
C THR B 598 20.55 23.77 -14.20
N ALA B 599 19.87 23.05 -15.08
CA ALA B 599 20.22 22.93 -16.48
C ALA B 599 18.83 22.67 -17.01
N LEU B 600 18.54 22.61 -18.29
CA LEU B 600 17.14 22.39 -18.69
C LEU B 600 16.34 21.25 -18.02
N GLY B 601 15.09 21.55 -17.67
CA GLY B 601 14.16 20.62 -17.05
C GLY B 601 14.45 20.21 -15.61
N GLN B 602 15.67 20.45 -15.14
CA GLN B 602 16.05 20.09 -13.80
C GLN B 602 15.52 21.08 -12.78
N ASN B 603 14.77 20.60 -11.80
CA ASN B 603 14.20 21.47 -10.78
C ASN B 603 14.68 21.17 -9.37
N VAL B 604 14.63 22.18 -8.52
CA VAL B 604 15.04 22.03 -7.13
C VAL B 604 13.83 21.63 -6.31
N TYR B 605 14.04 20.81 -5.26
CA TYR B 605 12.96 20.36 -4.40
C TYR B 605 13.34 20.53 -2.93
N LEU B 606 12.43 20.17 -2.01
CA LEU B 606 12.72 20.31 -0.58
C LEU B 606 12.16 19.16 0.27
N THR B 607 13.03 18.50 1.01
CA THR B 607 12.66 17.38 1.88
C THR B 607 13.11 17.65 3.32
N GLY B 608 12.76 16.78 4.27
CA GLY B 608 13.17 17.01 5.66
C GLY B 608 13.05 15.82 6.60
N SER B 609 13.20 16.10 7.90
CA SER B 609 13.14 15.11 8.97
C SER B 609 11.75 14.95 9.58
N VAL B 610 10.80 15.73 9.07
CA VAL B 610 9.42 15.67 9.55
C VAL B 610 8.52 15.24 8.41
N SER B 611 7.57 14.37 8.71
CA SER B 611 6.64 13.86 7.70
C SER B 611 5.99 14.94 6.86
N GLU B 612 6.00 16.17 7.37
CA GLU B 612 5.39 17.30 6.66
C GLU B 612 6.26 17.77 5.50
N LEU B 613 7.54 17.41 5.56
CA LEU B 613 8.52 17.78 4.56
C LEU B 613 8.84 16.63 3.61
N GLY B 614 8.52 15.40 4.04
CA GLY B 614 8.77 14.23 3.21
C GLY B 614 9.58 13.11 3.88
N ASN B 615 10.11 13.37 5.07
CA ASN B 615 10.89 12.36 5.77
C ASN B 615 12.04 11.84 4.90
N ALA B 616 12.61 12.77 4.13
CA ALA B 616 13.73 12.48 3.26
C ALA B 616 13.41 11.65 2.02
N ASP B 617 12.13 11.34 1.81
CA ASP B 617 11.79 10.57 0.64
C ASP B 617 11.81 11.45 -0.60
N PRO B 618 12.77 11.21 -1.48
CA PRO B 618 12.90 11.97 -2.70
C PRO B 618 11.58 12.01 -3.47
N ALA B 619 10.72 11.03 -3.17
CA ALA B 619 9.43 10.92 -3.82
C ALA B 619 8.36 11.76 -3.16
N LYS B 620 8.50 11.96 -1.85
CA LYS B 620 7.56 12.73 -1.07
C LYS B 620 8.05 14.16 -0.85
N ALA B 621 9.05 14.56 -1.64
CA ALA B 621 9.66 15.88 -1.56
C ALA B 621 8.73 17.00 -2.02
N ILE B 622 8.95 18.19 -1.48
CA ILE B 622 8.14 19.35 -1.81
C ILE B 622 8.76 20.19 -2.92
N GLY B 623 8.02 20.36 -4.01
CA GLY B 623 8.46 21.11 -5.16
C GLY B 623 7.64 20.81 -6.39
N PRO B 624 8.09 21.35 -7.53
CA PRO B 624 9.27 22.18 -7.59
C PRO B 624 9.09 23.50 -6.86
N MET B 625 10.21 24.13 -6.51
CA MET B 625 10.19 25.40 -5.84
C MET B 625 9.99 26.51 -6.87
N TYR B 626 9.38 27.60 -6.45
CA TYR B 626 9.13 28.72 -7.33
C TYR B 626 10.39 29.55 -7.48
N ASN B 627 10.43 30.42 -8.49
CA ASN B 627 11.60 31.25 -8.73
C ASN B 627 11.37 32.40 -9.70
N GLN B 628 10.13 32.87 -9.85
CA GLN B 628 9.87 33.94 -10.80
C GLN B 628 9.62 35.32 -10.21
N VAL B 629 8.69 35.39 -9.26
CA VAL B 629 8.29 36.64 -8.63
C VAL B 629 9.16 37.10 -7.47
N VAL B 630 8.80 36.63 -6.27
CA VAL B 630 9.50 36.98 -5.05
C VAL B 630 11.02 36.97 -5.15
N TYR B 631 11.57 35.82 -5.53
CA TYR B 631 12.99 35.63 -5.71
C TYR B 631 13.22 35.14 -7.12
N GLN B 632 14.38 35.46 -7.70
CA GLN B 632 14.66 35.03 -9.06
C GLN B 632 15.80 34.03 -9.16
N TYR B 633 15.71 33.17 -10.17
CA TYR B 633 16.74 32.18 -10.44
C TYR B 633 18.08 32.88 -10.55
N PRO B 634 19.14 32.22 -10.11
CA PRO B 634 19.09 30.88 -9.58
C PRO B 634 18.68 30.84 -8.12
N ASN B 635 17.57 31.48 -7.79
CA ASN B 635 17.08 31.51 -6.41
C ASN B 635 15.70 30.89 -6.31
N TRP B 636 15.53 29.97 -5.37
CA TRP B 636 14.29 29.26 -5.20
C TRP B 636 13.66 29.42 -3.82
N TYR B 637 12.34 29.58 -3.81
CA TYR B 637 11.58 29.74 -2.59
C TYR B 637 10.29 28.96 -2.60
N TYR B 638 9.81 28.63 -1.42
CA TYR B 638 8.57 27.89 -1.27
C TYR B 638 8.03 28.04 0.13
N ASP B 639 6.72 28.10 0.26
CA ASP B 639 6.08 28.21 1.55
C ASP B 639 5.53 26.84 1.92
N VAL B 640 6.03 26.27 3.01
CA VAL B 640 5.59 24.95 3.41
C VAL B 640 4.99 24.94 4.80
N SER B 641 4.11 23.97 5.05
CA SER B 641 3.47 23.82 6.36
C SER B 641 4.30 22.88 7.23
N VAL B 642 4.97 23.43 8.24
CA VAL B 642 5.79 22.63 9.13
C VAL B 642 5.19 22.53 10.54
N PRO B 643 5.69 21.59 11.32
CA PRO B 643 5.22 21.42 12.68
C PRO B 643 5.72 22.57 13.52
N ALA B 644 4.79 23.28 14.17
CA ALA B 644 5.15 24.42 14.99
C ALA B 644 6.06 24.08 16.16
N GLY B 645 7.05 24.93 16.39
CA GLY B 645 7.99 24.75 17.49
C GLY B 645 8.95 23.59 17.31
N LYS B 646 8.78 22.84 16.23
CA LYS B 646 9.62 21.68 15.94
C LYS B 646 10.99 22.08 15.41
N THR B 647 11.98 21.23 15.70
CA THR B 647 13.34 21.45 15.24
C THR B 647 13.55 20.54 14.05
N ILE B 648 13.50 21.11 12.85
CA ILE B 648 13.65 20.35 11.63
C ILE B 648 15.02 20.44 10.98
N GLU B 649 15.31 19.44 10.15
CA GLU B 649 16.53 19.31 9.39
C GLU B 649 16.12 19.06 7.97
N PHE B 650 16.39 20.01 7.08
CA PHE B 650 16.01 19.88 5.70
C PHE B 650 17.21 19.77 4.79
N LYS B 651 16.94 19.72 3.49
CA LYS B 651 17.95 19.62 2.49
C LYS B 651 17.33 19.95 1.16
N PHE B 652 18.10 19.79 0.10
CA PHE B 652 17.60 20.06 -1.22
C PHE B 652 18.06 19.01 -2.20
N LEU B 653 17.44 19.01 -3.36
CA LEU B 653 17.76 18.07 -4.40
C LEU B 653 17.26 18.63 -5.70
N LYS B 654 17.66 18.02 -6.81
CA LYS B 654 17.22 18.46 -8.11
C LYS B 654 16.78 17.27 -8.93
N LYS B 655 15.49 17.18 -9.21
CA LYS B 655 14.99 16.07 -10.00
C LYS B 655 15.07 16.37 -11.49
N GLN B 656 15.81 15.56 -12.23
CA GLN B 656 15.91 15.75 -13.67
C GLN B 656 14.81 14.93 -14.33
N GLY B 657 14.70 13.70 -13.87
CA GLY B 657 13.70 12.77 -14.31
C GLY B 657 13.24 12.15 -13.01
N SER B 658 13.46 10.86 -12.89
CA SER B 658 13.17 10.15 -11.66
C SER B 658 14.51 10.13 -10.97
N THR B 659 15.47 10.76 -11.67
CA THR B 659 16.85 10.89 -11.26
C THR B 659 17.02 12.10 -10.36
N VAL B 660 17.04 11.88 -9.04
CA VAL B 660 17.21 12.97 -8.10
C VAL B 660 18.70 13.20 -7.86
N THR B 661 19.06 14.46 -7.64
CA THR B 661 20.43 14.84 -7.37
C THR B 661 20.44 15.55 -6.03
N TRP B 662 20.90 14.84 -5.02
CA TRP B 662 20.98 15.37 -3.67
C TRP B 662 21.86 16.60 -3.56
N GLU B 663 21.75 17.27 -2.42
CA GLU B 663 22.56 18.43 -2.12
C GLU B 663 23.71 17.95 -1.26
N GLY B 664 24.94 18.26 -1.67
CA GLY B 664 26.10 17.81 -0.94
C GLY B 664 26.12 18.24 0.52
N GLY B 665 27.13 17.78 1.25
CA GLY B 665 27.32 18.12 2.64
C GLY B 665 26.33 17.47 3.60
N SER B 666 26.07 18.16 4.71
CA SER B 666 25.16 17.70 5.73
C SER B 666 23.86 18.49 5.73
N ASN B 667 22.89 18.05 6.54
CA ASN B 667 21.59 18.69 6.62
C ASN B 667 21.62 20.12 7.19
N HIS B 668 20.84 21.02 6.57
CA HIS B 668 20.71 22.40 7.03
C HIS B 668 19.84 22.27 8.29
N THR B 669 19.72 23.28 9.14
CA THR B 669 18.89 23.13 10.34
C THR B 669 18.17 24.42 10.76
N PHE B 670 16.89 24.29 11.13
CA PHE B 670 16.10 25.44 11.58
C PHE B 670 15.08 25.04 12.64
N THR B 671 14.64 26.00 13.46
CA THR B 671 13.66 25.70 14.49
C THR B 671 12.40 26.49 14.28
N ALA B 672 11.40 25.84 13.72
CA ALA B 672 10.12 26.45 13.43
C ALA B 672 9.56 27.25 14.61
N PRO B 673 8.77 28.26 14.26
CA PRO B 673 8.16 29.14 15.24
C PRO B 673 7.00 28.48 15.96
N SER B 674 6.56 29.09 17.07
CA SER B 674 5.44 28.59 17.85
C SER B 674 4.12 29.01 17.24
N SER B 675 4.19 30.11 16.49
CA SER B 675 3.05 30.70 15.79
C SER B 675 3.57 31.65 14.73
N GLY B 676 2.68 32.33 14.03
CA GLY B 676 3.09 33.26 12.99
C GLY B 676 3.93 32.59 11.92
N THR B 677 4.53 33.40 11.03
CA THR B 677 5.35 32.89 9.94
C THR B 677 6.86 33.01 10.18
N ALA B 678 7.64 32.38 9.31
CA ALA B 678 9.09 32.41 9.41
C ALA B 678 9.72 32.27 8.05
N THR B 679 10.96 32.79 7.91
CA THR B 679 11.68 32.72 6.65
C THR B 679 13.12 32.25 6.82
N ILE B 680 13.47 31.14 6.18
CA ILE B 680 14.81 30.58 6.24
C ILE B 680 15.56 30.82 4.94
N ASN B 681 16.67 31.51 5.04
CA ASN B 681 17.52 31.82 3.91
C ASN B 681 18.85 31.11 4.03
N VAL B 682 19.01 29.99 3.33
CA VAL B 682 20.26 29.24 3.38
C VAL B 682 20.95 29.28 2.03
N ASN B 683 21.97 28.44 1.85
CA ASN B 683 22.69 28.40 0.59
C ASN B 683 22.87 26.99 0.06
N TRP B 684 22.75 26.82 -1.25
CA TRP B 684 22.93 25.50 -1.83
C TRP B 684 24.35 25.05 -1.52
N GLN B 685 24.48 23.83 -0.99
CA GLN B 685 25.79 23.31 -0.65
C GLN B 685 26.24 22.28 -1.68
N PRO B 686 27.09 22.70 -2.61
CA PRO B 686 27.61 21.83 -3.65
C PRO B 686 28.14 20.50 -3.12
#